data_6ECF
#
_entry.id   6ECF
#
_cell.length_a   76.996
_cell.length_b   77.129
_cell.length_c   90.329
_cell.angle_alpha   91.768
_cell.angle_beta   114.886
_cell.angle_gamma   117.938
#
_symmetry.space_group_name_H-M   'P 1'
#
loop_
_entity.id
_entity.type
_entity.pdbx_description
1 polymer Vlm2
2 polymer dodecadepsipeptide
3 water water
#
loop_
_entity_poly.entity_id
_entity_poly.type
_entity_poly.pdbx_seq_one_letter_code
_entity_poly.pdbx_strand_id
1 'polypeptide(L)'
;MHHHHHHHHENLYFQGGSSTAGDPTAKLVRLNPRGGDGPGIVFAPPAGGTVLGYIELARHLKGFGEIHGVEAPGLGAGET
PVYPSFEEMVQFCSDSAAGVAGDGVYIGGH(DPP)LGGHIAFYLATMLLDRGIRPKGLIILDTPPRLGDIPVADADLTEE
ETKVFILAMGIGGMLDQDRDALKDLPYEEAKQLLLDRAKNDPRVSAFLSEDYLDRFLRLQMHQLMYSRDVVLPQRKLDIP
IHVFRTKNHAPEVARLFSAWENYAAGEVTFVDIPGDHATMLRAPHVSEVAQLLDRHCGLPSDDGPRG
;
A,B,C,D,E,F
2 'polypeptide(L)' (VAD)(DVA)(2OP)V(VAD)(DVA)(2OP)V(VAD)(DVA)(2OP)V G,I,H,K,J,L
#
# COMPACT_ATOMS: atom_id res chain seq x y z
N ASP A 23 32.78 10.87 41.19
CA ASP A 23 31.68 11.75 41.57
C ASP A 23 30.43 11.47 40.72
N PRO A 24 29.46 10.72 41.29
CA PRO A 24 28.27 10.38 40.50
C PRO A 24 27.51 11.59 39.98
N THR A 25 27.47 12.69 40.72
CA THR A 25 26.69 13.85 40.29
C THR A 25 27.24 14.46 39.01
N ALA A 26 28.54 14.29 38.74
CA ALA A 26 29.14 14.86 37.54
C ALA A 26 28.62 14.22 36.26
N LYS A 27 27.94 13.08 36.34
CA LYS A 27 27.43 12.39 35.17
C LYS A 27 25.93 12.63 34.96
N LEU A 28 25.33 13.55 35.69
CA LEU A 28 23.93 13.94 35.47
C LEU A 28 23.92 14.96 34.34
N VAL A 29 23.54 14.51 33.15
CA VAL A 29 23.56 15.35 31.95
C VAL A 29 22.21 16.02 31.80
N ARG A 30 22.21 17.33 31.60
CA ARG A 30 20.99 18.05 31.25
C ARG A 30 20.79 17.91 29.74
N LEU A 31 19.72 17.21 29.35
CA LEU A 31 19.43 16.98 27.94
C LEU A 31 18.63 18.10 27.30
N ASN A 32 17.80 18.78 28.08
CA ASN A 32 16.98 19.87 27.56
C ASN A 32 16.53 20.76 28.70
N PRO A 33 16.81 22.07 28.65
CA PRO A 33 16.31 22.95 29.72
C PRO A 33 14.79 22.95 29.78
N ARG A 34 14.26 23.55 30.83
CA ARG A 34 12.82 23.62 30.99
C ARG A 34 12.17 24.22 29.75
N GLY A 35 11.09 23.58 29.30
CA GLY A 35 10.40 24.01 28.09
C GLY A 35 8.89 24.01 28.23
N GLY A 36 8.38 23.46 29.33
CA GLY A 36 6.95 23.41 29.54
C GLY A 36 6.55 23.86 30.94
N ASP A 37 5.33 23.49 31.35
CA ASP A 37 4.84 23.79 32.69
C ASP A 37 4.81 22.56 33.59
N GLY A 38 5.33 21.44 33.12
CA GLY A 38 5.26 20.20 33.86
C GLY A 38 6.52 19.91 34.64
N PRO A 39 6.58 18.73 35.25
CA PRO A 39 7.79 18.33 35.97
C PRO A 39 8.89 17.90 35.01
N GLY A 40 10.07 17.63 35.60
CA GLY A 40 11.21 17.20 34.84
C GLY A 40 11.18 15.70 34.57
N ILE A 41 12.24 15.23 33.91
CA ILE A 41 12.42 13.81 33.65
C ILE A 41 13.89 13.47 33.84
N VAL A 42 14.16 12.41 34.59
CA VAL A 42 15.50 11.86 34.74
C VAL A 42 15.49 10.49 34.08
N PHE A 43 16.28 10.32 33.02
CA PHE A 43 16.35 9.07 32.28
C PHE A 43 17.56 8.25 32.74
N ALA A 44 17.35 6.95 32.91
CA ALA A 44 18.47 6.04 33.09
C ALA A 44 18.91 5.50 31.73
N PRO A 45 20.18 5.12 31.59
CA PRO A 45 20.68 4.74 30.26
C PRO A 45 20.36 3.30 29.94
N PRO A 46 20.33 2.94 28.65
CA PRO A 46 20.17 1.53 28.27
C PRO A 46 21.49 0.78 28.32
N ALA A 47 21.50 -0.46 27.84
CA ALA A 47 22.72 -1.24 27.81
C ALA A 47 23.79 -0.51 27.01
N GLY A 48 24.91 -0.20 27.66
CA GLY A 48 25.97 0.59 27.07
C GLY A 48 26.24 1.89 27.80
N GLY A 49 25.23 2.42 28.49
CA GLY A 49 25.41 3.55 29.39
C GLY A 49 25.24 4.92 28.78
N THR A 50 25.01 5.01 27.48
CA THR A 50 24.90 6.31 26.83
C THR A 50 23.52 6.92 27.05
N VAL A 51 23.49 8.25 27.14
CA VAL A 51 22.25 9.01 27.11
C VAL A 51 21.98 9.65 25.76
N LEU A 52 22.88 9.46 24.80
CA LEU A 52 22.76 10.11 23.50
C LEU A 52 21.48 9.72 22.79
N GLY A 53 20.96 8.52 23.05
CA GLY A 53 19.73 8.08 22.44
C GLY A 53 18.49 8.85 22.87
N TYR A 54 18.60 9.71 23.88
CA TYR A 54 17.48 10.51 24.35
C TYR A 54 17.49 11.93 23.80
N ILE A 55 18.56 12.35 23.12
CA ILE A 55 18.72 13.76 22.76
C ILE A 55 17.57 14.23 21.88
N GLU A 56 17.29 13.52 20.78
CA GLU A 56 16.22 13.95 19.90
C GLU A 56 14.89 14.00 20.64
N LEU A 57 14.58 12.94 21.39
CA LEU A 57 13.35 12.90 22.16
C LEU A 57 13.24 14.12 23.07
N ALA A 58 14.29 14.40 23.85
CA ALA A 58 14.27 15.55 24.75
C ALA A 58 14.06 16.85 24.00
N ARG A 59 14.59 16.96 22.77
CA ARG A 59 14.44 18.20 22.00
C ARG A 59 13.00 18.44 21.59
N HIS A 60 12.29 17.38 21.19
CA HIS A 60 10.91 17.51 20.75
C HIS A 60 9.93 17.73 21.89
N LEU A 61 10.31 17.40 23.13
CA LEU A 61 9.38 17.49 24.25
C LEU A 61 9.15 18.95 24.63
N LYS A 62 7.87 19.32 24.80
CA LYS A 62 7.50 20.70 25.00
C LYS A 62 6.68 20.96 26.27
N GLY A 63 6.35 19.93 27.04
CA GLY A 63 5.52 20.10 28.21
C GLY A 63 6.16 19.65 29.51
N PHE A 64 7.48 19.73 29.61
CA PHE A 64 8.22 19.28 30.78
C PHE A 64 9.20 20.34 31.23
N GLY A 65 9.73 20.15 32.44
CA GLY A 65 10.81 20.97 32.94
C GLY A 65 12.14 20.49 32.41
N GLU A 66 13.17 20.62 33.24
CA GLU A 66 14.50 20.15 32.84
C GLU A 66 14.49 18.64 32.66
N ILE A 67 15.01 18.20 31.53
CA ILE A 67 15.14 16.78 31.23
C ILE A 67 16.60 16.39 31.40
N HIS A 68 16.86 15.46 32.31
CA HIS A 68 18.22 15.01 32.60
C HIS A 68 18.39 13.56 32.18
N GLY A 69 19.65 13.21 31.91
CA GLY A 69 20.03 11.82 31.72
C GLY A 69 21.28 11.51 32.49
N VAL A 70 21.37 10.26 32.95
CA VAL A 70 22.51 9.79 33.73
C VAL A 70 23.39 8.96 32.80
N GLU A 71 24.58 9.49 32.51
CA GLU A 71 25.56 8.79 31.69
C GLU A 71 26.37 7.85 32.58
N ALA A 72 26.51 6.60 32.16
CA ALA A 72 27.26 5.64 32.95
C ALA A 72 28.69 6.13 33.14
N PRO A 73 29.36 5.73 34.22
CA PRO A 73 30.77 6.11 34.40
C PRO A 73 31.66 5.38 33.41
N GLY A 74 32.78 6.01 33.10
CA GLY A 74 33.79 5.41 32.26
C GLY A 74 33.61 5.58 30.77
N LEU A 75 32.70 6.47 30.35
CA LEU A 75 32.48 6.71 28.92
C LEU A 75 33.10 8.01 28.44
N GLY A 76 33.14 9.04 29.28
CA GLY A 76 33.69 10.31 28.87
C GLY A 76 35.18 10.23 28.57
N ALA A 77 35.66 11.24 27.84
CA ALA A 77 37.04 11.25 27.39
C ALA A 77 38.02 11.23 28.56
N GLY A 78 37.67 11.89 29.67
CA GLY A 78 38.60 12.01 30.79
C GLY A 78 38.32 11.06 31.94
N GLU A 79 37.70 9.93 31.64
CA GLU A 79 37.33 8.95 32.66
C GLU A 79 38.01 7.62 32.38
N THR A 80 38.11 6.80 33.43
CA THR A 80 38.66 5.46 33.30
C THR A 80 37.51 4.48 33.16
N PRO A 81 37.45 3.67 32.10
CA PRO A 81 36.33 2.73 31.94
C PRO A 81 36.12 1.88 33.19
N VAL A 82 34.89 1.86 33.67
CA VAL A 82 34.49 1.00 34.78
C VAL A 82 33.36 0.11 34.30
N TYR A 83 33.20 -1.02 34.99
CA TYR A 83 32.23 -2.05 34.60
C TYR A 83 31.56 -2.58 35.86
N PRO A 84 30.72 -1.77 36.49
CA PRO A 84 30.08 -2.21 37.74
C PRO A 84 28.96 -3.20 37.48
N SER A 85 28.57 -3.89 38.55
CA SER A 85 27.43 -4.78 38.50
C SER A 85 26.14 -3.95 38.37
N PHE A 86 25.04 -4.65 38.11
CA PHE A 86 23.76 -3.96 38.01
C PHE A 86 23.45 -3.21 39.30
N GLU A 87 23.79 -3.81 40.44
CA GLU A 87 23.47 -3.19 41.72
C GLU A 87 24.23 -1.87 41.90
N GLU A 88 25.53 -1.88 41.63
CA GLU A 88 26.32 -0.66 41.77
C GLU A 88 25.91 0.39 40.75
N MET A 89 25.56 -0.04 39.53
CA MET A 89 25.11 0.91 38.52
C MET A 89 23.85 1.62 38.97
N VAL A 90 22.87 0.86 39.45
CA VAL A 90 21.66 1.46 40.02
C VAL A 90 22.03 2.45 41.12
N GLN A 91 22.97 2.07 41.99
CA GLN A 91 23.37 2.95 43.07
C GLN A 91 24.05 4.20 42.53
N PHE A 92 24.81 4.07 41.45
CA PHE A 92 25.47 5.23 40.85
C PHE A 92 24.45 6.22 40.30
N CYS A 93 23.40 5.73 39.64
CA CYS A 93 22.39 6.62 39.07
C CYS A 93 21.63 7.36 40.16
N SER A 94 21.31 6.67 41.26
CA SER A 94 20.66 7.33 42.39
C SER A 94 21.54 8.43 42.96
N ASP A 95 22.84 8.16 43.12
CA ASP A 95 23.76 9.20 43.58
C ASP A 95 23.85 10.34 42.57
N SER A 96 23.76 10.02 41.28
CA SER A 96 23.85 11.05 40.26
C SER A 96 22.58 11.88 40.19
N ALA A 97 21.42 11.23 40.26
CA ALA A 97 20.14 11.92 40.16
C ALA A 97 19.67 12.50 41.49
N ALA A 98 20.42 12.31 42.57
CA ALA A 98 19.99 12.84 43.87
C ALA A 98 19.86 14.36 43.84
N GLY A 99 20.69 15.03 43.04
CA GLY A 99 20.63 16.49 42.99
C GLY A 99 19.29 17.01 42.52
N VAL A 100 18.54 16.20 41.78
CA VAL A 100 17.21 16.57 41.32
C VAL A 100 16.20 16.11 42.35
N ALA A 101 15.24 16.98 42.66
CA ALA A 101 14.16 16.63 43.58
C ALA A 101 13.42 15.40 43.07
N GLY A 102 13.50 14.31 43.83
CA GLY A 102 12.89 13.06 43.42
C GLY A 102 11.39 13.17 43.22
N ASP A 103 10.72 13.99 44.05
CA ASP A 103 9.27 14.12 43.99
C ASP A 103 8.81 15.16 42.98
N GLY A 104 9.72 15.76 42.21
CA GLY A 104 9.34 16.78 41.25
C GLY A 104 9.67 16.41 39.82
N VAL A 105 9.91 15.12 39.56
CA VAL A 105 10.31 14.68 38.23
C VAL A 105 9.79 13.26 38.01
N TYR A 106 9.56 12.94 36.74
CA TYR A 106 9.37 11.55 36.34
C TYR A 106 10.70 10.83 36.29
N ILE A 107 10.72 9.58 36.74
CA ILE A 107 11.85 8.69 36.52
C ILE A 107 11.53 7.86 35.28
N GLY A 108 12.42 7.91 34.29
CA GLY A 108 12.20 7.25 33.03
C GLY A 108 13.37 6.36 32.66
N GLY A 109 13.15 5.56 31.62
CA GLY A 109 14.19 4.69 31.12
C GLY A 109 13.78 3.89 29.90
N HIS A 110 14.65 3.84 28.91
CA HIS A 110 14.46 3.01 27.73
C HIS A 110 15.29 1.74 27.84
N LEU A 112 17.12 -1.44 29.07
CA LEU A 112 17.71 -1.71 30.38
C LEU A 112 17.55 -0.48 31.28
N GLY A 113 17.57 0.69 30.66
CA GLY A 113 17.32 1.92 31.40
C GLY A 113 15.97 1.91 32.09
N GLY A 114 14.98 1.21 31.52
CA GLY A 114 13.71 1.07 32.18
C GLY A 114 13.78 0.26 33.46
N HIS A 115 14.71 -0.69 33.53
CA HIS A 115 14.88 -1.50 34.74
C HIS A 115 15.59 -0.70 35.83
N ILE A 116 16.66 0.01 35.48
CA ILE A 116 17.27 0.95 36.41
C ILE A 116 16.23 1.93 36.94
N ALA A 117 15.45 2.51 36.02
CA ALA A 117 14.44 3.49 36.40
C ALA A 117 13.49 2.91 37.46
N PHE A 118 13.06 1.66 37.28
CA PHE A 118 12.17 1.03 38.26
C PHE A 118 12.88 0.89 39.60
N TYR A 119 14.08 0.33 39.60
CA TYR A 119 14.83 0.21 40.85
C TYR A 119 14.98 1.55 41.54
N LEU A 120 15.36 2.59 40.79
CA LEU A 120 15.50 3.92 41.39
C LEU A 120 14.18 4.38 41.99
N ALA A 121 13.06 4.04 41.35
CA ALA A 121 11.76 4.47 41.86
C ALA A 121 11.39 3.73 43.14
N THR A 122 11.75 2.44 43.23
CA THR A 122 11.51 1.70 44.46
C THR A 122 12.39 2.20 45.59
N MET A 123 13.63 2.59 45.27
CA MET A 123 14.51 3.14 46.29
C MET A 123 14.01 4.50 46.78
N LEU A 124 13.49 5.33 45.88
CA LEU A 124 12.91 6.60 46.30
C LEU A 124 11.67 6.39 47.15
N LEU A 125 10.81 5.43 46.77
CA LEU A 125 9.61 5.17 47.54
C LEU A 125 9.91 4.54 48.90
N ASP A 126 10.98 3.74 48.99
CA ASP A 126 11.38 3.22 50.29
C ASP A 126 11.79 4.35 51.24
N ARG A 127 12.33 5.43 50.70
CA ARG A 127 12.70 6.60 51.48
C ARG A 127 11.57 7.61 51.63
N GLY A 128 10.35 7.24 51.22
CA GLY A 128 9.21 8.12 51.36
C GLY A 128 9.04 9.13 50.25
N ILE A 129 9.87 9.07 49.20
CA ILE A 129 9.84 10.04 48.12
C ILE A 129 8.99 9.48 46.98
N ARG A 130 7.96 10.22 46.58
CA ARG A 130 7.04 9.79 45.52
C ARG A 130 7.33 10.58 44.25
N PRO A 131 8.06 10.02 43.29
CA PRO A 131 8.25 10.72 42.02
C PRO A 131 6.92 10.92 41.32
N LYS A 132 6.90 11.87 40.37
CA LYS A 132 5.70 12.10 39.60
C LYS A 132 5.23 10.83 38.88
N GLY A 133 6.15 9.94 38.57
CA GLY A 133 5.78 8.68 37.93
C GLY A 133 6.97 8.01 37.30
N LEU A 134 6.72 6.82 36.79
CA LEU A 134 7.70 6.01 36.09
C LEU A 134 7.35 5.95 34.60
N ILE A 135 8.29 6.33 33.75
CA ILE A 135 8.09 6.34 32.30
C ILE A 135 8.95 5.24 31.70
N ILE A 136 8.32 4.22 31.14
CA ILE A 136 9.00 3.07 30.55
C ILE A 136 8.85 3.14 29.04
N LEU A 137 9.98 3.07 28.34
CA LEU A 137 9.99 3.18 26.88
C LEU A 137 10.25 1.81 26.28
N ASP A 138 9.15 1.11 25.95
CA ASP A 138 9.18 -0.06 25.08
C ASP A 138 10.12 -1.14 25.62
N THR A 139 9.89 -1.54 26.86
CA THR A 139 10.64 -2.66 27.42
C THR A 139 9.78 -3.37 28.46
N PRO A 140 9.73 -4.70 28.46
CA PRO A 140 8.91 -5.41 29.44
C PRO A 140 9.61 -5.52 30.78
N PRO A 141 8.90 -5.91 31.83
CA PRO A 141 9.50 -5.86 33.18
C PRO A 141 10.57 -6.91 33.40
N ARG A 142 10.61 -7.97 32.60
CA ARG A 142 11.62 -9.03 32.75
C ARG A 142 12.38 -9.13 31.43
N LEU A 143 13.63 -8.68 31.44
CA LEU A 143 14.46 -8.69 30.24
C LEU A 143 15.34 -9.94 30.21
N THR A 154 21.90 -8.52 10.68
CA THR A 154 22.58 -9.70 10.16
C THR A 154 22.36 -10.90 11.08
N GLU A 155 22.45 -12.11 10.51
CA GLU A 155 22.28 -13.32 11.31
C GLU A 155 23.34 -13.41 12.39
N GLU A 156 24.62 -13.39 11.99
CA GLU A 156 25.70 -13.50 12.97
C GLU A 156 25.74 -12.30 13.90
N GLU A 157 25.39 -11.11 13.38
CA GLU A 157 25.40 -9.92 14.22
C GLU A 157 24.42 -10.05 15.37
N THR A 158 23.19 -10.48 15.08
CA THR A 158 22.19 -10.68 16.11
C THR A 158 22.45 -11.93 16.94
N LYS A 159 23.19 -12.90 16.40
CA LYS A 159 23.57 -14.06 17.19
C LYS A 159 24.42 -13.66 18.40
N VAL A 160 25.22 -12.61 18.26
CA VAL A 160 26.07 -12.16 19.36
C VAL A 160 25.21 -11.76 20.55
N PHE A 161 24.21 -10.90 20.33
CA PHE A 161 23.35 -10.45 21.41
C PHE A 161 22.67 -11.63 22.09
N ILE A 162 22.21 -12.61 21.31
CA ILE A 162 21.55 -13.77 21.87
C ILE A 162 22.51 -14.50 22.80
N LEU A 163 23.69 -14.87 22.30
CA LEU A 163 24.68 -15.54 23.13
C LEU A 163 25.14 -14.64 24.27
N ALA A 164 25.25 -13.34 24.01
CA ALA A 164 25.72 -12.41 25.03
C ALA A 164 24.80 -12.42 26.25
N MET A 165 23.50 -12.46 26.04
CA MET A 165 22.54 -12.43 27.14
C MET A 165 22.38 -13.81 27.77
N LYS A 179 26.13 -20.91 17.06
CA LYS A 179 27.39 -21.56 17.41
C LYS A 179 28.24 -20.65 18.29
N ASP A 180 28.86 -21.24 19.31
CA ASP A 180 29.69 -20.47 20.24
C ASP A 180 30.81 -19.77 19.48
N LEU A 181 31.25 -18.63 20.02
CA LEU A 181 32.28 -17.82 19.39
C LEU A 181 33.13 -17.17 20.46
N PRO A 182 34.39 -16.85 20.17
CA PRO A 182 35.21 -16.15 21.16
C PRO A 182 34.63 -14.78 21.49
N TYR A 183 34.69 -14.42 22.77
CA TYR A 183 34.19 -13.12 23.22
C TYR A 183 34.71 -11.99 22.32
N GLU A 184 36.02 -11.87 22.20
CA GLU A 184 36.59 -10.77 21.43
C GLU A 184 36.18 -10.83 19.96
N GLU A 185 35.94 -12.04 19.43
CA GLU A 185 35.46 -12.13 18.05
C GLU A 185 34.04 -11.58 17.93
N ALA A 186 33.19 -11.87 18.92
CA ALA A 186 31.83 -11.35 18.89
C ALA A 186 31.83 -9.83 19.01
N LYS A 187 32.70 -9.28 19.85
CA LYS A 187 32.78 -7.83 19.97
C LYS A 187 33.19 -7.20 18.65
N GLN A 188 34.11 -7.83 17.92
CA GLN A 188 34.53 -7.28 16.64
C GLN A 188 33.41 -7.26 15.61
N LEU A 189 32.51 -8.25 15.66
CA LEU A 189 31.35 -8.24 14.78
C LEU A 189 30.52 -6.98 14.98
N LEU A 190 30.19 -6.68 16.24
CA LEU A 190 29.45 -5.47 16.55
C LEU A 190 30.27 -4.24 16.21
N LEU A 191 31.57 -4.27 16.50
CA LEU A 191 32.43 -3.13 16.21
C LEU A 191 32.53 -2.88 14.71
N ASP A 192 32.56 -3.95 13.91
CA ASP A 192 32.59 -3.79 12.46
C ASP A 192 31.24 -3.33 11.92
N ARG A 193 30.15 -3.73 12.57
CA ARG A 193 28.83 -3.28 12.15
C ARG A 193 28.68 -1.78 12.35
N ALA A 194 28.99 -1.29 13.56
CA ALA A 194 28.88 0.14 13.84
C ALA A 194 29.75 0.95 12.89
N LYS A 195 31.01 0.54 12.71
CA LYS A 195 31.92 1.29 11.86
C LYS A 195 31.48 1.30 10.40
N ASN A 196 30.62 0.36 9.99
CA ASN A 196 30.14 0.37 8.61
C ASN A 196 29.14 1.48 8.36
N ASP A 197 28.55 2.06 9.39
CA ASP A 197 27.63 3.17 9.19
C ASP A 197 28.43 4.45 8.97
N PRO A 198 28.16 5.20 7.90
CA PRO A 198 28.89 6.46 7.68
C PRO A 198 28.71 7.45 8.81
N ARG A 199 27.60 7.36 9.55
CA ARG A 199 27.38 8.30 10.65
C ARG A 199 28.31 8.02 11.82
N VAL A 200 28.71 6.76 12.02
CA VAL A 200 29.62 6.42 13.10
C VAL A 200 31.06 6.73 12.71
N SER A 201 31.46 6.34 11.50
CA SER A 201 32.84 6.55 11.08
C SER A 201 33.15 8.03 10.92
N ALA A 202 32.16 8.86 10.62
CA ALA A 202 32.40 10.25 10.28
C ALA A 202 32.30 11.17 11.49
N PHE A 203 31.38 10.92 12.42
CA PHE A 203 31.13 11.83 13.52
C PHE A 203 31.40 11.24 14.90
N LEU A 204 31.38 9.92 15.05
CA LEU A 204 31.49 9.31 16.37
C LEU A 204 32.95 8.99 16.70
N SER A 205 33.33 9.24 17.95
CA SER A 205 34.67 8.94 18.41
C SER A 205 34.89 7.45 18.56
N GLU A 206 35.96 6.94 17.95
CA GLU A 206 36.30 5.53 18.12
C GLU A 206 36.50 5.19 19.59
N ASP A 207 37.08 6.13 20.35
CA ASP A 207 37.25 5.91 21.79
C ASP A 207 35.89 5.78 22.47
N TYR A 208 34.95 6.67 22.15
CA TYR A 208 33.62 6.57 22.73
C TYR A 208 32.93 5.29 22.28
N LEU A 209 33.07 4.93 21.00
CA LEU A 209 32.45 3.72 20.49
C LEU A 209 32.98 2.48 21.21
N ASP A 210 34.30 2.41 21.43
CA ASP A 210 34.88 1.27 22.12
C ASP A 210 34.35 1.16 23.54
N ARG A 211 34.41 2.27 24.30
CA ARG A 211 33.94 2.23 25.68
C ARG A 211 32.47 1.85 25.76
N PHE A 212 31.67 2.26 24.77
CA PHE A 212 30.25 1.90 24.77
C PHE A 212 30.08 0.42 24.50
N LEU A 213 30.77 -0.11 23.49
CA LEU A 213 30.64 -1.52 23.15
C LEU A 213 31.06 -2.41 24.31
N ARG A 214 32.18 -2.09 24.96
CA ARG A 214 32.64 -2.88 26.09
C ARG A 214 31.59 -2.89 27.20
N LEU A 215 31.05 -1.71 27.54
CA LEU A 215 30.05 -1.65 28.62
C LEU A 215 28.78 -2.38 28.22
N GLN A 216 28.38 -2.27 26.95
CA GLN A 216 27.17 -2.96 26.50
C GLN A 216 27.31 -4.47 26.63
N MET A 217 28.45 -5.02 26.18
CA MET A 217 28.73 -6.43 26.41
C MET A 217 28.62 -6.76 27.89
N HIS A 218 29.29 -5.95 28.74
CA HIS A 218 29.26 -6.20 30.18
C HIS A 218 27.83 -6.23 30.71
N GLN A 219 26.99 -5.30 30.27
CA GLN A 219 25.62 -5.22 30.78
C GLN A 219 24.71 -6.25 30.12
N LEU A 220 24.97 -6.60 28.87
CA LEU A 220 24.20 -7.67 28.23
C LEU A 220 24.35 -8.99 28.97
N MET A 221 25.52 -9.26 29.53
CA MET A 221 25.82 -10.58 30.06
C MET A 221 25.25 -10.80 31.44
N TYR A 222 24.98 -9.75 32.21
CA TYR A 222 24.23 -9.89 33.46
C TYR A 222 22.77 -9.50 33.30
N SER A 223 22.35 -9.14 32.08
CA SER A 223 21.00 -8.60 31.87
C SER A 223 19.94 -9.59 32.31
N ARG A 224 20.17 -10.89 32.09
CA ARG A 224 19.20 -11.89 32.51
C ARG A 224 19.09 -11.96 34.04
N ASP A 225 20.15 -11.62 34.75
CA ASP A 225 20.10 -11.61 36.22
C ASP A 225 19.22 -10.49 36.77
N VAL A 226 18.81 -9.55 35.93
CA VAL A 226 18.01 -8.42 36.41
C VAL A 226 16.62 -8.93 36.76
N VAL A 227 16.27 -8.84 38.05
CA VAL A 227 14.95 -9.21 38.54
C VAL A 227 14.41 -8.03 39.33
N LEU A 228 13.36 -7.41 38.83
CA LEU A 228 12.73 -6.30 39.54
C LEU A 228 12.08 -6.81 40.82
N PRO A 229 12.23 -6.10 41.94
CA PRO A 229 11.49 -6.49 43.15
C PRO A 229 10.00 -6.48 42.91
N GLN A 230 9.31 -7.46 43.49
CA GLN A 230 7.88 -7.61 43.29
C GLN A 230 7.07 -6.61 44.10
N ARG A 231 7.61 -5.40 44.27
CA ARG A 231 6.88 -4.33 44.95
C ARG A 231 5.85 -3.72 44.01
N LYS A 232 4.90 -3.00 44.60
CA LYS A 232 3.81 -2.36 43.85
C LYS A 232 3.92 -0.85 44.04
N LEU A 233 4.47 -0.17 43.03
CA LEU A 233 4.73 1.26 43.13
C LEU A 233 3.46 2.04 43.42
N ASP A 234 3.56 2.95 44.40
CA ASP A 234 2.47 3.87 44.73
C ASP A 234 2.57 5.10 43.86
N ILE A 235 3.07 4.95 42.63
CA ILE A 235 3.09 6.05 41.67
C ILE A 235 2.67 5.55 40.30
N PRO A 236 2.15 6.43 39.45
CA PRO A 236 1.74 6.00 38.12
C PRO A 236 2.91 5.42 37.33
N ILE A 237 2.59 4.45 36.48
CA ILE A 237 3.55 3.86 35.55
C ILE A 237 3.01 4.04 34.14
N HIS A 238 3.85 4.59 33.26
CA HIS A 238 3.47 4.84 31.87
C HIS A 238 4.36 4.01 30.96
N VAL A 239 3.77 3.00 30.33
CA VAL A 239 4.48 2.10 29.43
C VAL A 239 4.14 2.51 28.01
N PHE A 240 5.11 3.09 27.30
CA PHE A 240 4.98 3.39 25.87
C PHE A 240 5.63 2.24 25.11
N ARG A 241 4.81 1.49 24.37
CA ARG A 241 5.25 0.27 23.73
C ARG A 241 5.01 0.34 22.22
N THR A 242 5.95 -0.20 21.45
CA THR A 242 5.78 -0.31 20.01
C THR A 242 4.87 -1.49 19.68
N LYS A 243 4.42 -1.52 18.42
CA LYS A 243 3.42 -2.49 17.98
C LYS A 243 4.00 -3.59 17.11
N ASN A 244 5.31 -3.62 16.90
CA ASN A 244 5.97 -4.59 16.02
C ASN A 244 6.71 -5.65 16.83
N HIS A 245 6.13 -6.07 17.95
CA HIS A 245 6.70 -7.13 18.77
C HIS A 245 6.04 -8.45 18.45
N ALA A 246 6.84 -9.52 18.44
CA ALA A 246 6.29 -10.85 18.26
C ALA A 246 5.32 -11.17 19.39
N PRO A 247 4.31 -12.01 19.14
CA PRO A 247 3.34 -12.31 20.21
C PRO A 247 3.99 -12.75 21.51
N GLU A 248 5.09 -13.50 21.43
CA GLU A 248 5.77 -13.96 22.64
C GLU A 248 6.22 -12.78 23.50
N VAL A 249 6.83 -11.78 22.88
CA VAL A 249 7.32 -10.63 23.62
C VAL A 249 6.18 -9.69 23.99
N ALA A 250 5.28 -9.42 23.05
CA ALA A 250 4.19 -8.50 23.30
C ALA A 250 3.41 -8.88 24.55
N ARG A 251 3.22 -10.19 24.78
CA ARG A 251 2.45 -10.65 25.93
C ARG A 251 3.11 -10.28 27.25
N LEU A 252 4.42 -10.05 27.26
CA LEU A 252 5.13 -9.77 28.51
C LEU A 252 4.89 -8.35 29.03
N PHE A 253 4.56 -7.40 28.15
CA PHE A 253 4.41 -6.02 28.60
C PHE A 253 3.32 -5.87 29.65
N SER A 254 2.25 -6.65 29.56
CA SER A 254 1.15 -6.53 30.51
C SER A 254 1.58 -6.90 31.92
N ALA A 255 2.70 -7.62 32.07
CA ALA A 255 3.20 -7.95 33.40
C ALA A 255 3.58 -6.73 34.21
N TRP A 256 3.69 -5.55 33.58
CA TRP A 256 3.90 -4.32 34.34
C TRP A 256 2.78 -4.07 35.34
N GLU A 257 1.59 -4.63 35.11
CA GLU A 257 0.50 -4.47 36.05
C GLU A 257 0.83 -5.06 37.41
N ASN A 258 1.73 -6.05 37.45
CA ASN A 258 2.07 -6.72 38.69
C ASN A 258 2.95 -5.88 39.60
N TYR A 259 3.56 -4.82 39.06
CA TYR A 259 4.46 -3.97 39.83
C TYR A 259 3.85 -2.61 40.14
N ALA A 260 2.52 -2.52 40.15
CA ALA A 260 1.82 -1.26 40.32
C ALA A 260 0.76 -1.39 41.40
N ALA A 261 0.65 -0.36 42.24
CA ALA A 261 -0.38 -0.28 43.25
C ALA A 261 -1.54 0.62 42.84
N GLY A 262 -1.31 1.52 41.89
CA GLY A 262 -2.34 2.39 41.38
C GLY A 262 -2.36 2.42 39.86
N GLU A 263 -2.14 3.60 39.30
CA GLU A 263 -2.34 3.81 37.87
C GLU A 263 -1.26 3.13 37.04
N VAL A 264 -1.70 2.52 35.93
CA VAL A 264 -0.80 2.00 34.90
C VAL A 264 -1.41 2.30 33.55
N THR A 265 -0.61 2.86 32.64
CA THR A 265 -1.09 3.29 31.34
C THR A 265 -0.20 2.69 30.24
N PHE A 266 -0.83 2.01 29.29
CA PHE A 266 -0.15 1.46 28.13
C PHE A 266 -0.48 2.31 26.91
N VAL A 267 0.54 2.91 26.31
CA VAL A 267 0.39 3.80 25.17
C VAL A 267 1.13 3.21 23.98
N ASP A 268 0.46 3.12 22.84
CA ASP A 268 1.11 2.66 21.62
C ASP A 268 1.94 3.79 21.02
N ILE A 269 3.14 3.44 20.54
CA ILE A 269 4.01 4.40 19.86
C ILE A 269 4.50 3.78 18.55
N PRO A 270 4.80 4.58 17.53
CA PRO A 270 5.25 4.03 16.25
C PRO A 270 6.71 3.56 16.32
N GLY A 271 7.13 2.92 15.24
CA GLY A 271 8.48 2.43 15.13
C GLY A 271 8.67 1.10 15.85
N ASP A 272 9.94 0.78 16.09
CA ASP A 272 10.30 -0.43 16.85
C ASP A 272 11.24 -0.04 17.98
N HIS A 273 11.82 -1.04 18.64
CA HIS A 273 12.59 -0.79 19.86
C HIS A 273 13.77 0.15 19.62
N ALA A 274 14.31 0.17 18.42
CA ALA A 274 15.44 1.03 18.10
C ALA A 274 15.02 2.32 17.41
N THR A 275 14.14 2.22 16.40
CA THR A 275 13.79 3.38 15.60
C THR A 275 12.83 4.33 16.28
N MET A 276 12.20 3.92 17.39
CA MET A 276 11.21 4.78 18.05
C MET A 276 11.83 6.08 18.53
N LEU A 277 13.11 6.06 18.92
CA LEU A 277 13.79 7.24 19.42
C LEU A 277 14.42 8.08 18.33
N ARG A 278 14.10 7.79 17.07
CA ARG A 278 14.65 8.50 15.92
C ARG A 278 13.53 8.88 14.97
N ALA A 279 13.80 9.88 14.14
CA ALA A 279 12.81 10.32 13.16
C ALA A 279 12.49 9.17 12.20
N PRO A 280 11.24 9.12 11.68
CA PRO A 280 10.16 10.08 11.89
C PRO A 280 9.33 9.81 13.14
N HIS A 281 9.62 8.72 13.85
CA HIS A 281 8.75 8.27 14.94
C HIS A 281 8.92 9.13 16.19
N VAL A 282 10.15 9.55 16.49
CA VAL A 282 10.44 10.21 17.75
C VAL A 282 9.52 11.41 17.95
N SER A 283 9.19 12.12 16.87
CA SER A 283 8.30 13.26 16.97
C SER A 283 6.97 12.86 17.58
N GLU A 284 6.36 11.79 17.07
CA GLU A 284 5.09 11.33 17.60
C GLU A 284 5.24 10.80 19.03
N VAL A 285 6.39 10.19 19.33
CA VAL A 285 6.63 9.70 20.69
C VAL A 285 6.64 10.86 21.67
N ALA A 286 7.25 11.99 21.29
CA ALA A 286 7.28 13.15 22.16
C ALA A 286 5.91 13.81 22.27
N GLN A 287 5.10 13.73 21.22
CA GLN A 287 3.74 14.23 21.31
C GLN A 287 2.95 13.42 22.34
N LEU A 288 2.97 12.10 22.22
CA LEU A 288 2.24 11.25 23.15
C LEU A 288 2.76 11.42 24.57
N LEU A 289 4.07 11.58 24.73
CA LEU A 289 4.64 11.77 26.05
C LEU A 289 4.16 13.08 26.68
N ASP A 290 4.10 14.15 25.88
CA ASP A 290 3.56 15.41 26.37
C ASP A 290 2.08 15.28 26.72
N ARG A 291 1.33 14.45 25.98
CA ARG A 291 -0.10 14.36 26.17
C ARG A 291 -0.45 13.61 27.45
N HIS A 292 0.23 12.49 27.72
CA HIS A 292 -0.09 11.66 28.87
C HIS A 292 0.64 12.05 30.14
N CYS A 293 1.77 12.75 30.03
CA CYS A 293 2.59 13.07 31.19
C CYS A 293 3.02 14.52 31.26
N GLY A 294 3.06 15.25 30.16
CA GLY A 294 3.54 16.62 30.15
C GLY A 294 2.41 17.61 30.38
N LEU A 295 2.74 18.88 30.11
CA LEU A 295 1.83 19.99 30.33
C LEU A 295 2.42 21.26 29.71
N PRO A 296 2.29 21.44 28.37
CA PRO A 296 2.80 22.64 27.70
C PRO A 296 2.30 23.93 28.32
N PRO B 24 24.24 -32.13 -31.32
CA PRO B 24 23.18 -32.06 -30.31
C PRO B 24 21.82 -32.52 -30.83
N THR B 25 21.56 -32.25 -32.11
CA THR B 25 20.30 -32.68 -32.71
C THR B 25 20.16 -34.21 -32.70
N ALA B 26 21.27 -34.94 -32.59
CA ALA B 26 21.18 -36.39 -32.49
C ALA B 26 20.46 -36.83 -31.22
N LYS B 27 20.61 -36.08 -30.14
CA LYS B 27 19.92 -36.35 -28.89
C LYS B 27 18.53 -35.72 -28.83
N LEU B 28 17.94 -35.41 -29.99
CA LEU B 28 16.56 -34.95 -30.08
C LEU B 28 15.71 -36.17 -30.39
N VAL B 29 14.92 -36.60 -29.41
CA VAL B 29 14.11 -37.82 -29.52
C VAL B 29 12.71 -37.43 -29.97
N ARG B 30 12.14 -38.25 -30.84
CA ARG B 30 10.77 -38.05 -31.32
C ARG B 30 9.84 -38.88 -30.45
N LEU B 31 9.15 -38.21 -29.52
CA LEU B 31 8.33 -38.92 -28.55
C LEU B 31 6.94 -39.25 -29.10
N ASN B 32 6.45 -38.48 -30.05
CA ASN B 32 5.11 -38.73 -30.57
C ASN B 32 4.89 -37.96 -31.88
N PRO B 33 4.50 -38.64 -32.96
CA PRO B 33 4.18 -37.91 -34.19
C PRO B 33 3.03 -36.93 -33.98
N ARG B 34 2.91 -35.99 -34.91
CA ARG B 34 1.81 -35.04 -34.88
C ARG B 34 0.48 -35.77 -34.78
N GLY B 35 -0.27 -35.47 -33.71
CA GLY B 35 -1.56 -36.10 -33.49
C GLY B 35 -2.72 -35.15 -33.66
N GLY B 36 -2.44 -33.85 -33.62
CA GLY B 36 -3.48 -32.84 -33.71
C GLY B 36 -3.09 -31.63 -34.53
N ASP B 37 -3.90 -30.57 -34.44
CA ASP B 37 -3.68 -29.36 -35.21
C ASP B 37 -2.89 -28.30 -34.46
N GLY B 38 -2.63 -28.50 -33.16
CA GLY B 38 -1.85 -27.57 -32.42
C GLY B 38 -0.39 -27.59 -32.84
N PRO B 39 0.41 -26.74 -32.20
CA PRO B 39 1.86 -26.77 -32.44
C PRO B 39 2.49 -27.96 -31.73
N GLY B 40 3.75 -28.21 -32.07
CA GLY B 40 4.51 -29.26 -31.43
C GLY B 40 4.96 -28.89 -30.03
N ILE B 41 5.72 -29.80 -29.43
CA ILE B 41 6.31 -29.57 -28.12
C ILE B 41 7.74 -30.10 -28.13
N VAL B 42 8.60 -29.44 -27.37
CA VAL B 42 9.96 -29.88 -27.13
C VAL B 42 10.19 -29.84 -25.62
N PHE B 43 10.44 -31.01 -25.04
CA PHE B 43 10.57 -31.14 -23.59
C PHE B 43 12.03 -31.17 -23.17
N ALA B 44 12.36 -30.42 -22.12
CA ALA B 44 13.66 -30.51 -21.50
C ALA B 44 13.62 -31.55 -20.38
N PRO B 45 14.69 -32.31 -20.18
CA PRO B 45 14.62 -33.45 -19.25
C PRO B 45 14.78 -32.99 -17.81
N PRO B 46 14.25 -33.75 -16.85
CA PRO B 46 14.49 -33.44 -15.44
C PRO B 46 15.91 -33.77 -14.99
N ALA B 47 16.17 -33.67 -13.69
CA ALA B 47 17.46 -34.06 -13.16
C ALA B 47 17.72 -35.52 -13.52
N GLY B 48 18.89 -35.77 -14.11
CA GLY B 48 19.24 -37.07 -14.64
C GLY B 48 19.29 -37.12 -16.16
N GLY B 49 18.59 -36.21 -16.84
CA GLY B 49 18.74 -36.03 -18.26
C GLY B 49 17.90 -36.93 -19.13
N THR B 50 17.05 -37.76 -18.55
CA THR B 50 16.24 -38.68 -19.33
C THR B 50 14.94 -38.04 -19.77
N VAL B 51 14.48 -38.40 -20.97
CA VAL B 51 13.16 -38.02 -21.44
C VAL B 51 12.17 -39.18 -21.35
N LEU B 52 12.57 -40.30 -20.74
CA LEU B 52 11.70 -41.46 -20.63
C LEU B 52 10.46 -41.18 -19.79
N GLY B 53 10.52 -40.21 -18.89
CA GLY B 53 9.37 -39.86 -18.08
C GLY B 53 8.27 -39.13 -18.82
N TYR B 54 8.54 -38.71 -20.07
CA TYR B 54 7.55 -38.02 -20.89
C TYR B 54 6.84 -38.94 -21.88
N ILE B 55 7.26 -40.20 -21.99
CA ILE B 55 6.77 -41.06 -23.06
C ILE B 55 5.27 -41.29 -22.92
N GLU B 56 4.83 -41.63 -21.70
CA GLU B 56 3.41 -41.96 -21.53
C GLU B 56 2.54 -40.72 -21.72
N LEU B 57 2.99 -39.57 -21.22
CA LEU B 57 2.24 -38.33 -21.42
C LEU B 57 2.12 -38.03 -22.92
N ALA B 58 3.22 -38.14 -23.65
CA ALA B 58 3.21 -37.80 -25.07
C ALA B 58 2.29 -38.70 -25.87
N ARG B 59 2.13 -39.96 -25.45
CA ARG B 59 1.24 -40.88 -26.16
C ARG B 59 -0.23 -40.57 -25.89
N HIS B 60 -0.53 -39.79 -24.85
CA HIS B 60 -1.91 -39.43 -24.53
C HIS B 60 -2.32 -38.08 -25.10
N LEU B 61 -1.36 -37.26 -25.54
CA LEU B 61 -1.67 -35.95 -26.10
C LEU B 61 -2.24 -36.10 -27.51
N LYS B 62 -3.35 -35.41 -27.76
CA LYS B 62 -4.07 -35.52 -29.02
C LYS B 62 -4.09 -34.23 -29.83
N GLY B 63 -3.99 -33.07 -29.19
CA GLY B 63 -4.17 -31.81 -29.91
C GLY B 63 -2.89 -31.08 -30.23
N PHE B 64 -1.78 -31.79 -30.32
CA PHE B 64 -0.47 -31.18 -30.52
C PHE B 64 0.19 -31.69 -31.78
N GLY B 65 1.27 -31.01 -32.17
CA GLY B 65 2.11 -31.44 -33.27
C GLY B 65 3.12 -32.46 -32.82
N GLU B 66 4.26 -32.47 -33.50
CA GLU B 66 5.32 -33.42 -33.17
C GLU B 66 5.90 -33.08 -31.80
N ILE B 67 5.91 -34.06 -30.90
CA ILE B 67 6.43 -33.89 -29.55
C ILE B 67 7.82 -34.50 -29.49
N HIS B 68 8.80 -33.69 -29.09
CA HIS B 68 10.18 -34.14 -28.97
C HIS B 68 10.67 -33.96 -27.54
N GLY B 69 11.75 -34.65 -27.23
CA GLY B 69 12.46 -34.44 -25.98
C GLY B 69 13.94 -34.39 -26.25
N VAL B 70 14.65 -33.66 -25.39
CA VAL B 70 16.09 -33.54 -25.47
C VAL B 70 16.70 -34.46 -24.43
N GLU B 71 17.32 -35.55 -24.88
CA GLU B 71 18.05 -36.44 -23.99
C GLU B 71 19.40 -35.82 -23.66
N ALA B 72 19.75 -35.83 -22.37
CA ALA B 72 20.99 -35.20 -21.96
C ALA B 72 22.19 -35.94 -22.57
N PRO B 73 23.29 -35.24 -22.79
CA PRO B 73 24.50 -35.92 -23.29
C PRO B 73 25.07 -36.85 -22.23
N GLY B 74 25.58 -37.99 -22.70
CA GLY B 74 26.27 -38.93 -21.85
C GLY B 74 25.47 -40.17 -21.50
N LEU B 75 24.15 -40.15 -21.68
CA LEU B 75 23.32 -41.28 -21.28
C LEU B 75 23.27 -42.38 -22.32
N GLY B 76 23.54 -42.07 -23.58
CA GLY B 76 23.50 -43.09 -24.61
C GLY B 76 24.55 -44.16 -24.40
N ALA B 77 24.23 -45.38 -24.85
CA ALA B 77 25.14 -46.50 -24.66
C ALA B 77 26.44 -46.31 -25.43
N GLY B 78 26.40 -45.61 -26.56
CA GLY B 78 27.60 -45.36 -27.34
C GLY B 78 28.20 -43.99 -27.08
N GLU B 79 27.83 -43.38 -25.96
CA GLU B 79 28.29 -42.06 -25.59
C GLU B 79 29.23 -42.12 -24.39
N THR B 80 30.07 -41.10 -24.27
CA THR B 80 30.91 -40.94 -23.09
C THR B 80 30.15 -40.11 -22.06
N PRO B 81 29.94 -40.62 -20.85
CA PRO B 81 29.23 -39.82 -19.84
C PRO B 81 29.89 -38.47 -19.63
N VAL B 82 29.10 -37.41 -19.76
CA VAL B 82 29.55 -36.05 -19.51
C VAL B 82 28.64 -35.41 -18.46
N TYR B 83 29.16 -34.37 -17.82
CA TYR B 83 28.48 -33.73 -16.69
C TYR B 83 28.70 -32.23 -16.78
N PRO B 84 28.05 -31.57 -17.74
CA PRO B 84 28.24 -30.13 -17.92
C PRO B 84 27.52 -29.33 -16.85
N SER B 85 27.83 -28.04 -16.83
CA SER B 85 27.15 -27.11 -15.94
C SER B 85 25.73 -26.84 -16.44
N PHE B 86 24.96 -26.12 -15.62
CA PHE B 86 23.60 -25.77 -16.00
C PHE B 86 23.59 -24.98 -17.31
N GLU B 87 24.44 -23.96 -17.41
CA GLU B 87 24.44 -23.11 -18.58
C GLU B 87 24.82 -23.88 -19.83
N GLU B 88 25.80 -24.77 -19.72
CA GLU B 88 26.16 -25.63 -20.84
C GLU B 88 25.02 -26.57 -21.19
N MET B 89 24.29 -27.05 -20.19
CA MET B 89 23.18 -27.96 -20.44
C MET B 89 22.07 -27.27 -21.24
N VAL B 90 21.73 -26.03 -20.86
CA VAL B 90 20.75 -25.28 -21.65
C VAL B 90 21.25 -25.10 -23.08
N GLN B 91 22.56 -24.80 -23.22
CA GLN B 91 23.12 -24.63 -24.55
C GLN B 91 22.94 -25.88 -25.40
N PHE B 92 23.24 -27.06 -24.84
CA PHE B 92 23.09 -28.29 -25.60
C PHE B 92 21.64 -28.48 -26.04
N CYS B 93 20.69 -28.24 -25.13
CA CYS B 93 19.28 -28.33 -25.51
C CYS B 93 18.92 -27.27 -26.54
N SER B 94 19.49 -26.06 -26.42
CA SER B 94 19.30 -25.03 -27.42
C SER B 94 19.76 -25.52 -28.80
N ASP B 95 20.99 -26.03 -28.87
CA ASP B 95 21.49 -26.55 -30.14
C ASP B 95 20.65 -27.72 -30.62
N SER B 96 20.22 -28.59 -29.70
CA SER B 96 19.44 -29.75 -30.09
C SER B 96 18.01 -29.35 -30.47
N ALA B 97 17.39 -28.47 -29.69
CA ALA B 97 15.99 -28.13 -29.93
C ALA B 97 15.82 -27.32 -31.22
N ALA B 98 16.80 -26.49 -31.55
CA ALA B 98 16.68 -25.62 -32.73
C ALA B 98 16.33 -26.40 -33.99
N GLY B 99 16.60 -27.70 -34.02
CA GLY B 99 16.32 -28.48 -35.22
C GLY B 99 14.86 -28.43 -35.61
N VAL B 100 13.96 -28.78 -34.68
CA VAL B 100 12.53 -28.83 -34.95
C VAL B 100 11.78 -27.64 -34.39
N ALA B 101 12.43 -26.79 -33.58
CA ALA B 101 11.71 -25.73 -32.88
C ALA B 101 11.16 -24.69 -33.85
N GLY B 102 11.81 -24.51 -35.01
CA GLY B 102 11.35 -23.53 -35.98
C GLY B 102 9.99 -23.82 -36.58
N ASP B 103 9.48 -25.03 -36.41
CA ASP B 103 8.19 -25.42 -36.98
C ASP B 103 7.00 -24.96 -36.13
N GLY B 104 7.23 -24.35 -34.98
CA GLY B 104 6.16 -23.89 -34.12
C GLY B 104 5.86 -24.86 -33.00
N VAL B 105 6.50 -24.68 -31.85
CA VAL B 105 6.38 -25.60 -30.73
C VAL B 105 6.36 -24.83 -29.41
N TYR B 106 5.70 -25.41 -28.42
CA TYR B 106 5.90 -24.98 -27.04
C TYR B 106 7.23 -25.52 -26.52
N ILE B 107 7.73 -24.89 -25.46
CA ILE B 107 8.90 -25.38 -24.74
C ILE B 107 8.40 -25.89 -23.40
N GLY B 108 8.59 -27.19 -23.16
CA GLY B 108 8.06 -27.82 -21.95
C GLY B 108 9.16 -28.34 -21.04
N GLY B 109 8.82 -28.52 -19.77
CA GLY B 109 9.79 -28.98 -18.79
C GLY B 109 9.17 -29.36 -17.47
N HIS B 110 9.52 -30.54 -16.97
CA HIS B 110 9.06 -31.02 -15.68
C HIS B 110 10.24 -31.02 -14.72
N LEU B 112 13.42 -30.03 -12.79
CA LEU B 112 14.56 -29.26 -13.28
C LEU B 112 14.40 -28.94 -14.77
N GLY B 113 13.68 -29.80 -15.50
CA GLY B 113 13.43 -29.53 -16.90
C GLY B 113 12.64 -28.26 -17.13
N GLY B 114 11.84 -27.85 -16.14
CA GLY B 114 11.11 -26.61 -16.26
C GLY B 114 12.02 -25.40 -16.30
N HIS B 115 13.06 -25.39 -15.47
CA HIS B 115 14.00 -24.27 -15.48
C HIS B 115 14.81 -24.23 -16.77
N ILE B 116 15.23 -25.40 -17.26
CA ILE B 116 15.90 -25.44 -18.56
C ILE B 116 14.97 -24.93 -19.63
N ALA B 117 13.69 -25.33 -19.58
CA ALA B 117 12.72 -24.89 -20.57
C ALA B 117 12.66 -23.38 -20.65
N PHE B 118 12.58 -22.69 -19.50
CA PHE B 118 12.52 -21.24 -19.50
C PHE B 118 13.79 -20.64 -20.07
N TYR B 119 14.95 -21.04 -19.52
CA TYR B 119 16.23 -20.59 -20.07
C TYR B 119 16.34 -20.96 -21.54
N LEU B 120 15.92 -22.19 -21.88
CA LEU B 120 16.00 -22.65 -23.26
C LEU B 120 15.18 -21.78 -24.19
N ALA B 121 14.07 -21.21 -23.69
CA ALA B 121 13.23 -20.36 -24.52
C ALA B 121 13.94 -19.06 -24.87
N THR B 122 14.58 -18.42 -23.89
CA THR B 122 15.27 -17.17 -24.16
C THR B 122 16.38 -17.37 -25.19
N MET B 123 17.06 -18.53 -25.15
CA MET B 123 18.15 -18.78 -26.07
C MET B 123 17.64 -19.06 -27.47
N LEU B 124 16.55 -19.81 -27.61
CA LEU B 124 15.96 -20.03 -28.93
C LEU B 124 15.53 -18.73 -29.57
N LEU B 125 15.05 -17.77 -28.76
CA LEU B 125 14.68 -16.47 -29.29
C LEU B 125 15.89 -15.76 -29.89
N ASP B 126 17.01 -15.73 -29.15
CA ASP B 126 18.20 -15.04 -29.61
C ASP B 126 18.86 -15.71 -30.83
N ARG B 127 18.28 -16.80 -31.36
CA ARG B 127 18.79 -17.42 -32.57
C ARG B 127 17.70 -17.56 -33.63
N GLY B 128 16.67 -16.71 -33.57
CA GLY B 128 15.68 -16.65 -34.62
C GLY B 128 14.60 -17.70 -34.56
N ILE B 129 14.30 -18.24 -33.38
CA ILE B 129 13.23 -19.21 -33.19
C ILE B 129 12.29 -18.69 -32.12
N ARG B 130 11.03 -18.46 -32.51
CA ARG B 130 10.03 -17.90 -31.61
C ARG B 130 9.20 -19.02 -31.01
N PRO B 131 9.37 -19.37 -29.73
CA PRO B 131 8.51 -20.40 -29.14
C PRO B 131 7.08 -19.92 -29.01
N LYS B 132 6.13 -20.84 -29.20
CA LYS B 132 4.73 -20.49 -29.04
C LYS B 132 4.34 -20.31 -27.57
N GLY B 133 5.09 -20.89 -26.64
CA GLY B 133 4.77 -20.75 -25.24
C GLY B 133 5.62 -21.68 -24.39
N LEU B 134 5.51 -21.49 -23.08
CA LEU B 134 6.25 -22.26 -22.11
C LEU B 134 5.30 -23.12 -21.30
N ILE B 135 5.62 -24.42 -21.19
CA ILE B 135 4.80 -25.39 -20.47
C ILE B 135 5.62 -25.89 -19.29
N ILE B 136 5.29 -25.42 -18.09
CA ILE B 136 5.97 -25.83 -16.87
C ILE B 136 5.13 -26.90 -16.19
N LEU B 137 5.78 -27.99 -15.78
CA LEU B 137 5.10 -29.13 -15.18
C LEU B 137 5.50 -29.23 -13.71
N ASP B 138 4.74 -28.54 -12.86
CA ASP B 138 4.76 -28.75 -11.41
C ASP B 138 6.13 -28.51 -10.80
N THR B 139 6.66 -27.32 -11.04
CA THR B 139 7.89 -26.91 -10.38
C THR B 139 7.88 -25.41 -10.22
N PRO B 140 8.28 -24.88 -9.07
CA PRO B 140 8.39 -23.42 -8.91
C PRO B 140 9.64 -22.90 -9.59
N PRO B 141 9.70 -21.59 -9.86
CA PRO B 141 10.88 -21.05 -10.57
C PRO B 141 12.14 -21.02 -9.73
N ARG B 142 12.02 -21.07 -8.41
CA ARG B 142 13.17 -21.10 -7.51
C ARG B 142 13.00 -22.34 -6.62
N LEU B 143 13.78 -23.38 -6.92
CA LEU B 143 13.65 -24.64 -6.19
C LEU B 143 13.87 -24.43 -4.71
N GLY B 144 12.85 -24.70 -3.91
CA GLY B 144 12.91 -24.51 -2.47
C GLY B 144 13.05 -25.81 -1.71
N THR B 154 11.96 -44.29 2.29
CA THR B 154 12.57 -44.30 3.61
C THR B 154 13.16 -42.93 3.96
N GLU B 155 13.28 -42.64 5.25
CA GLU B 155 13.85 -41.38 5.67
C GLU B 155 15.31 -41.25 5.23
N GLU B 156 16.03 -42.37 5.15
CA GLU B 156 17.44 -42.34 4.75
C GLU B 156 17.57 -42.03 3.27
N GLU B 157 16.74 -42.65 2.42
CA GLU B 157 16.81 -42.40 0.99
C GLU B 157 16.35 -41.00 0.65
N THR B 158 15.27 -40.53 1.29
CA THR B 158 14.85 -39.15 1.11
C THR B 158 15.91 -38.18 1.64
N LYS B 159 16.71 -38.61 2.61
CA LYS B 159 17.77 -37.75 3.14
C LYS B 159 18.89 -37.54 2.13
N VAL B 160 19.12 -38.52 1.25
CA VAL B 160 20.15 -38.36 0.22
C VAL B 160 19.82 -37.18 -0.68
N PHE B 161 18.56 -37.05 -1.07
CA PHE B 161 18.16 -35.90 -1.89
C PHE B 161 18.24 -34.61 -1.10
N ILE B 162 17.90 -34.65 0.19
CA ILE B 162 17.99 -33.47 1.04
C ILE B 162 19.43 -32.97 1.09
N LEU B 163 20.35 -33.86 1.47
CA LEU B 163 21.76 -33.48 1.56
C LEU B 163 22.30 -33.06 0.20
N ALA B 164 21.98 -33.82 -0.86
CA ALA B 164 22.51 -33.50 -2.19
C ALA B 164 22.10 -32.11 -2.62
N MET B 165 20.88 -31.70 -2.30
CA MET B 165 20.44 -30.34 -2.61
C MET B 165 20.91 -29.34 -1.56
N GLY B 166 20.54 -29.57 -0.30
CA GLY B 166 20.93 -28.70 0.79
C GLY B 166 19.91 -28.69 1.92
N ASP B 180 26.87 -35.93 6.02
CA ASP B 180 26.29 -36.93 6.89
C ASP B 180 26.73 -38.33 6.49
N LEU B 181 26.83 -38.57 5.18
CA LEU B 181 27.24 -39.85 4.64
C LEU B 181 28.14 -39.63 3.44
N PRO B 182 29.05 -40.56 3.14
CA PRO B 182 29.93 -40.38 1.98
C PRO B 182 29.15 -40.35 0.68
N TYR B 183 29.66 -39.57 -0.28
CA TYR B 183 29.01 -39.44 -1.57
C TYR B 183 28.67 -40.81 -2.16
N GLU B 184 29.67 -41.69 -2.29
CA GLU B 184 29.45 -42.99 -2.91
C GLU B 184 28.53 -43.87 -2.09
N GLU B 185 28.44 -43.66 -0.78
CA GLU B 185 27.47 -44.41 0.03
C GLU B 185 26.05 -43.89 -0.22
N ALA B 186 25.91 -42.59 -0.51
CA ALA B 186 24.60 -42.05 -0.85
C ALA B 186 24.14 -42.58 -2.20
N LYS B 187 25.03 -42.55 -3.20
CA LYS B 187 24.68 -43.04 -4.53
C LYS B 187 24.24 -44.50 -4.47
N GLN B 188 24.86 -45.29 -3.60
CA GLN B 188 24.53 -46.71 -3.54
C GLN B 188 23.11 -46.93 -3.01
N LEU B 189 22.67 -46.11 -2.06
CA LEU B 189 21.32 -46.23 -1.54
C LEU B 189 20.29 -46.03 -2.65
N LEU B 190 20.49 -45.02 -3.50
CA LEU B 190 19.58 -44.82 -4.62
C LEU B 190 19.67 -45.97 -5.61
N LEU B 191 20.89 -46.45 -5.88
CA LEU B 191 21.06 -47.56 -6.81
C LEU B 191 20.37 -48.81 -6.31
N ASP B 192 20.53 -49.12 -5.01
CA ASP B 192 19.88 -50.30 -4.45
C ASP B 192 18.38 -50.11 -4.37
N ARG B 193 17.92 -48.90 -4.06
CA ARG B 193 16.49 -48.63 -4.06
C ARG B 193 15.89 -48.87 -5.44
N ALA B 194 16.54 -48.32 -6.47
CA ALA B 194 16.06 -48.53 -7.84
C ALA B 194 16.12 -50.00 -8.23
N LYS B 195 17.11 -50.75 -7.73
CA LYS B 195 17.25 -52.15 -8.12
C LYS B 195 16.23 -53.04 -7.44
N ASN B 196 15.72 -52.64 -6.26
CA ASN B 196 14.68 -53.42 -5.61
C ASN B 196 13.45 -53.55 -6.49
N ASP B 197 13.14 -52.51 -7.28
CA ASP B 197 11.94 -52.51 -8.08
C ASP B 197 12.07 -53.49 -9.24
N PRO B 198 11.17 -54.47 -9.38
CA PRO B 198 11.34 -55.47 -10.45
C PRO B 198 11.34 -54.87 -11.85
N ARG B 199 10.62 -53.77 -12.07
CA ARG B 199 10.61 -53.16 -13.40
C ARG B 199 12.01 -52.70 -13.80
N VAL B 200 12.78 -52.19 -12.83
CA VAL B 200 14.15 -51.77 -13.11
C VAL B 200 15.04 -52.98 -13.31
N SER B 201 14.94 -53.98 -12.43
CA SER B 201 15.81 -55.14 -12.54
C SER B 201 15.49 -55.98 -13.76
N ALA B 202 14.22 -55.98 -14.18
CA ALA B 202 13.82 -56.84 -15.30
C ALA B 202 14.11 -56.19 -16.65
N PHE B 203 13.88 -54.88 -16.79
CA PHE B 203 13.85 -54.25 -18.10
C PHE B 203 14.87 -53.13 -18.31
N LEU B 204 15.36 -52.50 -17.24
CA LEU B 204 16.21 -51.33 -17.40
C LEU B 204 17.68 -51.71 -17.45
N SER B 205 18.42 -51.02 -18.32
CA SER B 205 19.86 -51.24 -18.43
C SER B 205 20.58 -50.73 -17.19
N GLU B 206 21.42 -51.58 -16.60
CA GLU B 206 22.25 -51.15 -15.48
C GLU B 206 23.17 -50.01 -15.90
N ASP B 207 23.66 -50.04 -17.14
CA ASP B 207 24.52 -48.96 -17.63
C ASP B 207 23.74 -47.65 -17.71
N TYR B 208 22.51 -47.69 -18.23
CA TYR B 208 21.69 -46.49 -18.27
C TYR B 208 21.35 -46.01 -16.87
N LEU B 209 20.94 -46.95 -16.00
CA LEU B 209 20.63 -46.59 -14.62
C LEU B 209 21.80 -45.91 -13.95
N ASP B 210 23.01 -46.47 -14.11
CA ASP B 210 24.20 -45.86 -13.52
C ASP B 210 24.42 -44.47 -14.06
N ARG B 211 24.30 -44.30 -15.38
CA ARG B 211 24.57 -42.99 -15.97
C ARG B 211 23.51 -41.97 -15.57
N PHE B 212 22.25 -42.39 -15.47
CA PHE B 212 21.19 -41.50 -14.99
C PHE B 212 21.46 -41.08 -13.55
N LEU B 213 21.80 -42.05 -12.69
CA LEU B 213 22.04 -41.74 -11.28
C LEU B 213 23.23 -40.79 -11.12
N ARG B 214 24.29 -41.00 -11.90
CA ARG B 214 25.45 -40.12 -11.82
C ARG B 214 25.08 -38.70 -12.21
N LEU B 215 24.36 -38.53 -13.33
CA LEU B 215 24.01 -37.20 -13.78
C LEU B 215 22.97 -36.57 -12.87
N GLN B 216 22.08 -37.37 -12.27
CA GLN B 216 21.10 -36.81 -11.35
C GLN B 216 21.78 -36.22 -10.13
N MET B 217 22.71 -36.97 -9.51
CA MET B 217 23.48 -36.42 -8.40
C MET B 217 24.16 -35.13 -8.81
N HIS B 218 24.81 -35.13 -9.97
CA HIS B 218 25.51 -33.93 -10.44
C HIS B 218 24.54 -32.75 -10.57
N GLN B 219 23.39 -32.96 -11.22
CA GLN B 219 22.47 -31.85 -11.44
C GLN B 219 21.79 -31.41 -10.15
N LEU B 220 21.57 -32.32 -9.21
CA LEU B 220 20.97 -31.93 -7.93
C LEU B 220 21.90 -31.00 -7.16
N MET B 221 23.20 -31.28 -7.18
CA MET B 221 24.12 -30.53 -6.33
C MET B 221 24.34 -29.10 -6.81
N TYR B 222 24.04 -28.80 -8.07
CA TYR B 222 24.05 -27.41 -8.53
C TYR B 222 22.64 -26.85 -8.70
N SER B 223 21.60 -27.63 -8.37
CA SER B 223 20.24 -27.18 -8.62
C SER B 223 19.90 -25.93 -7.82
N ARG B 224 20.29 -25.89 -6.54
CA ARG B 224 20.01 -24.72 -5.72
C ARG B 224 20.72 -23.48 -6.26
N ASP B 225 21.82 -23.67 -7.00
CA ASP B 225 22.57 -22.55 -7.58
C ASP B 225 21.95 -22.05 -8.88
N VAL B 226 20.85 -22.63 -9.33
CA VAL B 226 20.23 -22.23 -10.59
C VAL B 226 19.40 -20.97 -10.34
N VAL B 227 19.69 -19.92 -11.11
CA VAL B 227 18.92 -18.67 -11.08
C VAL B 227 18.52 -18.37 -12.51
N LEU B 228 17.24 -18.50 -12.81
CA LEU B 228 16.76 -18.20 -14.15
C LEU B 228 17.06 -16.76 -14.52
N PRO B 229 17.24 -16.46 -15.80
CA PRO B 229 17.43 -15.05 -16.20
C PRO B 229 16.20 -14.22 -15.85
N GLN B 230 16.40 -13.27 -14.94
CA GLN B 230 15.32 -12.39 -14.49
C GLN B 230 14.89 -11.50 -15.67
N ARG B 231 14.04 -12.07 -16.52
CA ARG B 231 13.51 -11.34 -17.66
C ARG B 231 12.10 -11.84 -17.94
N LYS B 232 11.16 -10.90 -18.08
CA LYS B 232 9.77 -11.24 -18.33
C LYS B 232 9.60 -11.57 -19.82
N LEU B 233 8.97 -12.70 -20.10
CA LEU B 233 8.76 -13.15 -21.47
C LEU B 233 7.42 -12.67 -22.00
N ASP B 234 7.36 -12.45 -23.31
CA ASP B 234 6.12 -12.09 -23.98
C ASP B 234 5.31 -13.30 -24.43
N ILE B 235 5.84 -14.50 -24.28
CA ILE B 235 5.10 -15.72 -24.61
C ILE B 235 4.32 -16.16 -23.38
N PRO B 236 3.20 -16.85 -23.52
CA PRO B 236 2.41 -17.25 -22.35
C PRO B 236 3.03 -18.45 -21.64
N ILE B 237 3.10 -18.37 -20.33
CA ILE B 237 3.56 -19.47 -19.50
C ILE B 237 2.36 -20.26 -19.02
N HIS B 238 2.46 -21.58 -19.08
CA HIS B 238 1.43 -22.47 -18.56
C HIS B 238 2.05 -23.32 -17.47
N VAL B 239 1.58 -23.13 -16.25
CA VAL B 239 2.09 -23.83 -15.07
C VAL B 239 1.04 -24.86 -14.66
N PHE B 240 1.35 -26.12 -14.88
CA PHE B 240 0.53 -27.23 -14.40
C PHE B 240 1.13 -27.75 -13.09
N ARG B 241 0.39 -27.61 -12.00
CA ARG B 241 0.91 -27.93 -10.67
C ARG B 241 -0.01 -28.91 -9.96
N THR B 242 0.59 -29.85 -9.24
CA THR B 242 -0.13 -30.73 -8.34
C THR B 242 -0.50 -30.00 -7.05
N LYS B 243 -1.31 -30.66 -6.21
CA LYS B 243 -1.92 -30.01 -5.06
C LYS B 243 -1.53 -30.64 -3.73
N ASN B 244 -0.54 -31.54 -3.72
CA ASN B 244 -0.06 -32.17 -2.49
C ASN B 244 1.27 -31.58 -2.03
N HIS B 245 1.56 -30.34 -2.39
CA HIS B 245 2.79 -29.69 -1.96
C HIS B 245 2.65 -29.15 -0.54
N ALA B 246 3.78 -29.03 0.14
CA ALA B 246 3.80 -28.42 1.46
C ALA B 246 3.63 -26.91 1.32
N PRO B 247 3.07 -26.25 2.34
CA PRO B 247 2.86 -24.80 2.23
C PRO B 247 4.12 -24.04 1.85
N GLU B 248 5.28 -24.45 2.38
CA GLU B 248 6.52 -23.75 2.07
C GLU B 248 6.86 -23.84 0.59
N VAL B 249 6.45 -24.92 -0.08
CA VAL B 249 6.76 -25.10 -1.49
C VAL B 249 5.63 -24.59 -2.37
N ALA B 250 4.38 -24.78 -1.94
CA ALA B 250 3.25 -24.32 -2.73
C ALA B 250 3.26 -22.81 -2.89
N ARG B 251 3.73 -22.09 -1.86
CA ARG B 251 3.77 -20.63 -1.90
C ARG B 251 4.72 -20.08 -2.95
N LEU B 252 5.59 -20.91 -3.53
CA LEU B 252 6.58 -20.45 -4.48
C LEU B 252 6.09 -20.49 -5.92
N PHE B 253 5.06 -21.27 -6.23
CA PHE B 253 4.58 -21.36 -7.60
C PHE B 253 4.12 -20.00 -8.11
N SER B 254 3.54 -19.16 -7.24
CA SER B 254 3.03 -17.87 -7.69
C SER B 254 4.14 -16.99 -8.25
N ALA B 255 5.40 -17.27 -7.92
CA ALA B 255 6.50 -16.47 -8.43
C ALA B 255 6.70 -16.63 -9.93
N TRP B 256 6.04 -17.60 -10.56
CA TRP B 256 6.11 -17.70 -12.02
C TRP B 256 5.56 -16.46 -12.70
N GLU B 257 4.67 -15.71 -12.04
CA GLU B 257 4.13 -14.50 -12.63
C GLU B 257 5.21 -13.43 -12.82
N ASN B 258 6.25 -13.46 -11.98
CA ASN B 258 7.30 -12.45 -12.07
C ASN B 258 8.08 -12.56 -13.38
N TYR B 259 8.20 -13.77 -13.93
CA TYR B 259 8.93 -13.99 -15.17
C TYR B 259 8.04 -13.87 -16.40
N ALA B 260 6.89 -13.21 -16.27
CA ALA B 260 5.91 -13.15 -17.35
C ALA B 260 5.34 -11.74 -17.47
N ALA B 261 5.38 -11.21 -18.68
CA ALA B 261 4.80 -9.91 -18.99
C ALA B 261 3.44 -10.01 -19.67
N GLY B 262 2.99 -11.23 -19.96
CA GLY B 262 1.69 -11.45 -20.57
C GLY B 262 0.88 -12.47 -19.81
N GLU B 263 0.27 -13.40 -20.53
CA GLU B 263 -0.63 -14.38 -19.91
C GLU B 263 0.16 -15.43 -19.13
N VAL B 264 -0.38 -15.80 -17.97
CA VAL B 264 0.12 -16.92 -17.18
C VAL B 264 -1.09 -17.67 -16.64
N THR B 265 -1.17 -18.97 -16.92
CA THR B 265 -2.27 -19.81 -16.46
C THR B 265 -1.75 -20.84 -15.48
N PHE B 266 -2.37 -20.88 -14.30
CA PHE B 266 -2.10 -21.90 -13.31
C PHE B 266 -3.21 -22.94 -13.39
N VAL B 267 -2.85 -24.18 -13.74
CA VAL B 267 -3.82 -25.25 -13.94
C VAL B 267 -3.53 -26.35 -12.92
N ASP B 268 -4.60 -26.86 -12.30
CA ASP B 268 -4.49 -27.92 -11.30
C ASP B 268 -4.52 -29.28 -11.97
N ILE B 269 -3.59 -30.15 -11.59
CA ILE B 269 -3.48 -31.50 -12.14
C ILE B 269 -3.44 -32.53 -11.01
N PRO B 270 -3.87 -33.76 -11.25
CA PRO B 270 -3.88 -34.77 -10.19
C PRO B 270 -2.51 -35.41 -10.01
N GLY B 271 -2.39 -36.19 -8.94
CA GLY B 271 -1.17 -36.88 -8.63
C GLY B 271 -0.22 -36.02 -7.81
N ASP B 272 0.97 -36.56 -7.60
CA ASP B 272 2.06 -35.84 -6.95
C ASP B 272 3.16 -35.58 -7.98
N HIS B 273 4.27 -34.99 -7.50
CA HIS B 273 5.33 -34.57 -8.40
C HIS B 273 5.81 -35.69 -9.30
N ALA B 274 5.81 -36.92 -8.81
CA ALA B 274 6.31 -38.05 -9.58
C ALA B 274 5.19 -38.79 -10.31
N THR B 275 4.11 -39.13 -9.61
CA THR B 275 3.06 -39.94 -10.19
C THR B 275 2.24 -39.21 -11.25
N MET B 276 2.37 -37.88 -11.34
CA MET B 276 1.56 -37.13 -12.30
C MET B 276 1.84 -37.56 -13.73
N LEU B 277 3.04 -38.07 -14.01
CA LEU B 277 3.41 -38.49 -15.36
C LEU B 277 3.05 -39.93 -15.65
N ARG B 278 2.52 -40.66 -14.67
CA ARG B 278 2.19 -42.07 -14.82
C ARG B 278 0.70 -42.27 -14.60
N ALA B 279 0.23 -43.47 -14.94
CA ALA B 279 -1.16 -43.81 -14.72
C ALA B 279 -1.44 -43.88 -13.21
N PRO B 280 -2.68 -43.59 -12.79
CA PRO B 280 -3.85 -43.22 -13.58
C PRO B 280 -4.03 -41.71 -13.78
N HIS B 281 -3.02 -40.92 -13.43
CA HIS B 281 -3.13 -39.47 -13.50
C HIS B 281 -2.67 -38.90 -14.83
N VAL B 282 -1.71 -39.55 -15.50
CA VAL B 282 -1.11 -38.98 -16.71
C VAL B 282 -2.16 -38.76 -17.78
N SER B 283 -3.19 -39.60 -17.85
CA SER B 283 -4.25 -39.39 -18.82
C SER B 283 -5.00 -38.10 -18.54
N GLU B 284 -5.23 -37.79 -17.27
CA GLU B 284 -5.90 -36.53 -16.93
C GLU B 284 -4.97 -35.35 -17.17
N VAL B 285 -3.67 -35.52 -16.89
CA VAL B 285 -2.71 -34.47 -17.18
C VAL B 285 -2.66 -34.20 -18.69
N ALA B 286 -2.73 -35.26 -19.49
CA ALA B 286 -2.71 -35.08 -20.94
C ALA B 286 -3.95 -34.36 -21.43
N GLN B 287 -5.13 -34.72 -20.91
CA GLN B 287 -6.36 -34.05 -21.29
C GLN B 287 -6.27 -32.55 -21.05
N LEU B 288 -5.88 -32.15 -19.83
CA LEU B 288 -5.79 -30.74 -19.51
C LEU B 288 -4.77 -30.03 -20.39
N LEU B 289 -3.64 -30.67 -20.66
CA LEU B 289 -2.67 -30.09 -21.59
C LEU B 289 -3.32 -29.80 -22.94
N ASP B 290 -4.10 -30.76 -23.46
CA ASP B 290 -4.79 -30.56 -24.72
C ASP B 290 -5.78 -29.39 -24.63
N ARG B 291 -6.40 -29.20 -23.47
CA ARG B 291 -7.44 -28.18 -23.33
C ARG B 291 -6.86 -26.78 -23.32
N HIS B 292 -5.84 -26.55 -22.48
CA HIS B 292 -5.33 -25.20 -22.30
C HIS B 292 -4.29 -24.80 -23.35
N CYS B 293 -3.63 -25.77 -23.98
CA CYS B 293 -2.56 -25.46 -24.92
C CYS B 293 -2.69 -26.16 -26.27
N GLY B 294 -3.47 -27.24 -26.37
CA GLY B 294 -3.57 -28.00 -27.59
C GLY B 294 -4.75 -27.58 -28.44
N LEU B 295 -4.85 -28.21 -29.59
CA LEU B 295 -5.96 -27.97 -30.54
C LEU B 295 -6.31 -29.29 -31.19
N PRO B 296 -7.13 -30.11 -30.54
CA PRO B 296 -7.61 -31.34 -31.18
C PRO B 296 -8.39 -31.05 -32.45
N SER B 297 -8.41 -32.03 -33.33
CA SER B 297 -9.12 -31.91 -34.60
C SER B 297 -10.34 -32.83 -34.65
N PRO C 24 29.11 -5.95 -0.71
CA PRO C 24 28.52 -4.69 -1.17
C PRO C 24 27.21 -4.35 -0.46
N THR C 25 26.55 -5.37 0.10
CA THR C 25 25.28 -5.16 0.78
C THR C 25 25.46 -4.48 2.13
N ALA C 26 26.66 -4.53 2.71
CA ALA C 26 26.90 -3.86 3.98
C ALA C 26 26.93 -2.35 3.86
N LYS C 27 27.24 -1.83 2.67
CA LYS C 27 27.32 -0.39 2.46
C LYS C 27 25.98 0.24 2.10
N LEU C 28 24.90 -0.53 2.07
CA LEU C 28 23.55 0.02 1.90
C LEU C 28 23.11 0.59 3.24
N VAL C 29 23.17 1.90 3.37
CA VAL C 29 22.88 2.58 4.62
C VAL C 29 21.39 2.88 4.70
N ARG C 30 20.86 2.89 5.92
CA ARG C 30 19.46 3.15 6.18
C ARG C 30 19.35 4.58 6.71
N LEU C 31 18.94 5.51 5.83
CA LEU C 31 18.89 6.92 6.18
C LEU C 31 17.62 7.32 6.92
N ASN C 32 16.58 6.50 6.83
CA ASN C 32 15.31 6.82 7.48
C ASN C 32 14.37 5.63 7.40
N PRO C 33 13.92 5.08 8.51
CA PRO C 33 12.89 4.03 8.46
C PRO C 33 11.66 4.53 7.70
N ARG C 34 10.80 3.58 7.35
CA ARG C 34 9.57 3.93 6.65
C ARG C 34 8.82 5.01 7.42
N GLY C 35 8.33 6.01 6.70
CA GLY C 35 7.58 7.09 7.30
C GLY C 35 6.21 7.27 6.67
N GLY C 36 6.09 6.85 5.41
CA GLY C 36 4.85 6.98 4.68
C GLY C 36 4.40 5.67 4.04
N ASP C 37 3.37 5.72 3.22
CA ASP C 37 2.84 4.53 2.56
C ASP C 37 3.45 4.29 1.19
N GLY C 38 4.31 5.20 0.71
CA GLY C 38 4.92 5.05 -0.59
C GLY C 38 6.03 4.04 -0.58
N PRO C 39 6.67 3.89 -1.74
CA PRO C 39 7.82 2.99 -1.85
C PRO C 39 9.08 3.64 -1.30
N GLY C 40 10.12 2.82 -1.18
CA GLY C 40 11.40 3.29 -0.68
C GLY C 40 12.17 4.09 -1.73
N ILE C 41 13.36 4.51 -1.32
CA ILE C 41 14.27 5.24 -2.20
C ILE C 41 15.68 4.75 -1.92
N VAL C 42 16.46 4.55 -2.98
CA VAL C 42 17.88 4.27 -2.88
C VAL C 42 18.62 5.42 -3.55
N PHE C 43 19.34 6.20 -2.76
CA PHE C 43 20.11 7.31 -3.29
C PHE C 43 21.53 6.88 -3.61
N ALA C 44 22.06 7.35 -4.74
CA ALA C 44 23.44 7.13 -5.11
C ALA C 44 24.30 8.33 -4.70
N PRO C 45 25.53 8.11 -4.25
CA PRO C 45 26.31 9.21 -3.69
C PRO C 45 26.93 10.08 -4.77
N PRO C 46 27.18 11.35 -4.47
CA PRO C 46 27.93 12.20 -5.40
C PRO C 46 29.43 11.90 -5.34
N ALA C 47 30.19 12.68 -6.09
CA ALA C 47 31.63 12.55 -6.10
C ALA C 47 32.18 12.61 -4.68
N GLY C 48 32.82 11.52 -4.26
CA GLY C 48 33.29 11.35 -2.90
C GLY C 48 32.79 10.08 -2.24
N GLY C 49 31.62 9.61 -2.65
CA GLY C 49 31.08 8.35 -2.18
C GLY C 49 30.17 8.44 -0.97
N THR C 50 30.08 9.60 -0.33
CA THR C 50 29.33 9.72 0.91
C THR C 50 27.85 9.96 0.64
N VAL C 51 27.01 9.46 1.54
CA VAL C 51 25.58 9.70 1.52
C VAL C 51 25.13 10.58 2.67
N LEU C 52 26.07 11.14 3.44
CA LEU C 52 25.73 12.00 4.55
C LEU C 52 24.98 13.25 4.10
N GLY C 53 25.11 13.62 2.82
CA GLY C 53 24.40 14.78 2.30
C GLY C 53 22.92 14.58 2.05
N TYR C 54 22.44 13.34 2.14
CA TYR C 54 21.03 13.04 1.98
C TYR C 54 20.31 12.91 3.32
N ILE C 55 21.03 12.95 4.43
CA ILE C 55 20.42 12.69 5.74
C ILE C 55 19.32 13.71 6.03
N GLU C 56 19.60 14.98 5.80
CA GLU C 56 18.62 16.02 6.10
C GLU C 56 17.38 15.87 5.23
N LEU C 57 17.56 15.51 3.95
CA LEU C 57 16.42 15.28 3.08
C LEU C 57 15.61 14.08 3.54
N ALA C 58 16.29 13.01 3.94
CA ALA C 58 15.59 11.79 4.36
C ALA C 58 14.76 12.02 5.62
N ARG C 59 15.24 12.88 6.53
CA ARG C 59 14.51 13.14 7.76
C ARG C 59 13.20 13.88 7.49
N HIS C 60 13.12 14.66 6.41
CA HIS C 60 11.93 15.43 6.10
C HIS C 60 10.92 14.68 5.25
N LEU C 61 11.34 13.62 4.56
CA LEU C 61 10.43 12.88 3.69
C LEU C 61 9.43 12.09 4.52
N LYS C 62 8.15 12.18 4.15
CA LYS C 62 7.09 11.53 4.91
C LYS C 62 6.20 10.60 4.08
N GLY C 63 6.30 10.60 2.76
CA GLY C 63 5.44 9.77 1.95
C GLY C 63 6.10 8.53 1.39
N PHE C 64 7.20 8.10 2.00
CA PHE C 64 8.01 7.02 1.44
C PHE C 64 8.24 5.93 2.47
N GLY C 65 8.73 4.79 1.98
CA GLY C 65 9.12 3.69 2.84
C GLY C 65 10.54 3.85 3.34
N GLU C 66 11.27 2.76 3.47
CA GLU C 66 12.66 2.83 3.90
C GLU C 66 13.48 3.61 2.89
N ILE C 67 14.17 4.64 3.36
CA ILE C 67 15.05 5.45 2.52
C ILE C 67 16.49 5.00 2.80
N HIS C 68 17.17 4.54 1.76
CA HIS C 68 18.52 4.01 1.86
C HIS C 68 19.50 4.90 1.11
N GLY C 69 20.78 4.59 1.30
CA GLY C 69 21.84 5.21 0.52
C GLY C 69 22.97 4.22 0.38
N VAL C 70 23.73 4.36 -0.72
CA VAL C 70 24.84 3.48 -1.01
C VAL C 70 26.13 4.25 -0.74
N GLU C 71 26.80 3.88 0.34
CA GLU C 71 28.12 4.43 0.65
C GLU C 71 29.16 3.74 -0.22
N ALA C 72 29.99 4.55 -0.89
CA ALA C 72 31.07 3.98 -1.70
C ALA C 72 31.99 3.16 -0.80
N PRO C 73 32.61 2.10 -1.34
CA PRO C 73 33.55 1.33 -0.53
C PRO C 73 34.79 2.13 -0.21
N GLY C 74 35.34 1.87 0.98
CA GLY C 74 36.60 2.45 1.39
C GLY C 74 36.50 3.63 2.33
N LEU C 75 35.29 4.06 2.70
CA LEU C 75 35.13 5.21 3.57
C LEU C 75 35.01 4.83 5.04
N GLY C 76 34.48 3.65 5.34
CA GLY C 76 34.34 3.23 6.72
C GLY C 76 35.67 3.18 7.44
N ALA C 77 35.60 3.19 8.77
CA ALA C 77 36.81 3.28 9.59
C ALA C 77 37.61 1.99 9.56
N GLY C 78 36.94 0.84 9.45
CA GLY C 78 37.62 -0.44 9.40
C GLY C 78 37.67 -1.04 8.02
N GLU C 79 37.78 -0.19 7.00
CA GLU C 79 37.81 -0.64 5.61
C GLU C 79 39.05 -0.08 4.92
N THR C 80 39.47 -0.79 3.87
CA THR C 80 40.66 -0.39 3.11
C THR C 80 40.24 0.53 1.97
N PRO C 81 40.76 1.75 1.91
CA PRO C 81 40.36 2.66 0.82
C PRO C 81 40.56 2.03 -0.54
N VAL C 82 39.49 2.07 -1.36
CA VAL C 82 39.52 1.55 -2.71
C VAL C 82 39.07 2.63 -3.67
N TYR C 83 39.52 2.53 -4.92
CA TYR C 83 39.25 3.55 -5.94
C TYR C 83 38.85 2.86 -7.23
N PRO C 84 37.65 2.29 -7.26
CA PRO C 84 37.18 1.61 -8.48
C PRO C 84 36.83 2.60 -9.57
N SER C 85 36.67 2.05 -10.78
CA SER C 85 36.24 2.84 -11.92
C SER C 85 34.74 3.11 -11.82
N PHE C 86 34.27 4.02 -12.69
CA PHE C 86 32.85 4.34 -12.73
C PHE C 86 32.02 3.08 -12.93
N GLU C 87 32.35 2.28 -13.96
CA GLU C 87 31.60 1.06 -14.22
C GLU C 87 31.55 0.16 -13.00
N GLU C 88 32.71 -0.05 -12.35
CA GLU C 88 32.74 -0.87 -11.15
C GLU C 88 31.91 -0.25 -10.04
N MET C 89 31.98 1.07 -9.90
CA MET C 89 31.19 1.76 -8.88
C MET C 89 29.70 1.52 -9.08
N VAL C 90 29.25 1.49 -10.34
CA VAL C 90 27.86 1.18 -10.62
C VAL C 90 27.55 -0.26 -10.23
N GLN C 91 28.43 -1.19 -10.62
CA GLN C 91 28.23 -2.59 -10.25
C GLN C 91 28.11 -2.74 -8.74
N PHE C 92 28.98 -2.06 -7.98
CA PHE C 92 28.90 -2.12 -6.54
C PHE C 92 27.55 -1.62 -6.03
N CYS C 93 27.11 -0.47 -6.54
CA CYS C 93 25.82 0.07 -6.11
C CYS C 93 24.66 -0.85 -6.51
N SER C 94 24.76 -1.47 -7.68
CA SER C 94 23.75 -2.44 -8.09
C SER C 94 23.72 -3.63 -7.14
N ASP C 95 24.89 -4.17 -6.80
CA ASP C 95 24.94 -5.26 -5.83
C ASP C 95 24.37 -4.82 -4.49
N SER C 96 24.66 -3.58 -4.09
CA SER C 96 24.25 -3.10 -2.77
C SER C 96 22.75 -2.92 -2.67
N ALA C 97 22.12 -2.43 -3.74
CA ALA C 97 20.70 -2.07 -3.72
C ALA C 97 19.81 -3.14 -4.33
N ALA C 98 20.37 -4.27 -4.78
CA ALA C 98 19.55 -5.29 -5.42
C ALA C 98 18.53 -5.91 -4.45
N GLY C 99 18.81 -5.85 -3.15
CA GLY C 99 17.88 -6.38 -2.18
C GLY C 99 16.66 -5.49 -2.00
N VAL C 100 16.89 -4.24 -1.57
CA VAL C 100 15.78 -3.33 -1.34
C VAL C 100 15.05 -3.01 -2.64
N ALA C 101 15.76 -3.02 -3.77
CA ALA C 101 15.13 -2.70 -5.04
C ALA C 101 14.00 -3.65 -5.39
N GLY C 102 14.01 -4.87 -4.84
CA GLY C 102 12.94 -5.82 -5.09
C GLY C 102 11.62 -5.43 -4.46
N ASP C 103 11.65 -4.63 -3.39
CA ASP C 103 10.44 -4.20 -2.70
C ASP C 103 9.76 -3.01 -3.37
N GLY C 104 10.22 -2.60 -4.55
CA GLY C 104 9.65 -1.45 -5.21
C GLY C 104 10.16 -0.15 -4.62
N VAL C 105 11.18 0.44 -5.25
CA VAL C 105 11.82 1.64 -4.73
C VAL C 105 12.25 2.53 -5.90
N TYR C 106 12.32 3.83 -5.63
CA TYR C 106 12.93 4.76 -6.56
C TYR C 106 14.45 4.71 -6.41
N ILE C 107 15.14 4.95 -7.52
CA ILE C 107 16.58 5.21 -7.51
C ILE C 107 16.77 6.70 -7.73
N GLY C 108 17.56 7.34 -6.86
CA GLY C 108 17.75 8.77 -6.93
C GLY C 108 19.20 9.14 -6.78
N GLY C 109 19.51 10.37 -7.17
CA GLY C 109 20.87 10.86 -7.06
C GLY C 109 21.01 12.35 -7.30
N HIS C 110 22.02 12.94 -6.67
CA HIS C 110 22.32 14.36 -6.82
C HIS C 110 23.75 14.47 -7.33
N LEU C 112 26.91 13.77 -9.23
CA LEU C 112 27.37 12.52 -9.85
C LEU C 112 26.47 11.36 -9.43
N GLY C 113 25.72 11.53 -8.35
CA GLY C 113 24.77 10.51 -7.95
C GLY C 113 23.67 10.30 -8.98
N GLY C 114 23.24 11.38 -9.63
CA GLY C 114 22.22 11.25 -10.65
C GLY C 114 22.65 10.34 -11.79
N HIS C 115 23.87 10.57 -12.31
CA HIS C 115 24.38 9.70 -13.37
C HIS C 115 24.51 8.26 -12.89
N ILE C 116 25.10 8.06 -11.70
CA ILE C 116 25.17 6.72 -11.15
C ILE C 116 23.77 6.14 -10.99
N ALA C 117 22.81 6.96 -10.57
CA ALA C 117 21.43 6.50 -10.44
C ALA C 117 20.88 6.03 -11.78
N PHE C 118 21.12 6.79 -12.84
CA PHE C 118 20.69 6.37 -14.18
C PHE C 118 21.32 5.03 -14.54
N TYR C 119 22.65 4.97 -14.53
CA TYR C 119 23.34 3.70 -14.77
C TYR C 119 22.81 2.62 -13.83
N LEU C 120 22.69 2.96 -12.54
CA LEU C 120 22.22 1.99 -11.56
C LEU C 120 20.84 1.46 -11.91
N ALA C 121 19.99 2.30 -12.52
CA ALA C 121 18.66 1.87 -12.90
C ALA C 121 18.69 1.02 -14.17
N THR C 122 19.49 1.40 -15.17
CA THR C 122 19.60 0.59 -16.37
C THR C 122 20.17 -0.78 -16.05
N MET C 123 21.07 -0.85 -15.07
CA MET C 123 21.65 -2.13 -14.67
C MET C 123 20.61 -2.99 -13.97
N LEU C 124 19.87 -2.41 -13.02
CA LEU C 124 18.79 -3.15 -12.37
C LEU C 124 17.75 -3.61 -13.37
N LEU C 125 17.50 -2.82 -14.41
CA LEU C 125 16.55 -3.23 -15.45
C LEU C 125 17.09 -4.40 -16.25
N ASP C 126 18.31 -4.27 -16.78
CA ASP C 126 18.93 -5.39 -17.49
C ASP C 126 18.99 -6.64 -16.60
N ARG C 127 19.06 -6.46 -15.29
CA ARG C 127 19.04 -7.58 -14.35
C ARG C 127 17.63 -8.07 -14.04
N GLY C 128 16.59 -7.34 -14.47
CA GLY C 128 15.22 -7.75 -14.26
C GLY C 128 14.52 -7.09 -13.09
N ILE C 129 15.24 -6.31 -12.28
CA ILE C 129 14.64 -5.56 -11.18
C ILE C 129 14.16 -4.22 -11.72
N ARG C 130 12.86 -3.97 -11.61
CA ARG C 130 12.27 -2.75 -12.15
C ARG C 130 12.04 -1.74 -11.04
N PRO C 131 12.80 -0.64 -10.97
CA PRO C 131 12.50 0.39 -9.97
C PRO C 131 11.17 1.06 -10.27
N LYS C 132 10.73 1.87 -9.31
CA LYS C 132 9.51 2.65 -9.47
C LYS C 132 9.76 3.94 -10.26
N GLY C 133 11.00 4.39 -10.32
CA GLY C 133 11.29 5.63 -11.01
C GLY C 133 12.71 6.06 -10.75
N LEU C 134 13.11 7.11 -11.47
CA LEU C 134 14.43 7.72 -11.34
C LEU C 134 14.25 9.15 -10.87
N ILE C 135 14.80 9.47 -9.70
CA ILE C 135 14.70 10.80 -9.13
C ILE C 135 16.03 11.51 -9.33
N ILE C 136 16.06 12.47 -10.25
CA ILE C 136 17.24 13.31 -10.47
C ILE C 136 17.09 14.59 -9.65
N LEU C 137 18.10 14.91 -8.86
CA LEU C 137 18.08 16.10 -8.00
C LEU C 137 18.99 17.16 -8.62
N ASP C 138 18.38 18.00 -9.46
CA ASP C 138 19.02 19.22 -9.98
C ASP C 138 20.36 18.93 -10.63
N THR C 139 20.39 17.96 -11.53
CA THR C 139 21.60 17.62 -12.25
C THR C 139 21.28 17.46 -13.73
N PRO C 140 22.03 18.12 -14.62
CA PRO C 140 21.78 17.95 -16.06
C PRO C 140 22.33 16.64 -16.56
N PRO C 141 22.00 16.25 -17.80
CA PRO C 141 22.51 14.98 -18.33
C PRO C 141 24.00 14.98 -18.61
N ARG C 142 24.63 16.16 -18.73
CA ARG C 142 26.06 16.27 -18.99
C ARG C 142 26.74 16.75 -17.72
N LEU C 143 27.63 15.91 -17.17
CA LEU C 143 28.28 16.23 -15.90
C LEU C 143 29.10 17.51 -15.98
N GLY C 144 29.43 17.98 -17.19
CA GLY C 144 30.20 19.20 -17.31
C GLY C 144 29.47 20.43 -16.82
N ASP C 145 28.13 20.39 -16.84
CA ASP C 145 27.33 21.52 -16.38
C ASP C 145 26.82 21.28 -14.96
N GLU C 155 37.35 31.04 -5.10
CA GLU C 155 38.78 31.36 -5.10
C GLU C 155 39.55 30.40 -5.99
N GLU C 156 40.86 30.29 -5.77
CA GLU C 156 41.67 29.31 -6.48
C GLU C 156 41.19 27.89 -6.24
N GLU C 157 40.37 27.68 -5.21
CA GLU C 157 39.82 26.35 -4.95
C GLU C 157 38.96 25.86 -6.10
N THR C 158 38.31 26.79 -6.82
CA THR C 158 37.49 26.41 -7.96
C THR C 158 38.35 25.96 -9.14
N LYS C 159 39.62 26.37 -9.19
CA LYS C 159 40.51 25.92 -10.25
C LYS C 159 40.81 24.43 -10.13
N VAL C 160 40.82 23.89 -8.91
CA VAL C 160 41.11 22.48 -8.71
C VAL C 160 40.01 21.62 -9.31
N PHE C 161 38.74 21.99 -9.05
CA PHE C 161 37.63 21.25 -9.65
C PHE C 161 37.64 21.36 -11.17
N ILE C 162 38.01 22.53 -11.69
CA ILE C 162 38.09 22.72 -13.14
C ILE C 162 39.17 21.83 -13.73
N LEU C 163 40.38 21.87 -13.16
CA LEU C 163 41.48 21.06 -13.67
C LEU C 163 41.24 19.57 -13.44
N ALA C 164 40.67 19.22 -12.28
CA ALA C 164 40.31 17.82 -12.04
C ALA C 164 39.42 17.30 -13.15
N MET C 165 38.40 18.07 -13.53
CA MET C 165 37.55 17.76 -14.66
C MET C 165 38.18 18.32 -15.94
N GLY C 166 37.45 18.25 -17.05
CA GLY C 166 37.93 18.78 -18.32
C GLY C 166 38.11 20.28 -18.28
N LYS C 179 46.15 27.28 -15.12
CA LYS C 179 47.46 27.12 -14.51
C LYS C 179 47.60 25.74 -13.87
N ASP C 180 48.42 24.89 -14.48
CA ASP C 180 48.62 23.55 -13.97
C ASP C 180 49.11 23.57 -12.53
N LEU C 181 48.67 22.59 -11.75
CA LEU C 181 49.02 22.48 -10.34
C LEU C 181 49.37 21.03 -10.05
N PRO C 182 50.38 20.77 -9.21
CA PRO C 182 50.67 19.38 -8.84
C PRO C 182 49.47 18.75 -8.16
N TYR C 183 49.23 17.47 -8.46
CA TYR C 183 48.07 16.77 -7.94
C TYR C 183 47.97 16.91 -6.43
N GLU C 184 49.04 16.57 -5.71
CA GLU C 184 49.00 16.65 -4.25
C GLU C 184 48.79 18.07 -3.75
N GLU C 185 49.31 19.06 -4.47
CA GLU C 185 49.05 20.44 -4.09
C GLU C 185 47.58 20.81 -4.28
N ALA C 186 46.92 20.19 -5.27
CA ALA C 186 45.50 20.43 -5.46
C ALA C 186 44.69 19.79 -4.35
N LYS C 187 45.01 18.55 -3.99
CA LYS C 187 44.32 17.89 -2.90
C LYS C 187 44.48 18.66 -1.60
N GLN C 188 45.65 19.27 -1.39
CA GLN C 188 45.88 19.99 -0.15
C GLN C 188 45.05 21.26 -0.06
N LEU C 189 44.84 21.93 -1.20
CA LEU C 189 43.99 23.10 -1.22
C LEU C 189 42.57 22.74 -0.78
N LEU C 190 42.00 21.70 -1.38
CA LEU C 190 40.68 21.23 -0.98
C LEU C 190 40.67 20.78 0.47
N LEU C 191 41.78 20.18 0.94
CA LEU C 191 41.84 19.70 2.31
C LEU C 191 41.86 20.85 3.31
N ASP C 192 42.66 21.89 3.03
CA ASP C 192 42.71 23.04 3.91
C ASP C 192 41.42 23.86 3.84
N ARG C 193 40.77 23.89 2.68
CA ARG C 193 39.47 24.54 2.58
C ARG C 193 38.47 23.88 3.52
N ALA C 194 38.31 22.57 3.40
CA ALA C 194 37.40 21.84 4.28
C ALA C 194 37.73 22.08 5.75
N LYS C 195 39.01 22.04 6.11
CA LYS C 195 39.38 22.14 7.52
C LYS C 195 39.12 23.55 8.07
N ASN C 196 39.14 24.56 7.21
CA ASN C 196 38.79 25.91 7.67
C ASN C 196 37.40 25.92 8.29
N ASP C 197 36.46 25.20 7.69
CA ASP C 197 35.09 25.17 8.18
C ASP C 197 35.08 24.58 9.60
N PRO C 198 34.48 25.27 10.57
CA PRO C 198 34.44 24.71 11.93
C PRO C 198 33.57 23.47 12.05
N ARG C 199 32.55 23.32 11.22
CA ARG C 199 31.76 22.09 11.25
C ARG C 199 32.64 20.88 11.03
N VAL C 200 33.59 20.98 10.09
CA VAL C 200 34.49 19.87 9.82
C VAL C 200 35.45 19.67 10.98
N SER C 201 36.19 20.72 11.34
CA SER C 201 37.23 20.59 12.36
C SER C 201 36.66 20.10 13.67
N ALA C 202 35.41 20.43 13.99
CA ALA C 202 34.84 20.11 15.28
C ALA C 202 34.15 18.76 15.31
N PHE C 203 33.67 18.25 14.17
CA PHE C 203 32.78 17.09 14.19
C PHE C 203 33.17 15.99 13.21
N LEU C 204 33.81 16.33 12.09
CA LEU C 204 34.10 15.35 11.06
C LEU C 204 35.44 14.66 11.31
N SER C 205 35.45 13.35 11.16
CA SER C 205 36.66 12.58 11.35
C SER C 205 37.70 12.96 10.31
N GLU C 206 38.92 13.24 10.77
CA GLU C 206 40.01 13.56 9.85
C GLU C 206 40.26 12.42 8.87
N ASP C 207 40.05 11.18 9.30
CA ASP C 207 40.28 10.04 8.42
C ASP C 207 39.16 9.88 7.41
N TYR C 208 37.92 10.15 7.82
CA TYR C 208 36.81 10.14 6.88
C TYR C 208 36.97 11.24 5.84
N LEU C 209 37.36 12.44 6.29
CA LEU C 209 37.58 13.53 5.35
C LEU C 209 38.60 13.15 4.29
N ASP C 210 39.78 12.69 4.73
CA ASP C 210 40.82 12.29 3.79
C ASP C 210 40.34 11.21 2.84
N ARG C 211 39.64 10.19 3.35
CA ARG C 211 39.08 9.17 2.48
C ARG C 211 38.08 9.77 1.51
N PHE C 212 37.20 10.64 2.00
CA PHE C 212 36.26 11.32 1.12
C PHE C 212 37.01 12.12 0.05
N LEU C 213 37.97 12.94 0.48
CA LEU C 213 38.68 13.81 -0.47
C LEU C 213 39.45 13.00 -1.49
N ARG C 214 40.09 11.90 -1.06
CA ARG C 214 40.83 11.08 -1.99
C ARG C 214 39.93 10.51 -3.08
N LEU C 215 38.76 10.01 -2.69
CA LEU C 215 37.85 9.41 -3.67
C LEU C 215 37.19 10.47 -4.54
N GLN C 216 36.99 11.67 -4.02
CA GLN C 216 36.37 12.73 -4.83
C GLN C 216 37.27 13.12 -6.00
N MET C 217 38.52 13.49 -5.70
CA MET C 217 39.48 13.75 -6.77
C MET C 217 39.52 12.61 -7.77
N HIS C 218 39.47 11.37 -7.28
CA HIS C 218 39.49 10.20 -8.16
C HIS C 218 38.26 10.16 -9.05
N GLN C 219 37.09 10.51 -8.50
CA GLN C 219 35.88 10.48 -9.31
C GLN C 219 35.77 11.72 -10.19
N LEU C 220 36.33 12.85 -9.77
CA LEU C 220 36.34 14.03 -10.63
C LEU C 220 37.25 13.83 -11.82
N MET C 221 38.39 13.14 -11.63
CA MET C 221 39.34 12.98 -12.72
C MET C 221 38.82 12.06 -13.82
N TYR C 222 38.03 11.05 -13.47
CA TYR C 222 37.37 10.24 -14.49
C TYR C 222 35.98 10.76 -14.82
N SER C 223 35.60 11.93 -14.31
CA SER C 223 34.28 12.48 -14.56
C SER C 223 34.04 12.72 -16.05
N ARG C 224 35.11 13.00 -16.81
CA ARG C 224 34.96 13.19 -18.24
C ARG C 224 34.46 11.92 -18.92
N ASP C 225 34.81 10.75 -18.38
CA ASP C 225 34.33 9.49 -18.95
C ASP C 225 32.85 9.27 -18.62
N VAL C 226 32.36 9.86 -17.53
CA VAL C 226 30.98 9.69 -17.12
C VAL C 226 30.08 10.45 -18.10
N VAL C 227 29.45 9.71 -19.01
CA VAL C 227 28.46 10.27 -19.93
C VAL C 227 27.30 9.30 -20.01
N LEU C 228 26.08 9.80 -19.88
CA LEU C 228 24.91 8.95 -19.93
C LEU C 228 24.96 8.08 -21.19
N PRO C 229 24.68 6.79 -21.09
CA PRO C 229 24.76 5.93 -22.28
C PRO C 229 23.63 6.23 -23.24
N GLN C 230 23.81 5.77 -24.48
CA GLN C 230 22.73 5.85 -25.46
C GLN C 230 21.60 4.94 -25.02
N ARG C 231 20.67 5.46 -24.22
CA ARG C 231 19.67 4.60 -23.60
C ARG C 231 18.46 5.43 -23.18
N LYS C 232 17.29 4.80 -23.23
CA LYS C 232 16.05 5.41 -22.77
C LYS C 232 15.40 4.49 -21.75
N LEU C 233 14.87 5.06 -20.68
CA LEU C 233 14.29 4.29 -19.60
C LEU C 233 12.78 4.22 -19.75
N ASP C 234 12.23 3.03 -19.50
CA ASP C 234 10.79 2.84 -19.50
C ASP C 234 10.15 3.25 -18.18
N ILE C 235 10.94 3.35 -17.11
CA ILE C 235 10.42 3.78 -15.81
C ILE C 235 10.20 5.28 -15.87
N PRO C 236 9.28 5.84 -15.09
CA PRO C 236 9.11 7.30 -15.07
C PRO C 236 10.33 7.99 -14.48
N ILE C 237 10.62 9.17 -15.02
CA ILE C 237 11.76 9.98 -14.60
C ILE C 237 11.24 11.29 -14.03
N HIS C 238 11.57 11.57 -12.78
CA HIS C 238 11.23 12.84 -12.14
C HIS C 238 12.49 13.68 -12.01
N VAL C 239 12.48 14.86 -12.62
CA VAL C 239 13.61 15.77 -12.57
C VAL C 239 13.20 16.95 -11.68
N PHE C 240 13.83 17.05 -10.52
CA PHE C 240 13.67 18.20 -9.63
C PHE C 240 14.85 19.13 -9.84
N ARG C 241 14.58 20.32 -10.38
CA ARG C 241 15.63 21.24 -10.77
C ARG C 241 15.36 22.63 -10.20
N THR C 242 16.44 23.31 -9.81
CA THR C 242 16.36 24.67 -9.30
C THR C 242 16.19 25.66 -10.44
N LYS C 243 15.82 26.89 -10.08
CA LYS C 243 15.47 27.92 -11.05
C LYS C 243 16.41 29.12 -11.00
N ASN C 244 17.62 28.93 -10.46
CA ASN C 244 18.62 29.98 -10.43
C ASN C 244 19.75 29.73 -11.43
N HIS C 245 19.68 28.65 -12.19
CA HIS C 245 20.71 28.36 -13.18
C HIS C 245 20.77 29.47 -14.22
N ALA C 246 21.94 29.62 -14.84
CA ALA C 246 22.07 30.54 -15.95
C ALA C 246 21.42 29.94 -17.19
N PRO C 247 20.92 30.78 -18.10
CA PRO C 247 20.22 30.25 -19.29
C PRO C 247 20.98 29.13 -19.99
N GLU C 248 22.31 29.18 -20.02
CA GLU C 248 23.08 28.13 -20.69
C GLU C 248 22.86 26.78 -20.01
N VAL C 249 22.75 26.77 -18.69
CA VAL C 249 22.53 25.52 -17.97
C VAL C 249 21.06 25.16 -17.88
N ALA C 250 20.18 26.16 -17.77
CA ALA C 250 18.75 25.88 -17.69
C ALA C 250 18.25 25.15 -18.94
N ARG C 251 18.83 25.47 -20.10
CA ARG C 251 18.43 24.82 -21.34
C ARG C 251 18.84 23.35 -21.40
N LEU C 252 19.72 22.90 -20.51
CA LEU C 252 20.23 21.55 -20.59
C LEU C 252 19.32 20.53 -19.91
N PHE C 253 18.51 20.96 -18.95
CA PHE C 253 17.69 20.01 -18.21
C PHE C 253 16.61 19.39 -19.10
N SER C 254 16.15 20.11 -20.11
CA SER C 254 15.12 19.56 -20.98
C SER C 254 15.62 18.35 -21.75
N ALA C 255 16.94 18.23 -21.92
CA ALA C 255 17.50 17.07 -22.61
C ALA C 255 17.21 15.76 -21.88
N TRP C 256 16.81 15.82 -20.62
CA TRP C 256 16.44 14.60 -19.91
C TRP C 256 15.33 13.83 -20.63
N GLU C 257 14.52 14.53 -21.43
CA GLU C 257 13.49 13.85 -22.18
C GLU C 257 14.08 12.89 -23.21
N ASN C 258 15.31 13.16 -23.66
CA ASN C 258 15.96 12.27 -24.62
C ASN C 258 16.28 10.91 -24.02
N TYR C 259 16.26 10.78 -22.69
CA TYR C 259 16.54 9.51 -22.02
C TYR C 259 15.29 8.89 -21.41
N ALA C 260 14.12 9.42 -21.71
CA ALA C 260 12.87 8.94 -21.14
C ALA C 260 12.02 8.30 -22.24
N ALA C 261 11.77 7.01 -22.10
CA ALA C 261 10.90 6.30 -23.03
C ALA C 261 9.43 6.39 -22.66
N GLY C 262 9.13 6.75 -21.41
CA GLY C 262 7.75 6.88 -20.97
C GLY C 262 7.46 8.22 -20.33
N GLU C 263 7.03 8.19 -19.07
CA GLU C 263 6.67 9.41 -18.35
C GLU C 263 7.93 10.11 -17.85
N VAL C 264 7.92 11.43 -17.94
CA VAL C 264 9.02 12.25 -17.42
C VAL C 264 8.41 13.54 -16.88
N THR C 265 8.84 13.95 -15.69
CA THR C 265 8.25 15.07 -14.97
C THR C 265 9.34 16.07 -14.58
N PHE C 266 9.12 17.34 -14.88
CA PHE C 266 10.03 18.42 -14.49
C PHE C 266 9.36 19.25 -13.39
N VAL C 267 10.03 19.36 -12.24
CA VAL C 267 9.47 19.97 -11.05
C VAL C 267 10.43 21.03 -10.55
N ASP C 268 9.90 22.22 -10.25
CA ASP C 268 10.70 23.31 -9.71
C ASP C 268 10.95 23.07 -8.22
N ILE C 269 12.18 23.35 -7.79
CA ILE C 269 12.52 23.31 -6.36
C ILE C 269 13.27 24.57 -6.00
N PRO C 270 13.23 25.01 -4.74
CA PRO C 270 13.96 26.20 -4.33
C PRO C 270 15.43 25.89 -4.02
N GLY C 271 16.21 26.95 -3.93
CA GLY C 271 17.61 26.83 -3.61
C GLY C 271 18.50 26.77 -4.83
N ASP C 272 19.72 26.30 -4.61
CA ASP C 272 20.71 26.11 -5.65
C ASP C 272 21.12 24.63 -5.70
N HIS C 273 22.05 24.32 -6.59
CA HIS C 273 22.52 22.94 -6.73
C HIS C 273 23.03 22.40 -5.40
N ALA C 274 23.68 23.25 -4.61
CA ALA C 274 24.26 22.83 -3.34
C ALA C 274 23.30 23.00 -2.17
N THR C 275 22.63 24.15 -2.09
CA THR C 275 21.82 24.48 -0.94
C THR C 275 20.49 23.75 -0.89
N MET C 276 20.10 23.04 -1.96
CA MET C 276 18.77 22.44 -2.01
C MET C 276 18.64 21.25 -1.05
N LEU C 277 19.75 20.66 -0.62
CA LEU C 277 19.72 19.50 0.26
C LEU C 277 19.87 19.88 1.72
N ARG C 278 19.88 21.17 2.04
CA ARG C 278 19.97 21.64 3.41
C ARG C 278 18.96 22.74 3.64
N ALA C 279 18.82 23.15 4.90
CA ALA C 279 17.92 24.22 5.24
C ALA C 279 18.41 25.55 4.64
N PRO C 280 17.50 26.48 4.31
CA PRO C 280 16.05 26.41 4.53
C PRO C 280 15.25 25.82 3.38
N HIS C 281 15.93 25.22 2.40
CA HIS C 281 15.27 24.75 1.19
C HIS C 281 14.85 23.29 1.26
N VAL C 282 15.64 22.44 1.94
CA VAL C 282 15.41 21.01 1.89
C VAL C 282 14.02 20.64 2.38
N SER C 283 13.48 21.39 3.34
CA SER C 283 12.14 21.10 3.85
C SER C 283 11.11 21.14 2.74
N GLU C 284 11.23 22.12 1.82
CA GLU C 284 10.26 22.21 0.72
C GLU C 284 10.58 21.21 -0.37
N VAL C 285 11.87 20.97 -0.64
CA VAL C 285 12.26 19.90 -1.55
C VAL C 285 11.63 18.58 -1.12
N ALA C 286 11.75 18.27 0.17
CA ALA C 286 11.19 17.02 0.69
C ALA C 286 9.67 16.99 0.51
N GLN C 287 9.00 18.12 0.75
CA GLN C 287 7.55 18.16 0.54
C GLN C 287 7.19 17.99 -0.92
N LEU C 288 8.03 18.47 -1.84
CA LEU C 288 7.77 18.27 -3.25
C LEU C 288 8.06 16.82 -3.69
N LEU C 289 9.01 16.17 -3.03
CA LEU C 289 9.25 14.75 -3.33
C LEU C 289 8.07 13.90 -2.88
N ASP C 290 7.51 14.18 -1.71
CA ASP C 290 6.33 13.47 -1.24
C ASP C 290 5.16 13.66 -2.18
N ARG C 291 4.98 14.88 -2.68
CA ARG C 291 3.81 15.21 -3.50
C ARG C 291 3.82 14.46 -4.83
N HIS C 292 4.97 14.44 -5.50
CA HIS C 292 5.05 13.86 -6.84
C HIS C 292 5.38 12.37 -6.85
N CYS C 293 6.10 11.88 -5.85
CA CYS C 293 6.55 10.50 -5.84
C CYS C 293 6.12 9.71 -4.61
N GLY C 294 5.81 10.37 -3.50
CA GLY C 294 5.49 9.69 -2.28
C GLY C 294 4.00 9.49 -2.09
N LEU C 295 3.63 9.15 -0.85
CA LEU C 295 2.24 8.89 -0.49
C LEU C 295 2.10 8.88 1.03
N PRO C 296 2.01 10.06 1.68
CA PRO C 296 1.76 10.12 3.13
C PRO C 296 0.40 9.53 3.51
N THR D 25 -13.47 27.13 -40.59
CA THR D 25 -13.21 27.04 -42.03
C THR D 25 -12.25 28.15 -42.45
N ALA D 26 -12.78 29.37 -42.53
CA ALA D 26 -11.98 30.57 -42.74
C ALA D 26 -11.59 31.23 -41.43
N LYS D 27 -11.82 30.58 -40.29
CA LYS D 27 -11.47 31.10 -38.98
C LYS D 27 -10.11 30.62 -38.51
N LEU D 28 -9.26 30.14 -39.41
CA LEU D 28 -7.89 29.79 -39.07
C LEU D 28 -7.08 31.08 -38.97
N VAL D 29 -6.61 31.41 -37.78
CA VAL D 29 -5.93 32.67 -37.51
C VAL D 29 -4.44 32.38 -37.39
N ARG D 30 -3.64 33.15 -38.12
CA ARG D 30 -2.19 33.02 -38.06
C ARG D 30 -1.67 33.94 -36.96
N LEU D 31 -1.03 33.35 -35.95
CA LEU D 31 -0.39 34.12 -34.90
C LEU D 31 1.03 34.48 -35.35
N ASN D 32 1.76 35.20 -34.50
CA ASN D 32 2.98 35.89 -34.91
C ASN D 32 4.14 35.50 -34.00
N PRO D 33 4.65 34.28 -34.15
CA PRO D 33 5.81 33.87 -33.34
C PRO D 33 7.03 34.76 -33.61
N ARG D 34 7.95 34.75 -32.65
CA ARG D 34 9.18 35.54 -32.80
C ARG D 34 10.08 34.93 -33.86
N GLY D 35 10.12 33.60 -33.95
CA GLY D 35 10.93 32.93 -34.95
C GLY D 35 10.11 32.20 -35.99
N GLY D 36 10.68 32.00 -37.18
CA GLY D 36 10.02 31.26 -38.22
C GLY D 36 10.65 29.90 -38.47
N ASP D 37 11.64 29.56 -37.65
CA ASP D 37 12.31 28.27 -37.73
C ASP D 37 11.74 27.36 -36.65
N GLY D 38 11.35 26.15 -37.04
CA GLY D 38 10.83 25.18 -36.10
C GLY D 38 9.55 24.54 -36.60
N PRO D 39 8.98 23.65 -35.79
CA PRO D 39 7.71 23.03 -36.16
C PRO D 39 6.54 23.96 -35.87
N GLY D 40 5.42 23.68 -36.54
CA GLY D 40 4.23 24.50 -36.38
C GLY D 40 3.40 24.09 -35.18
N ILE D 41 2.47 24.97 -34.82
CA ILE D 41 1.49 24.69 -33.78
C ILE D 41 0.13 25.19 -34.24
N VAL D 42 -0.89 24.37 -34.01
CA VAL D 42 -2.28 24.75 -34.21
C VAL D 42 -2.98 24.63 -32.86
N PHE D 43 -3.47 25.75 -32.34
CA PHE D 43 -4.13 25.79 -31.05
C PHE D 43 -5.65 25.76 -31.22
N ALA D 44 -6.34 24.95 -30.35
CA ALA D 44 -7.79 24.99 -30.27
C ALA D 44 -8.23 25.91 -29.13
N PRO D 45 -9.37 26.59 -29.26
CA PRO D 45 -9.70 27.65 -28.31
C PRO D 45 -10.30 27.11 -27.03
N PRO D 46 -10.13 27.80 -25.91
CA PRO D 46 -10.80 27.39 -24.66
C PRO D 46 -12.28 27.77 -24.67
N ALA D 47 -12.96 27.54 -23.55
CA ALA D 47 -14.33 27.99 -23.39
C ALA D 47 -14.42 29.47 -23.73
N GLY D 48 -15.28 29.80 -24.70
CA GLY D 48 -15.35 31.13 -25.27
C GLY D 48 -14.99 31.21 -26.74
N GLY D 49 -14.24 30.24 -27.25
CA GLY D 49 -13.95 30.16 -28.67
C GLY D 49 -12.97 31.20 -29.18
N THR D 50 -12.32 31.95 -28.30
CA THR D 50 -11.42 33.01 -28.73
C THR D 50 -9.98 32.52 -28.81
N VAL D 51 -9.25 33.03 -29.80
CA VAL D 51 -7.82 32.75 -29.94
C VAL D 51 -6.96 33.83 -29.31
N LEU D 52 -7.56 34.87 -28.75
CA LEU D 52 -6.80 36.02 -28.28
C LEU D 52 -5.95 35.70 -27.06
N GLY D 53 -6.31 34.66 -26.29
CA GLY D 53 -5.50 34.25 -25.16
C GLY D 53 -4.17 33.63 -25.54
N TYR D 54 -3.96 33.32 -26.82
CA TYR D 54 -2.70 32.76 -27.30
C TYR D 54 -1.80 33.79 -27.97
N ILE D 55 -2.27 35.04 -28.09
CA ILE D 55 -1.50 36.03 -28.84
C ILE D 55 -0.17 36.32 -28.15
N GLU D 56 -0.22 36.70 -26.88
CA GLU D 56 1.00 37.05 -26.17
C GLU D 56 1.92 35.85 -26.05
N LEU D 57 1.33 34.67 -25.81
CA LEU D 57 2.12 33.44 -25.79
C LEU D 57 2.85 33.25 -27.11
N ALA D 58 2.11 33.25 -28.22
CA ALA D 58 2.72 33.04 -29.53
C ALA D 58 3.82 34.07 -29.79
N ARG D 59 3.58 35.34 -29.43
CA ARG D 59 4.57 36.37 -29.71
C ARG D 59 5.84 36.22 -28.88
N HIS D 60 5.84 35.39 -27.84
CA HIS D 60 7.02 35.15 -27.04
C HIS D 60 7.78 33.90 -27.45
N LEU D 61 7.32 33.19 -28.47
CA LEU D 61 7.85 31.86 -28.79
C LEU D 61 8.99 31.96 -29.79
N LYS D 62 10.16 31.45 -29.40
CA LYS D 62 11.30 31.26 -30.28
C LYS D 62 11.57 29.77 -30.33
N GLY D 63 11.27 29.13 -31.47
CA GLY D 63 11.48 27.70 -31.58
C GLY D 63 10.46 27.01 -32.46
N PHE D 64 9.44 27.75 -32.88
CA PHE D 64 8.38 27.19 -33.72
C PHE D 64 8.23 28.06 -34.96
N GLY D 65 7.96 27.41 -36.09
CA GLY D 65 7.76 28.13 -37.33
C GLY D 65 6.44 28.86 -37.39
N GLU D 66 5.42 28.18 -37.87
CA GLU D 66 4.09 28.78 -38.08
C GLU D 66 3.17 28.40 -36.93
N ILE D 67 2.60 29.41 -36.28
CA ILE D 67 1.65 29.21 -35.19
C ILE D 67 0.27 29.65 -35.67
N HIS D 68 -0.72 28.77 -35.47
CA HIS D 68 -2.09 29.05 -35.87
C HIS D 68 -3.02 28.82 -34.69
N GLY D 69 -4.20 29.44 -34.77
CA GLY D 69 -5.29 29.18 -33.84
C GLY D 69 -6.62 29.35 -34.55
N VAL D 70 -7.60 28.49 -34.24
CA VAL D 70 -8.90 28.56 -34.88
C VAL D 70 -9.84 29.35 -33.99
N GLU D 71 -10.53 30.31 -34.58
CA GLU D 71 -11.52 31.11 -33.89
C GLU D 71 -12.89 30.46 -34.05
N ALA D 72 -13.59 30.27 -32.93
CA ALA D 72 -14.94 29.75 -33.01
C ALA D 72 -15.81 30.69 -33.86
N PRO D 73 -16.83 30.15 -34.52
CA PRO D 73 -17.71 31.01 -35.33
C PRO D 73 -18.60 31.89 -34.45
N GLY D 74 -19.04 33.00 -35.03
CA GLY D 74 -19.99 33.87 -34.38
C GLY D 74 -19.40 34.89 -33.44
N LEU D 75 -18.09 35.09 -33.46
CA LEU D 75 -17.46 36.09 -32.59
C LEU D 75 -17.09 37.36 -33.33
N GLY D 76 -16.63 37.25 -34.57
CA GLY D 76 -16.23 38.43 -35.30
C GLY D 76 -17.41 39.33 -35.64
N ALA D 77 -17.11 40.62 -35.77
CA ALA D 77 -18.11 41.55 -36.25
C ALA D 77 -18.57 41.13 -37.65
N GLY D 78 -19.85 41.33 -37.93
CA GLY D 78 -20.39 40.88 -39.20
C GLY D 78 -20.67 39.40 -39.28
N GLU D 79 -20.58 38.67 -38.16
CA GLU D 79 -20.95 37.28 -38.08
C GLU D 79 -22.16 37.11 -37.16
N THR D 80 -22.99 36.14 -37.47
CA THR D 80 -24.11 35.80 -36.59
C THR D 80 -23.62 34.92 -35.44
N PRO D 81 -23.88 35.28 -34.19
CA PRO D 81 -23.50 34.38 -33.09
C PRO D 81 -24.12 33.00 -33.25
N VAL D 82 -23.32 31.98 -32.97
CA VAL D 82 -23.76 30.59 -33.07
C VAL D 82 -23.23 29.83 -31.86
N TYR D 83 -23.94 28.78 -31.49
CA TYR D 83 -23.67 28.03 -30.26
C TYR D 83 -23.78 26.54 -30.56
N PRO D 84 -22.81 25.98 -31.28
CA PRO D 84 -22.86 24.57 -31.65
C PRO D 84 -22.52 23.66 -30.47
N SER D 85 -22.90 22.40 -30.63
CA SER D 85 -22.52 21.39 -29.65
C SER D 85 -21.01 21.17 -29.68
N PHE D 86 -20.51 20.48 -28.65
CA PHE D 86 -19.08 20.20 -28.59
C PHE D 86 -18.63 19.43 -29.82
N GLU D 87 -19.37 18.39 -30.20
CA GLU D 87 -18.98 17.60 -31.37
C GLU D 87 -18.94 18.47 -32.61
N GLU D 88 -19.95 19.32 -32.81
CA GLU D 88 -19.92 20.26 -33.92
C GLU D 88 -18.76 21.22 -33.79
N MET D 89 -18.46 21.66 -32.57
CA MET D 89 -17.30 22.53 -32.36
C MET D 89 -16.02 21.81 -32.74
N VAL D 90 -15.89 20.54 -32.37
CA VAL D 90 -14.71 19.76 -32.73
C VAL D 90 -14.59 19.65 -34.24
N GLN D 91 -15.73 19.46 -34.92
CA GLN D 91 -15.69 19.32 -36.38
C GLN D 91 -15.28 20.62 -37.04
N PHE D 92 -15.73 21.76 -36.51
CA PHE D 92 -15.36 23.05 -37.09
C PHE D 92 -13.87 23.28 -37.02
N CYS D 93 -13.25 22.95 -35.87
CA CYS D 93 -11.82 23.13 -35.72
C CYS D 93 -11.04 22.19 -36.65
N SER D 94 -11.60 21.02 -36.96
CA SER D 94 -10.90 20.08 -37.84
C SER D 94 -10.84 20.63 -39.26
N ASP D 95 -11.96 21.13 -39.78
CA ASP D 95 -11.97 21.68 -41.12
C ASP D 95 -11.20 22.99 -41.20
N SER D 96 -11.19 23.76 -40.11
CA SER D 96 -10.46 25.02 -40.10
C SER D 96 -8.96 24.80 -40.12
N ALA D 97 -8.48 23.70 -39.53
CA ALA D 97 -7.06 23.41 -39.44
C ALA D 97 -6.60 22.38 -40.47
N ALA D 98 -7.50 21.92 -41.34
CA ALA D 98 -7.13 20.90 -42.32
C ALA D 98 -5.97 21.34 -43.20
N GLY D 99 -5.82 22.64 -43.42
CA GLY D 99 -4.77 23.15 -44.28
C GLY D 99 -3.44 23.35 -43.61
N VAL D 100 -3.33 23.14 -42.31
CA VAL D 100 -2.10 23.40 -41.56
C VAL D 100 -1.76 22.25 -40.65
N ALA D 101 -2.79 21.55 -40.15
CA ALA D 101 -2.58 20.47 -39.19
C ALA D 101 -2.13 19.22 -39.95
N GLY D 102 -0.85 18.91 -39.86
CA GLY D 102 -0.30 17.74 -40.54
C GLY D 102 0.95 17.23 -39.85
N ASP D 103 1.76 16.44 -40.58
CA ASP D 103 2.98 15.90 -39.99
C ASP D 103 3.96 17.02 -39.65
N GLY D 104 4.65 16.87 -38.52
CA GLY D 104 5.56 17.90 -38.06
C GLY D 104 4.89 19.13 -37.49
N VAL D 105 3.60 19.04 -37.16
CA VAL D 105 2.85 20.16 -36.60
C VAL D 105 2.21 19.69 -35.30
N TYR D 106 2.42 20.46 -34.23
CA TYR D 106 1.78 20.18 -32.96
C TYR D 106 0.31 20.60 -32.98
N ILE D 107 -0.52 19.80 -32.32
CA ILE D 107 -1.87 20.22 -31.97
C ILE D 107 -1.86 20.60 -30.50
N GLY D 108 -2.42 21.76 -30.16
CA GLY D 108 -2.34 22.26 -28.81
C GLY D 108 -3.65 22.91 -28.40
N GLY D 109 -3.79 23.08 -27.08
CA GLY D 109 -4.98 23.69 -26.53
C GLY D 109 -4.90 23.96 -25.04
N HIS D 110 -5.57 25.03 -24.61
CA HIS D 110 -5.63 25.39 -23.20
C HIS D 110 -7.04 25.19 -22.68
N LEU D 112 -10.49 24.03 -22.15
CA LEU D 112 -11.36 23.25 -23.02
C LEU D 112 -10.68 23.00 -24.37
N GLY D 113 -9.80 23.91 -24.76
CA GLY D 113 -9.07 23.74 -26.00
C GLY D 113 -8.19 22.50 -25.97
N GLY D 114 -7.73 22.10 -24.79
CA GLY D 114 -6.94 20.89 -24.69
C GLY D 114 -7.72 19.65 -25.07
N HIS D 115 -9.00 19.60 -24.71
CA HIS D 115 -9.83 18.46 -25.05
C HIS D 115 -10.18 18.44 -26.53
N ILE D 116 -10.34 19.61 -27.15
CA ILE D 116 -10.56 19.67 -28.58
C ILE D 116 -9.28 19.24 -29.31
N ALA D 117 -8.13 19.77 -28.87
CA ALA D 117 -6.87 19.37 -29.48
C ALA D 117 -6.72 17.85 -29.48
N PHE D 118 -7.09 17.20 -28.37
CA PHE D 118 -6.99 15.75 -28.30
C PHE D 118 -7.86 15.08 -29.35
N TYR D 119 -9.09 15.58 -29.54
CA TYR D 119 -9.96 15.04 -30.58
C TYR D 119 -9.35 15.24 -31.96
N LEU D 120 -8.85 16.46 -32.24
CA LEU D 120 -8.25 16.72 -33.54
C LEU D 120 -7.08 15.79 -33.81
N ALA D 121 -6.35 15.40 -32.77
CA ALA D 121 -5.23 14.47 -32.96
C ALA D 121 -5.74 13.08 -33.32
N THR D 122 -6.74 12.59 -32.60
CA THR D 122 -7.30 11.28 -32.93
C THR D 122 -7.90 11.30 -34.34
N MET D 123 -8.62 12.35 -34.68
CA MET D 123 -9.20 12.46 -36.01
C MET D 123 -8.12 12.52 -37.08
N LEU D 124 -7.05 13.25 -36.83
CA LEU D 124 -5.93 13.28 -37.76
C LEU D 124 -5.30 11.90 -37.90
N LEU D 125 -5.16 11.18 -36.78
CA LEU D 125 -4.57 9.85 -36.82
C LEU D 125 -5.47 8.86 -37.55
N ASP D 126 -6.78 8.91 -37.28
CA ASP D 126 -7.71 8.05 -37.99
C ASP D 126 -7.60 8.23 -39.50
N ARG D 127 -7.08 9.36 -39.96
CA ARG D 127 -6.88 9.63 -41.38
C ARG D 127 -5.44 9.39 -41.81
N GLY D 128 -4.65 8.69 -40.99
CA GLY D 128 -3.27 8.42 -41.34
C GLY D 128 -2.35 9.62 -41.25
N ILE D 129 -2.78 10.69 -40.60
CA ILE D 129 -1.95 11.87 -40.40
C ILE D 129 -1.43 11.85 -38.98
N ARG D 130 -0.10 11.97 -38.83
CA ARG D 130 0.55 11.84 -37.53
C ARG D 130 1.09 13.20 -37.08
N PRO D 131 0.42 13.91 -36.17
CA PRO D 131 0.98 15.15 -35.64
C PRO D 131 2.27 14.88 -34.89
N LYS D 132 3.08 15.93 -34.77
CA LYS D 132 4.34 15.83 -34.04
C LYS D 132 4.10 15.56 -32.56
N GLY D 133 2.95 15.99 -32.04
CA GLY D 133 2.66 15.82 -30.64
C GLY D 133 1.46 16.64 -30.23
N LEU D 134 1.07 16.45 -28.98
CA LEU D 134 -0.07 17.14 -28.38
C LEU D 134 0.42 17.99 -27.22
N ILE D 135 0.03 19.26 -27.22
CA ILE D 135 0.42 20.20 -26.17
C ILE D 135 -0.82 20.60 -25.39
N ILE D 136 -0.84 20.24 -24.10
CA ILE D 136 -1.95 20.55 -23.21
C ILE D 136 -1.47 21.60 -22.22
N LEU D 137 -2.25 22.68 -22.09
CA LEU D 137 -1.90 23.80 -21.21
C LEU D 137 -2.79 23.73 -19.97
N ASP D 138 -2.27 23.11 -18.91
CA ASP D 138 -2.82 23.18 -17.56
C ASP D 138 -4.27 22.70 -17.50
N THR D 139 -4.57 21.60 -18.17
CA THR D 139 -5.92 21.03 -18.15
C THR D 139 -5.85 19.54 -17.85
N PRO D 140 -6.60 19.04 -16.87
CA PRO D 140 -6.70 17.59 -16.67
C PRO D 140 -7.56 16.95 -17.75
N PRO D 141 -7.49 15.63 -17.91
CA PRO D 141 -8.23 14.98 -19.00
C PRO D 141 -9.73 14.86 -18.75
N ARG D 142 -10.21 15.13 -17.54
CA ARG D 142 -11.63 15.15 -17.23
C ARG D 142 -11.95 16.51 -16.65
N LEU D 143 -12.65 17.35 -17.42
CA LEU D 143 -13.00 18.68 -16.95
C LEU D 143 -13.89 18.59 -15.73
N GLY D 144 -13.88 19.67 -14.94
CA GLY D 144 -14.50 19.69 -13.63
C GLY D 144 -13.50 19.72 -12.49
N ASP D 145 -12.22 19.80 -12.79
CA ASP D 145 -11.16 19.89 -11.78
C ASP D 145 -10.32 21.13 -11.99
N ILE D 146 -10.96 22.22 -12.38
CA ILE D 146 -10.31 23.51 -12.62
C ILE D 146 -10.77 24.47 -11.53
N PRO D 147 -9.86 25.10 -10.77
CA PRO D 147 -10.27 26.05 -9.73
C PRO D 147 -11.20 27.14 -10.25
N THR D 154 -13.82 36.07 -6.64
CA THR D 154 -14.64 36.22 -5.43
C THR D 154 -15.53 35.00 -5.23
N GLU D 155 -16.30 35.01 -4.14
CA GLU D 155 -17.15 33.85 -3.81
C GLU D 155 -18.22 33.64 -4.87
N GLU D 156 -18.87 34.73 -5.31
CA GLU D 156 -19.90 34.61 -6.34
C GLU D 156 -19.29 34.11 -7.66
N GLU D 157 -18.18 34.71 -8.09
CA GLU D 157 -17.49 34.24 -9.28
C GLU D 157 -17.19 32.74 -9.20
N THR D 158 -17.04 32.21 -7.99
CA THR D 158 -16.87 30.77 -7.82
C THR D 158 -18.19 30.04 -7.99
N LYS D 159 -19.27 30.61 -7.47
CA LYS D 159 -20.59 29.99 -7.62
C LYS D 159 -20.96 29.83 -9.08
N VAL D 160 -20.81 30.89 -9.87
CA VAL D 160 -21.23 30.84 -11.27
C VAL D 160 -20.55 29.68 -11.98
N PHE D 161 -19.22 29.68 -12.03
CA PHE D 161 -18.50 28.63 -12.74
C PHE D 161 -18.90 27.25 -12.21
N ILE D 162 -18.73 27.03 -10.91
CA ILE D 162 -19.02 25.72 -10.32
C ILE D 162 -20.45 25.31 -10.64
N LEU D 163 -21.40 26.25 -10.54
CA LEU D 163 -22.79 25.92 -10.83
C LEU D 163 -23.05 25.83 -12.32
N ALA D 164 -22.38 26.68 -13.11
CA ALA D 164 -22.56 26.63 -14.56
C ALA D 164 -22.19 25.25 -15.10
N MET D 165 -21.03 24.73 -14.72
CA MET D 165 -20.61 23.42 -15.17
C MET D 165 -21.58 22.36 -14.67
N GLY D 166 -22.18 21.62 -15.60
CA GLY D 166 -23.12 20.57 -15.25
C GLY D 166 -24.52 20.79 -15.78
N ILE D 167 -25.03 22.01 -15.63
CA ILE D 167 -26.37 22.33 -16.13
C ILE D 167 -26.38 22.18 -17.64
N GLY D 168 -27.26 21.31 -18.15
CA GLY D 168 -27.24 21.00 -19.57
C GLY D 168 -27.20 22.23 -20.46
N GLY D 169 -27.91 23.28 -20.06
CA GLY D 169 -27.98 24.50 -20.84
C GLY D 169 -29.12 24.55 -21.84
N MET D 170 -29.75 23.40 -22.13
CA MET D 170 -30.84 23.39 -23.07
C MET D 170 -32.01 24.20 -22.54
N LEU D 171 -32.78 24.77 -23.46
CA LEU D 171 -33.87 25.67 -23.07
C LEU D 171 -34.98 24.93 -22.35
N ASP D 172 -35.28 23.70 -22.78
CA ASP D 172 -36.32 22.90 -22.16
C ASP D 172 -35.77 21.83 -21.22
N GLN D 173 -34.85 20.98 -21.71
CA GLN D 173 -34.35 19.87 -20.91
C GLN D 173 -33.66 20.36 -19.64
N ASP D 174 -32.99 21.51 -19.71
CA ASP D 174 -32.29 22.06 -18.54
C ASP D 174 -32.87 23.42 -18.18
N ARG D 175 -34.19 23.49 -18.00
CA ARG D 175 -34.85 24.76 -17.75
C ARG D 175 -34.79 25.17 -16.28
N ASP D 176 -35.20 24.27 -15.38
CA ASP D 176 -35.22 24.61 -13.96
C ASP D 176 -33.83 25.00 -13.46
N ALA D 177 -32.78 24.39 -13.99
CA ALA D 177 -31.43 24.77 -13.60
C ALA D 177 -31.13 26.21 -14.03
N LEU D 178 -31.51 26.57 -15.24
CA LEU D 178 -31.23 27.91 -15.75
C LEU D 178 -31.91 28.97 -14.89
N LYS D 179 -33.21 28.85 -14.68
CA LYS D 179 -33.95 29.84 -13.88
C LYS D 179 -33.65 29.73 -12.39
N ASP D 180 -32.77 28.83 -11.96
CA ASP D 180 -32.40 28.73 -10.56
C ASP D 180 -31.12 29.48 -10.22
N LEU D 181 -30.26 29.75 -11.21
CA LEU D 181 -28.99 30.42 -10.92
C LEU D 181 -29.19 31.83 -10.36
N PRO D 182 -29.87 32.75 -11.05
CA PRO D 182 -30.43 32.68 -12.42
C PRO D 182 -29.36 32.88 -13.49
N TYR D 183 -29.61 32.32 -14.68
CA TYR D 183 -28.61 32.36 -15.73
C TYR D 183 -28.13 33.78 -16.02
N GLU D 184 -29.06 34.71 -16.22
CA GLU D 184 -28.68 36.06 -16.62
C GLU D 184 -27.91 36.76 -15.51
N GLU D 185 -28.22 36.47 -14.24
CA GLU D 185 -27.45 37.07 -13.16
C GLU D 185 -26.03 36.51 -13.14
N ALA D 186 -25.87 35.22 -13.44
CA ALA D 186 -24.55 34.62 -13.50
C ALA D 186 -23.74 35.19 -14.66
N LYS D 187 -24.37 35.31 -15.83
CA LYS D 187 -23.69 35.93 -16.97
C LYS D 187 -23.26 37.35 -16.62
N GLN D 188 -24.11 38.10 -15.90
CA GLN D 188 -23.79 39.49 -15.60
C GLN D 188 -22.64 39.60 -14.62
N LEU D 189 -22.49 38.65 -13.70
CA LEU D 189 -21.36 38.68 -12.79
C LEU D 189 -20.04 38.63 -13.54
N LEU D 190 -19.88 37.65 -14.42
CA LEU D 190 -18.67 37.55 -15.22
C LEU D 190 -18.51 38.77 -16.11
N LEU D 191 -19.60 39.35 -16.58
CA LEU D 191 -19.52 40.56 -17.40
C LEU D 191 -19.08 41.76 -16.56
N ASP D 192 -19.57 41.85 -15.33
CA ASP D 192 -19.12 42.92 -14.43
C ASP D 192 -17.63 42.80 -14.12
N ARG D 193 -17.15 41.59 -13.85
CA ARG D 193 -15.75 41.41 -13.48
C ARG D 193 -14.83 41.75 -14.64
N ALA D 194 -15.23 41.38 -15.86
CA ALA D 194 -14.38 41.62 -17.02
C ALA D 194 -14.29 43.11 -17.35
N LYS D 195 -15.38 43.85 -17.19
CA LYS D 195 -15.36 45.27 -17.53
C LYS D 195 -14.55 46.09 -16.54
N ASN D 196 -14.37 45.62 -15.31
CA ASN D 196 -13.59 46.36 -14.34
C ASN D 196 -12.10 46.38 -14.67
N ASP D 197 -11.64 45.53 -15.57
CA ASP D 197 -10.24 45.53 -15.98
C ASP D 197 -10.00 46.70 -16.93
N PRO D 198 -9.09 47.63 -16.61
CA PRO D 198 -8.88 48.78 -17.52
C PRO D 198 -8.50 48.39 -18.92
N ARG D 199 -7.78 47.27 -19.11
CA ARG D 199 -7.44 46.84 -20.47
C ARG D 199 -8.69 46.45 -21.25
N VAL D 200 -9.71 45.91 -20.58
CA VAL D 200 -10.96 45.60 -21.25
C VAL D 200 -11.70 46.89 -21.60
N SER D 201 -11.94 47.74 -20.61
CA SER D 201 -12.66 48.98 -20.84
C SER D 201 -11.95 49.85 -21.88
N ALA D 202 -10.62 49.82 -21.90
CA ALA D 202 -9.87 50.73 -22.75
C ALA D 202 -9.83 50.25 -24.20
N PHE D 203 -9.55 48.96 -24.41
CA PHE D 203 -9.24 48.47 -25.75
C PHE D 203 -10.22 47.45 -26.31
N LEU D 204 -10.96 46.74 -25.47
CA LEU D 204 -11.75 45.61 -25.94
C LEU D 204 -13.14 46.07 -26.37
N SER D 205 -13.55 45.64 -27.57
CA SER D 205 -14.90 45.87 -28.02
C SER D 205 -15.90 45.19 -27.09
N GLU D 206 -16.99 45.90 -26.79
CA GLU D 206 -18.05 45.34 -25.97
C GLU D 206 -18.90 44.32 -26.73
N ASP D 207 -18.95 44.40 -28.06
CA ASP D 207 -19.67 43.40 -28.83
C ASP D 207 -18.92 42.07 -28.84
N TYR D 208 -17.59 42.12 -28.96
CA TYR D 208 -16.80 40.89 -28.89
C TYR D 208 -16.88 40.27 -27.49
N LEU D 209 -16.76 41.09 -26.45
CA LEU D 209 -16.89 40.58 -25.09
C LEU D 209 -18.24 39.92 -24.87
N ASP D 210 -19.32 40.58 -25.30
CA ASP D 210 -20.66 40.01 -25.15
C ASP D 210 -20.75 38.66 -25.87
N ARG D 211 -20.32 38.62 -27.13
CA ARG D 211 -20.34 37.38 -27.89
C ARG D 211 -19.50 36.31 -27.21
N PHE D 212 -18.29 36.68 -26.78
CA PHE D 212 -17.41 35.75 -26.10
C PHE D 212 -18.03 35.21 -24.83
N LEU D 213 -18.61 36.11 -24.02
CA LEU D 213 -19.19 35.68 -22.75
C LEU D 213 -20.34 34.70 -22.97
N ARG D 214 -21.19 34.96 -23.96
CA ARG D 214 -22.32 34.07 -24.20
C ARG D 214 -21.83 32.68 -24.63
N LEU D 215 -20.80 32.63 -25.48
CA LEU D 215 -20.28 31.35 -25.92
C LEU D 215 -19.60 30.62 -24.77
N GLN D 216 -18.91 31.36 -23.89
CA GLN D 216 -18.28 30.72 -22.74
C GLN D 216 -19.32 30.07 -21.84
N MET D 217 -20.40 30.80 -21.53
CA MET D 217 -21.48 30.22 -20.73
C MET D 217 -22.05 28.97 -21.41
N HIS D 218 -22.24 29.04 -22.73
CA HIS D 218 -22.75 27.89 -23.46
C HIS D 218 -21.82 26.69 -23.33
N GLN D 219 -20.51 26.91 -23.51
CA GLN D 219 -19.56 25.80 -23.45
C GLN D 219 -19.29 25.36 -22.02
N LEU D 220 -19.33 26.28 -21.06
CA LEU D 220 -19.27 25.89 -19.66
C LEU D 220 -20.36 24.89 -19.30
N MET D 221 -21.58 25.15 -19.79
CA MET D 221 -22.73 24.37 -19.36
C MET D 221 -22.74 22.96 -19.90
N TYR D 222 -21.99 22.67 -20.98
CA TYR D 222 -21.85 21.30 -21.45
C TYR D 222 -20.48 20.70 -21.15
N SER D 223 -19.58 21.46 -20.50
CA SER D 223 -18.22 21.00 -20.32
C SER D 223 -18.13 19.78 -19.40
N ARG D 224 -19.01 19.70 -18.40
CA ARG D 224 -18.99 18.57 -17.48
C ARG D 224 -19.34 17.25 -18.17
N ASP D 225 -19.90 17.30 -19.37
CA ASP D 225 -20.25 16.09 -20.11
C ASP D 225 -19.23 15.75 -21.19
N VAL D 226 -18.25 16.62 -21.43
CA VAL D 226 -17.20 16.32 -22.41
C VAL D 226 -16.32 15.21 -21.88
N VAL D 227 -16.07 14.21 -22.71
CA VAL D 227 -15.27 13.04 -22.33
C VAL D 227 -14.31 12.76 -23.48
N LEU D 228 -13.05 12.52 -23.14
CA LEU D 228 -12.07 12.21 -24.16
C LEU D 228 -12.37 10.86 -24.81
N PRO D 229 -12.01 10.68 -26.07
CA PRO D 229 -12.15 9.36 -26.69
C PRO D 229 -11.36 8.32 -25.90
N GLN D 230 -12.01 7.19 -25.61
CA GLN D 230 -11.35 6.09 -24.89
C GLN D 230 -10.28 5.50 -25.80
N ARG D 231 -9.16 6.22 -25.89
CA ARG D 231 -8.11 5.90 -26.86
C ARG D 231 -6.79 6.39 -26.28
N LYS D 232 -5.71 5.68 -26.61
CA LYS D 232 -4.37 6.09 -26.24
C LYS D 232 -3.68 6.67 -27.47
N LEU D 233 -3.29 7.93 -27.41
CA LEU D 233 -2.64 8.57 -28.54
C LEU D 233 -1.27 7.94 -28.78
N ASP D 234 -0.99 7.63 -30.04
CA ASP D 234 0.32 7.13 -30.45
C ASP D 234 1.29 8.26 -30.77
N ILE D 235 1.14 9.42 -30.15
CA ILE D 235 2.06 10.54 -30.35
C ILE D 235 2.40 11.12 -28.99
N PRO D 236 3.54 11.82 -28.89
CA PRO D 236 3.96 12.35 -27.58
C PRO D 236 2.98 13.41 -27.07
N ILE D 237 2.80 13.41 -25.75
CA ILE D 237 1.95 14.41 -25.08
C ILE D 237 2.83 15.24 -24.16
N HIS D 238 2.65 16.55 -24.21
CA HIS D 238 3.30 17.48 -23.28
C HIS D 238 2.21 18.17 -22.48
N VAL D 239 2.33 18.08 -21.15
CA VAL D 239 1.35 18.67 -20.24
C VAL D 239 2.07 19.68 -19.37
N PHE D 240 1.80 20.96 -19.60
CA PHE D 240 2.33 22.03 -18.77
C PHE D 240 1.28 22.38 -17.72
N ARG D 241 1.61 22.16 -16.45
CA ARG D 241 0.67 22.32 -15.37
C ARG D 241 1.19 23.33 -14.35
N THR D 242 0.27 24.01 -13.69
CA THR D 242 0.61 24.97 -12.65
C THR D 242 0.80 24.27 -11.32
N LYS D 243 1.50 24.94 -10.41
CA LYS D 243 2.02 24.30 -9.21
C LYS D 243 1.14 24.45 -7.99
N ASN D 244 0.30 25.49 -7.93
CA ASN D 244 -0.47 25.77 -6.73
C ASN D 244 -1.76 24.95 -6.64
N HIS D 245 -1.98 24.01 -7.55
CA HIS D 245 -3.12 23.11 -7.43
C HIS D 245 -3.04 22.33 -6.13
N ALA D 246 -4.19 21.88 -5.65
CA ALA D 246 -4.25 21.06 -4.45
C ALA D 246 -3.80 19.63 -4.75
N PRO D 247 -3.36 18.89 -3.73
CA PRO D 247 -2.96 17.49 -3.97
C PRO D 247 -4.03 16.69 -4.67
N GLU D 248 -5.31 16.98 -4.41
CA GLU D 248 -6.39 16.29 -5.10
C GLU D 248 -6.40 16.63 -6.58
N VAL D 249 -6.40 17.91 -6.91
CA VAL D 249 -6.43 18.32 -8.31
C VAL D 249 -5.16 17.89 -9.03
N ALA D 250 -4.01 18.09 -8.40
CA ALA D 250 -2.74 17.76 -9.04
C ALA D 250 -2.69 16.29 -9.47
N ARG D 251 -3.32 15.40 -8.71
CA ARG D 251 -3.31 13.99 -9.06
C ARG D 251 -4.06 13.76 -10.38
N LEU D 252 -5.14 14.50 -10.60
CA LEU D 252 -5.95 14.31 -11.81
C LEU D 252 -5.14 14.58 -13.07
N PHE D 253 -4.14 15.45 -13.00
CA PHE D 253 -3.31 15.72 -14.17
C PHE D 253 -2.57 14.48 -14.63
N SER D 254 -2.09 13.67 -13.68
CA SER D 254 -1.31 12.48 -14.01
C SER D 254 -2.11 11.44 -14.77
N ALA D 255 -3.43 11.60 -14.88
CA ALA D 255 -4.25 10.68 -15.66
C ALA D 255 -3.95 10.74 -17.15
N TRP D 256 -3.24 11.77 -17.63
CA TRP D 256 -2.91 11.83 -19.05
C TRP D 256 -2.14 10.60 -19.50
N GLU D 257 -1.35 9.99 -18.61
CA GLU D 257 -0.63 8.77 -18.97
C GLU D 257 -1.60 7.68 -19.41
N ASN D 258 -2.82 7.68 -18.88
CA ASN D 258 -3.81 6.69 -19.28
C ASN D 258 -4.33 6.95 -20.68
N TYR D 259 -4.14 8.16 -21.22
CA TYR D 259 -4.53 8.48 -22.59
C TYR D 259 -3.34 8.59 -23.52
N ALA D 260 -2.17 8.12 -23.10
CA ALA D 260 -0.96 8.19 -23.90
C ALA D 260 -0.38 6.79 -24.08
N ALA D 261 -0.17 6.39 -25.33
CA ALA D 261 0.39 5.08 -25.62
C ALA D 261 1.90 5.05 -25.50
N GLY D 262 2.56 6.20 -25.54
CA GLY D 262 4.00 6.27 -25.43
C GLY D 262 4.47 7.31 -24.44
N GLU D 263 5.18 8.33 -24.94
CA GLU D 263 5.83 9.31 -24.06
C GLU D 263 4.84 10.32 -23.53
N VAL D 264 5.08 10.76 -22.30
CA VAL D 264 4.35 11.85 -21.68
C VAL D 264 5.33 12.68 -20.87
N THR D 265 5.21 14.01 -20.96
CA THR D 265 6.09 14.92 -20.25
C THR D 265 5.25 15.94 -19.50
N PHE D 266 5.52 16.08 -18.20
CA PHE D 266 4.88 17.07 -17.37
C PHE D 266 5.91 18.15 -17.02
N VAL D 267 5.53 19.41 -17.20
CA VAL D 267 6.41 20.54 -16.96
C VAL D 267 5.70 21.52 -16.04
N ASP D 268 6.39 21.95 -14.98
CA ASP D 268 5.86 23.00 -14.12
C ASP D 268 5.92 24.35 -14.83
N ILE D 269 4.89 25.16 -14.61
CA ILE D 269 4.84 26.52 -15.18
C ILE D 269 4.30 27.47 -14.13
N PRO D 270 4.76 28.72 -14.18
CA PRO D 270 4.26 29.72 -13.22
C PRO D 270 2.81 30.11 -13.49
N GLY D 271 2.22 30.80 -12.52
CA GLY D 271 0.86 31.26 -12.64
C GLY D 271 -0.16 30.19 -12.26
N ASP D 272 -1.42 30.54 -12.48
CA ASP D 272 -2.53 29.61 -12.29
C ASP D 272 -3.22 29.39 -13.63
N HIS D 273 -4.33 28.64 -13.60
CA HIS D 273 -4.99 28.26 -14.85
C HIS D 273 -5.35 29.47 -15.70
N ALA D 274 -5.68 30.60 -15.07
CA ALA D 274 -6.11 31.78 -15.81
C ALA D 274 -4.95 32.71 -16.14
N THR D 275 -4.11 33.03 -15.16
CA THR D 275 -3.04 34.01 -15.35
C THR D 275 -1.84 33.47 -16.10
N MET D 276 -1.75 32.15 -16.30
CA MET D 276 -0.56 31.58 -16.93
C MET D 276 -0.33 32.15 -18.32
N LEU D 277 -1.39 32.57 -19.01
CA LEU D 277 -1.28 33.05 -20.38
C LEU D 277 -1.15 34.57 -20.48
N ARG D 278 -1.23 35.28 -19.35
CA ARG D 278 -1.04 36.72 -19.33
C ARG D 278 0.28 37.05 -18.65
N ALA D 279 0.72 38.30 -18.84
CA ALA D 279 1.92 38.76 -18.18
C ALA D 279 1.77 38.59 -16.66
N PRO D 280 2.87 38.32 -15.94
CA PRO D 280 4.26 38.18 -16.38
C PRO D 280 4.67 36.73 -16.59
N HIS D 281 3.70 35.82 -16.45
CA HIS D 281 4.02 34.40 -16.50
C HIS D 281 4.09 33.87 -17.93
N VAL D 282 3.33 34.46 -18.86
CA VAL D 282 3.22 33.93 -20.21
C VAL D 282 4.60 33.80 -20.84
N SER D 283 5.51 34.75 -20.56
CA SER D 283 6.83 34.70 -21.15
C SER D 283 7.60 33.46 -20.66
N GLU D 284 7.54 33.18 -19.36
CA GLU D 284 8.22 32.00 -18.83
C GLU D 284 7.61 30.73 -19.39
N VAL D 285 6.28 30.71 -19.55
CA VAL D 285 5.63 29.56 -20.16
C VAL D 285 6.11 29.37 -21.60
N ALA D 286 6.27 30.49 -22.32
CA ALA D 286 6.76 30.41 -23.70
C ALA D 286 8.18 29.88 -23.74
N GLN D 287 9.01 30.25 -22.76
CA GLN D 287 10.37 29.73 -22.71
C GLN D 287 10.39 28.24 -22.43
N LEU D 288 9.49 27.78 -21.56
CA LEU D 288 9.41 26.34 -21.27
C LEU D 288 8.86 25.57 -22.47
N LEU D 289 7.95 26.17 -23.24
CA LEU D 289 7.46 25.51 -24.45
C LEU D 289 8.57 25.40 -25.49
N ASP D 290 9.43 26.41 -25.59
CA ASP D 290 10.53 26.36 -26.54
C ASP D 290 11.49 25.21 -26.23
N ARG D 291 11.92 25.12 -24.97
CA ARG D 291 12.97 24.17 -24.61
C ARG D 291 12.49 22.73 -24.69
N HIS D 292 11.26 22.46 -24.29
CA HIS D 292 10.74 21.10 -24.24
C HIS D 292 10.02 20.68 -25.51
N CYS D 293 9.71 21.62 -26.42
CA CYS D 293 8.96 21.28 -27.63
C CYS D 293 9.46 21.95 -28.90
N GLY D 294 10.06 23.14 -28.83
CA GLY D 294 10.66 23.74 -30.00
C GLY D 294 12.04 23.18 -30.28
N LEU D 295 12.72 23.81 -31.23
CA LEU D 295 14.07 23.39 -31.61
C LEU D 295 15.13 24.00 -30.68
N LYS E 27 -32.48 -12.56 29.33
CA LYS E 27 -31.74 -12.63 30.59
C LYS E 27 -30.26 -12.91 30.34
N LEU E 28 -29.77 -14.06 30.78
CA LEU E 28 -28.35 -14.40 30.68
C LEU E 28 -28.10 -15.22 29.41
N VAL E 29 -27.04 -14.87 28.69
CA VAL E 29 -26.73 -15.48 27.40
C VAL E 29 -25.27 -15.88 27.39
N ARG E 30 -24.99 -17.09 26.89
CA ARG E 30 -23.63 -17.56 26.72
C ARG E 30 -23.11 -17.14 25.35
N LEU E 31 -21.84 -16.73 25.31
CA LEU E 31 -21.28 -16.10 24.12
C LEU E 31 -20.01 -16.79 23.62
N ASN E 32 -19.18 -17.32 24.51
CA ASN E 32 -17.87 -17.81 24.11
C ASN E 32 -18.00 -19.00 23.17
N PRO E 33 -17.52 -18.92 21.93
CA PRO E 33 -17.56 -20.11 21.06
C PRO E 33 -16.55 -21.16 21.48
N ARG E 34 -15.37 -20.73 21.94
CA ARG E 34 -14.32 -21.66 22.36
C ARG E 34 -14.52 -22.01 23.82
N GLY E 35 -14.55 -23.31 24.11
CA GLY E 35 -14.70 -23.78 25.47
C GLY E 35 -13.39 -23.79 26.23
N GLY E 36 -12.40 -23.07 25.72
CA GLY E 36 -11.11 -22.98 26.38
C GLY E 36 -11.25 -22.47 27.80
N ASP E 37 -10.57 -23.15 28.74
CA ASP E 37 -10.64 -22.75 30.13
C ASP E 37 -9.95 -21.40 30.34
N GLY E 38 -10.34 -20.73 31.43
CA GLY E 38 -9.80 -19.43 31.76
C GLY E 38 -10.74 -18.65 32.64
N PRO E 39 -10.38 -17.41 32.97
CA PRO E 39 -11.29 -16.58 33.76
C PRO E 39 -12.50 -16.16 32.94
N GLY E 40 -13.65 -16.17 33.58
CA GLY E 40 -14.89 -15.82 32.90
C GLY E 40 -15.13 -14.32 32.86
N ILE E 41 -16.08 -13.93 32.02
CA ILE E 41 -16.51 -12.55 31.90
C ILE E 41 -18.04 -12.52 31.89
N VAL E 42 -18.60 -11.48 32.52
CA VAL E 42 -20.03 -11.21 32.45
C VAL E 42 -20.17 -9.75 32.04
N PHE E 43 -20.64 -9.53 30.81
CA PHE E 43 -20.77 -8.17 30.27
C PHE E 43 -22.14 -7.62 30.58
N ALA E 44 -22.18 -6.36 31.07
CA ALA E 44 -23.45 -5.65 31.14
C ALA E 44 -23.72 -4.95 29.81
N PRO E 45 -24.97 -4.81 29.40
CA PRO E 45 -25.27 -4.32 28.06
C PRO E 45 -25.11 -2.81 27.97
N PRO E 46 -24.74 -2.29 26.80
CA PRO E 46 -24.72 -0.84 26.61
C PRO E 46 -26.12 -0.26 26.50
N ALA E 47 -26.21 1.04 26.23
CA ALA E 47 -27.50 1.67 25.99
C ALA E 47 -28.25 0.92 24.91
N GLY E 48 -29.44 0.42 25.26
CA GLY E 48 -30.22 -0.42 24.38
C GLY E 48 -30.45 -1.82 24.91
N GLY E 49 -29.66 -2.25 25.88
CA GLY E 49 -29.91 -3.50 26.59
C GLY E 49 -29.60 -4.76 25.82
N THR E 50 -28.96 -4.67 24.67
CA THR E 50 -28.68 -5.84 23.85
C THR E 50 -27.29 -6.39 24.13
N VAL E 51 -27.17 -7.72 24.14
CA VAL E 51 -25.88 -8.38 24.25
C VAL E 51 -25.26 -8.66 22.90
N LEU E 52 -25.93 -8.30 21.80
CA LEU E 52 -25.48 -8.69 20.47
C LEU E 52 -24.17 -8.01 20.09
N GLY E 53 -23.90 -6.82 20.62
CA GLY E 53 -22.65 -6.13 20.32
C GLY E 53 -21.42 -6.83 20.82
N TYR E 54 -21.56 -7.80 21.72
CA TYR E 54 -20.43 -8.51 22.29
C TYR E 54 -20.12 -9.81 21.57
N ILE E 55 -20.93 -10.19 20.58
CA ILE E 55 -20.75 -11.50 19.93
C ILE E 55 -19.41 -11.54 19.19
N GLU E 56 -19.18 -10.58 18.30
CA GLU E 56 -17.92 -10.54 17.56
C GLU E 56 -16.74 -10.50 18.51
N LEU E 57 -16.81 -9.67 19.56
CA LEU E 57 -15.73 -9.61 20.54
C LEU E 57 -15.49 -10.97 21.17
N ALA E 58 -16.55 -11.63 21.62
CA ALA E 58 -16.41 -12.93 22.25
C ALA E 58 -15.85 -13.97 21.28
N ARG E 59 -16.09 -13.79 19.97
CA ARG E 59 -15.60 -14.75 19.00
C ARG E 59 -14.08 -14.76 18.93
N HIS E 60 -13.46 -13.58 18.99
CA HIS E 60 -12.01 -13.47 18.87
C HIS E 60 -11.27 -13.64 20.19
N LEU E 61 -11.97 -13.78 21.30
CA LEU E 61 -11.33 -13.93 22.60
C LEU E 61 -10.82 -15.35 22.78
N LYS E 62 -9.54 -15.46 23.17
CA LYS E 62 -8.86 -16.74 23.23
C LYS E 62 -8.45 -17.18 24.63
N GLY E 63 -8.35 -16.27 25.59
CA GLY E 63 -7.80 -16.60 26.89
C GLY E 63 -8.77 -16.55 28.05
N PHE E 64 -10.05 -16.76 27.78
CA PHE E 64 -11.09 -16.68 28.81
C PHE E 64 -11.89 -17.97 28.84
N GLY E 65 -12.68 -18.12 29.90
CA GLY E 65 -13.53 -19.28 30.05
C GLY E 65 -14.96 -19.01 29.64
N GLU E 66 -15.86 -19.00 30.61
CA GLU E 66 -17.27 -18.75 30.34
C GLU E 66 -17.49 -17.25 30.14
N ILE E 67 -17.96 -16.87 28.95
CA ILE E 67 -18.29 -15.49 28.64
C ILE E 67 -19.81 -15.40 28.54
N HIS E 68 -20.43 -14.71 29.48
CA HIS E 68 -21.87 -14.49 29.48
C HIS E 68 -22.18 -13.02 29.26
N GLY E 69 -23.43 -12.77 28.87
CA GLY E 69 -23.93 -11.42 28.75
C GLY E 69 -25.35 -11.36 29.26
N VAL E 70 -25.73 -10.18 29.73
CA VAL E 70 -27.06 -9.94 30.27
C VAL E 70 -27.83 -9.10 29.28
N GLU E 71 -28.96 -9.63 28.81
CA GLU E 71 -29.86 -8.90 27.93
C GLU E 71 -30.93 -8.21 28.76
N ALA E 72 -31.14 -6.92 28.50
CA ALA E 72 -32.16 -6.17 29.21
C ALA E 72 -33.53 -6.78 28.93
N PRO E 73 -34.49 -6.57 29.83
CA PRO E 73 -35.84 -7.08 29.59
C PRO E 73 -36.58 -6.27 28.55
N GLY E 74 -37.59 -6.90 27.96
CA GLY E 74 -38.46 -6.22 27.02
C GLY E 74 -38.00 -6.23 25.58
N LEU E 75 -36.96 -7.00 25.25
CA LEU E 75 -36.47 -7.07 23.87
C LEU E 75 -36.86 -8.38 23.19
N GLY E 76 -36.96 -9.47 23.95
CA GLY E 76 -37.36 -10.73 23.36
C GLY E 76 -38.74 -10.65 22.74
N ALA E 77 -38.99 -11.57 21.81
CA ALA E 77 -40.32 -11.69 21.24
C ALA E 77 -41.23 -12.36 22.26
N GLY E 78 -42.49 -11.93 22.28
CA GLY E 78 -43.44 -12.50 23.22
C GLY E 78 -43.35 -11.94 24.62
N GLU E 79 -42.65 -10.83 24.83
CA GLU E 79 -42.65 -10.12 26.09
C GLU E 79 -42.90 -8.64 25.83
N THR E 80 -43.42 -7.97 26.84
CA THR E 80 -43.78 -6.56 26.66
C THR E 80 -42.56 -5.67 26.90
N PRO E 81 -42.33 -4.67 26.06
CA PRO E 81 -41.19 -3.78 26.30
C PRO E 81 -41.35 -3.02 27.60
N VAL E 82 -40.29 -3.04 28.42
CA VAL E 82 -40.25 -2.30 29.67
C VAL E 82 -39.12 -1.29 29.57
N TYR E 83 -39.21 -0.26 30.41
CA TYR E 83 -38.28 0.87 30.39
C TYR E 83 -37.97 1.27 31.82
N PRO E 84 -37.18 0.46 32.51
CA PRO E 84 -36.87 0.75 33.92
C PRO E 84 -35.85 1.86 34.05
N SER E 85 -35.76 2.40 35.27
CA SER E 85 -34.71 3.34 35.59
C SER E 85 -33.35 2.62 35.61
N PHE E 86 -32.29 3.41 35.78
CA PHE E 86 -30.95 2.82 35.86
C PHE E 86 -30.85 1.86 37.04
N GLU E 87 -31.31 2.29 38.22
CA GLU E 87 -31.20 1.44 39.40
C GLU E 87 -31.96 0.14 39.21
N GLU E 88 -33.16 0.20 38.65
CA GLU E 88 -33.91 -1.02 38.36
C GLU E 88 -33.19 -1.88 37.34
N MET E 89 -32.56 -1.26 36.35
CA MET E 89 -31.76 -2.01 35.39
C MET E 89 -30.58 -2.68 36.06
N VAL E 90 -29.94 -1.98 37.01
CA VAL E 90 -28.81 -2.56 37.73
C VAL E 90 -29.26 -3.79 38.52
N GLN E 91 -30.47 -3.74 39.07
CA GLN E 91 -30.96 -4.88 39.85
C GLN E 91 -31.27 -6.06 38.95
N PHE E 92 -31.88 -5.82 37.78
CA PHE E 92 -32.16 -6.93 36.87
C PHE E 92 -30.88 -7.64 36.46
N CYS E 93 -29.80 -6.89 36.26
CA CYS E 93 -28.54 -7.50 35.84
C CYS E 93 -27.87 -8.22 37.00
N SER E 94 -27.97 -7.67 38.22
CA SER E 94 -27.45 -8.36 39.39
C SER E 94 -28.16 -9.69 39.59
N ASP E 95 -29.49 -9.70 39.43
CA ASP E 95 -30.24 -10.95 39.57
C ASP E 95 -29.84 -11.94 38.48
N SER E 96 -29.76 -11.49 37.23
CA SER E 96 -29.46 -12.39 36.13
C SER E 96 -28.05 -12.96 36.26
N ALA E 97 -27.07 -12.10 36.53
CA ALA E 97 -25.68 -12.53 36.62
C ALA E 97 -25.32 -13.19 37.94
N ALA E 98 -26.28 -13.28 38.88
CA ALA E 98 -25.99 -13.86 40.18
C ALA E 98 -25.56 -15.32 40.08
N GLY E 99 -25.79 -15.98 38.95
CA GLY E 99 -25.45 -17.38 38.79
C GLY E 99 -24.01 -17.63 38.36
N VAL E 100 -23.45 -16.72 37.57
CA VAL E 100 -22.11 -16.88 37.04
C VAL E 100 -21.14 -15.81 37.53
N ALA E 101 -21.61 -14.76 38.19
CA ALA E 101 -20.74 -13.69 38.67
C ALA E 101 -20.21 -14.10 40.04
N GLY E 102 -19.00 -14.66 40.07
CA GLY E 102 -18.42 -15.13 41.31
C GLY E 102 -16.94 -14.83 41.42
N ASP E 103 -16.27 -15.53 42.34
CA ASP E 103 -14.83 -15.36 42.51
C ASP E 103 -14.10 -15.79 41.25
N GLY E 104 -13.18 -14.95 40.79
CA GLY E 104 -12.42 -15.22 39.58
C GLY E 104 -13.09 -14.80 38.30
N VAL E 105 -14.30 -14.26 38.35
CA VAL E 105 -15.08 -13.89 37.17
C VAL E 105 -15.00 -12.38 36.98
N TYR E 106 -14.62 -11.97 35.78
CA TYR E 106 -14.62 -10.55 35.45
C TYR E 106 -16.04 -10.05 35.25
N ILE E 107 -16.25 -8.78 35.58
CA ILE E 107 -17.48 -8.05 35.27
C ILE E 107 -17.10 -6.93 34.32
N GLY E 108 -17.80 -6.84 33.18
CA GLY E 108 -17.41 -5.94 32.13
C GLY E 108 -18.61 -5.22 31.53
N GLY E 109 -18.30 -4.20 30.75
CA GLY E 109 -19.33 -3.43 30.10
C GLY E 109 -18.79 -2.40 29.14
N HIS E 110 -19.49 -2.23 28.03
CA HIS E 110 -19.17 -1.20 27.05
C HIS E 110 -20.17 -0.08 27.26
N LEU E 112 -22.59 2.56 28.72
CA LEU E 112 -23.41 2.49 29.93
C LEU E 112 -23.27 1.13 30.61
N GLY E 113 -22.93 0.10 29.83
CA GLY E 113 -22.67 -1.19 30.40
C GLY E 113 -21.53 -1.18 31.40
N GLY E 114 -20.57 -0.27 31.22
CA GLY E 114 -19.48 -0.16 32.18
C GLY E 114 -19.93 0.40 33.51
N HIS E 115 -20.88 1.33 33.50
CA HIS E 115 -21.42 1.87 34.74
C HIS E 115 -22.30 0.84 35.45
N ILE E 116 -23.00 0.01 34.69
CA ILE E 116 -23.74 -1.08 35.31
C ILE E 116 -22.78 -2.11 35.88
N ALA E 117 -21.69 -2.38 35.17
CA ALA E 117 -20.69 -3.32 35.67
C ALA E 117 -20.06 -2.84 36.96
N PHE E 118 -19.78 -1.53 37.05
CA PHE E 118 -19.25 -0.98 38.29
C PHE E 118 -20.21 -1.20 39.44
N TYR E 119 -21.48 -0.87 39.23
CA TYR E 119 -22.50 -1.11 40.26
C TYR E 119 -22.55 -2.59 40.64
N LEU E 120 -22.58 -3.47 39.63
CA LEU E 120 -22.62 -4.90 39.93
C LEU E 120 -21.39 -5.33 40.73
N ALA E 121 -20.22 -4.78 40.39
CA ALA E 121 -19.03 -5.10 41.16
C ALA E 121 -19.13 -4.57 42.59
N THR E 122 -19.63 -3.34 42.75
CA THR E 122 -19.81 -2.80 44.09
C THR E 122 -20.76 -3.66 44.92
N MET E 123 -21.83 -4.16 44.29
CA MET E 123 -22.79 -4.98 45.01
C MET E 123 -22.20 -6.33 45.38
N LEU E 124 -21.53 -6.98 44.42
CA LEU E 124 -20.95 -8.29 44.70
C LEU E 124 -19.93 -8.19 45.83
N LEU E 125 -19.12 -7.12 45.84
CA LEU E 125 -18.14 -6.94 46.90
C LEU E 125 -18.83 -6.76 48.25
N ASP E 126 -19.98 -6.07 48.27
CA ASP E 126 -20.73 -5.92 49.51
C ASP E 126 -21.27 -7.24 50.03
N ARG E 127 -21.23 -8.30 49.22
CA ARG E 127 -21.66 -9.63 49.64
C ARG E 127 -20.50 -10.58 49.87
N GLY E 128 -19.28 -10.07 49.93
CA GLY E 128 -18.11 -10.89 50.17
C GLY E 128 -17.59 -11.62 48.96
N ILE E 129 -18.19 -11.44 47.79
CA ILE E 129 -17.72 -12.06 46.56
C ILE E 129 -16.74 -11.10 45.89
N ARG E 130 -15.59 -11.64 45.47
CA ARG E 130 -14.55 -10.84 44.83
C ARG E 130 -14.46 -11.19 43.36
N PRO E 131 -15.04 -10.40 42.46
CA PRO E 131 -14.77 -10.60 41.04
C PRO E 131 -13.28 -10.43 40.78
N LYS E 132 -12.80 -11.05 39.70
CA LYS E 132 -11.39 -10.93 39.37
C LYS E 132 -11.03 -9.52 38.90
N GLY E 133 -12.00 -8.76 38.44
CA GLY E 133 -11.73 -7.40 38.01
C GLY E 133 -12.93 -6.78 37.34
N LEU E 134 -12.77 -5.51 36.99
CA LEU E 134 -13.77 -4.73 36.29
C LEU E 134 -13.18 -4.27 34.97
N ILE E 135 -13.89 -4.54 33.87
CA ILE E 135 -13.43 -4.21 32.53
C ILE E 135 -14.32 -3.08 32.00
N ILE E 136 -13.71 -1.93 31.75
CA ILE E 136 -14.40 -0.77 31.18
C ILE E 136 -13.93 -0.60 29.75
N LEU E 137 -14.88 -0.56 28.82
CA LEU E 137 -14.57 -0.44 27.40
C LEU E 137 -14.94 0.98 26.95
N ASP E 138 -13.95 1.87 26.99
CA ASP E 138 -13.99 3.19 26.38
C ASP E 138 -15.15 4.03 26.91
N THR E 139 -15.17 4.18 28.24
CA THR E 139 -16.22 4.97 28.89
C THR E 139 -15.64 5.73 30.08
N PRO E 140 -15.84 7.05 30.16
CA PRO E 140 -15.43 7.78 31.36
C PRO E 140 -16.34 7.43 32.53
N PRO E 141 -15.97 7.84 33.74
CA PRO E 141 -16.77 7.44 34.91
C PRO E 141 -18.03 8.27 35.09
N ARG E 142 -18.02 9.52 34.62
CA ARG E 142 -19.14 10.44 34.82
C ARG E 142 -19.59 10.98 33.47
N LEU E 143 -20.63 10.36 32.91
CA LEU E 143 -21.16 10.82 31.63
C LEU E 143 -21.64 12.25 31.71
N GLY E 144 -22.18 12.67 32.85
CA GLY E 144 -22.68 14.02 33.01
C GLY E 144 -21.63 15.09 32.84
N ASP E 145 -20.35 14.72 32.93
CA ASP E 145 -19.24 15.65 32.74
C ASP E 145 -18.79 15.75 31.29
N ILE E 146 -19.43 15.02 30.38
CA ILE E 146 -19.07 15.04 28.97
C ILE E 146 -19.49 16.35 28.34
N GLU E 155 -22.72 12.40 11.36
CA GLU E 155 -22.78 13.86 11.49
C GLU E 155 -23.96 14.28 12.36
N GLU E 156 -25.16 14.28 11.77
CA GLU E 156 -26.36 14.63 12.53
C GLU E 156 -26.56 13.70 13.70
N GLU E 157 -26.18 12.42 13.56
CA GLU E 157 -26.26 11.49 14.68
C GLU E 157 -25.46 12.01 15.88
N THR E 158 -24.35 12.70 15.62
CA THR E 158 -23.60 13.33 16.71
C THR E 158 -24.47 14.36 17.44
N LYS E 159 -25.11 15.24 16.68
CA LYS E 159 -26.04 16.20 17.29
C LYS E 159 -27.15 15.48 18.04
N VAL E 160 -27.50 14.26 17.61
CA VAL E 160 -28.54 13.50 18.30
C VAL E 160 -28.05 13.08 19.68
N PHE E 161 -26.97 12.29 19.73
CA PHE E 161 -26.45 11.81 21.00
C PHE E 161 -26.22 12.95 21.97
N ILE E 162 -25.48 13.97 21.55
CA ILE E 162 -25.05 15.03 22.48
C ILE E 162 -26.27 15.73 23.08
N LEU E 163 -27.25 16.08 22.23
CA LEU E 163 -28.46 16.70 22.74
C LEU E 163 -29.33 15.70 23.48
N ALA E 164 -29.44 14.47 22.94
CA ALA E 164 -30.26 13.46 23.58
C ALA E 164 -29.83 13.19 25.01
N MET E 165 -28.53 13.33 25.30
CA MET E 165 -28.03 13.11 26.64
C MET E 165 -28.31 14.32 27.52
N GLY E 166 -28.45 14.08 28.82
CA GLY E 166 -28.69 15.13 29.78
C GLY E 166 -30.15 15.46 30.03
N ILE E 167 -31.06 14.94 29.20
CA ILE E 167 -32.49 15.20 29.35
C ILE E 167 -33.10 14.04 30.13
N GLY E 168 -33.83 14.36 31.20
CA GLY E 168 -34.37 13.33 32.06
C GLY E 168 -35.13 12.25 31.30
N GLY E 169 -35.80 12.62 30.23
CA GLY E 169 -36.62 11.69 29.47
C GLY E 169 -38.01 11.47 30.02
N MET E 170 -38.35 12.08 31.15
CA MET E 170 -39.70 11.96 31.69
C MET E 170 -40.68 12.75 30.84
N LEU E 171 -41.85 12.16 30.61
CA LEU E 171 -42.84 12.79 29.75
C LEU E 171 -43.26 14.15 30.28
N ASP E 172 -43.16 14.35 31.60
CA ASP E 172 -43.60 15.60 32.23
C ASP E 172 -42.43 16.56 32.46
N GLN E 173 -41.43 16.14 33.22
CA GLN E 173 -40.37 17.05 33.65
C GLN E 173 -39.63 17.65 32.45
N ASP E 174 -39.13 16.80 31.56
CA ASP E 174 -38.28 17.23 30.45
C ASP E 174 -39.05 17.32 29.14
N ARG E 175 -40.33 17.73 29.19
CA ARG E 175 -41.13 17.80 27.97
C ARG E 175 -40.57 18.82 27.00
N ASP E 176 -40.15 19.98 27.50
CA ASP E 176 -39.63 21.02 26.61
C ASP E 176 -38.41 20.53 25.84
N ALA E 177 -37.46 19.89 26.54
CA ALA E 177 -36.28 19.36 25.85
C ALA E 177 -36.68 18.35 24.79
N LEU E 178 -37.66 17.49 25.09
CA LEU E 178 -38.11 16.51 24.11
C LEU E 178 -38.63 17.21 22.86
N LYS E 179 -39.47 18.22 23.03
CA LYS E 179 -40.12 18.86 21.89
C LYS E 179 -39.11 19.58 21.00
N ASP E 180 -37.97 20.01 21.55
CA ASP E 180 -37.03 20.83 20.80
C ASP E 180 -36.15 20.02 19.85
N LEU E 181 -35.97 18.72 20.09
CA LEU E 181 -35.08 17.92 19.25
C LEU E 181 -35.53 17.90 17.79
N PRO E 182 -36.71 17.33 17.45
CA PRO E 182 -37.68 16.64 18.31
C PRO E 182 -37.37 15.16 18.50
N TYR E 183 -37.90 14.60 19.58
CA TYR E 183 -37.53 13.24 20.01
C TYR E 183 -37.63 12.25 18.85
N GLU E 184 -38.81 12.14 18.25
CA GLU E 184 -39.03 11.08 17.26
C GLU E 184 -38.14 11.24 16.04
N GLU E 185 -37.76 12.47 15.71
CA GLU E 185 -36.84 12.67 14.59
C GLU E 185 -35.45 12.15 14.94
N ALA E 186 -35.00 12.41 16.17
CA ALA E 186 -33.71 11.87 16.61
C ALA E 186 -33.74 10.35 16.65
N LYS E 187 -34.85 9.77 17.10
CA LYS E 187 -34.98 8.32 17.07
C LYS E 187 -34.92 7.80 15.64
N GLN E 188 -35.52 8.52 14.70
CA GLN E 188 -35.61 8.03 13.32
C GLN E 188 -34.25 8.04 12.65
N LEU E 189 -33.45 9.08 12.89
CA LEU E 189 -32.12 9.13 12.30
C LEU E 189 -31.30 7.91 12.70
N LEU E 190 -31.28 7.60 14.00
CA LEU E 190 -30.56 6.42 14.46
C LEU E 190 -31.16 5.15 13.89
N LEU E 191 -32.46 5.15 13.60
CA LEU E 191 -33.08 3.97 13.01
C LEU E 191 -32.66 3.79 11.56
N ASP E 192 -32.61 4.89 10.80
CA ASP E 192 -32.10 4.81 9.43
C ASP E 192 -30.62 4.47 9.40
N ARG E 193 -29.86 4.91 10.41
CA ARG E 193 -28.43 4.61 10.45
C ARG E 193 -28.18 3.12 10.61
N ALA E 194 -28.99 2.45 11.44
CA ALA E 194 -28.79 1.01 11.64
C ALA E 194 -29.22 0.22 10.42
N LYS E 195 -30.31 0.63 9.76
CA LYS E 195 -30.79 -0.09 8.59
C LYS E 195 -29.88 0.08 7.38
N ASN E 196 -28.92 1.00 7.42
CA ASN E 196 -27.97 1.12 6.32
C ASN E 196 -26.99 -0.05 6.32
N ASP E 197 -26.76 -0.67 7.47
CA ASP E 197 -25.87 -1.83 7.54
C ASP E 197 -26.56 -3.03 6.90
N PRO E 198 -26.08 -3.55 5.76
CA PRO E 198 -26.79 -4.65 5.10
C PRO E 198 -27.07 -5.83 6.01
N ARG E 199 -26.13 -6.18 6.89
CA ARG E 199 -26.36 -7.27 7.83
C ARG E 199 -27.62 -7.04 8.65
N VAL E 200 -27.87 -5.79 9.04
CA VAL E 200 -29.04 -5.48 9.85
C VAL E 200 -30.31 -5.74 9.05
N SER E 201 -30.41 -5.17 7.86
CA SER E 201 -31.64 -5.30 7.08
C SER E 201 -31.83 -6.70 6.54
N ALA E 202 -30.77 -7.51 6.50
CA ALA E 202 -30.86 -8.86 5.95
C ALA E 202 -31.19 -9.91 7.00
N PHE E 203 -30.66 -9.79 8.22
CA PHE E 203 -30.76 -10.86 9.21
C PHE E 203 -31.43 -10.45 10.52
N LEU E 204 -31.49 -9.17 10.84
CA LEU E 204 -31.99 -8.71 12.14
C LEU E 204 -33.47 -8.36 12.05
N SER E 205 -34.23 -8.79 13.04
CA SER E 205 -35.66 -8.53 13.08
C SER E 205 -35.93 -7.04 13.26
N GLU E 206 -36.84 -6.51 12.45
CA GLU E 206 -37.25 -5.12 12.61
C GLU E 206 -37.88 -4.89 13.99
N ASP E 207 -38.65 -5.87 14.46
CA ASP E 207 -39.26 -5.75 15.79
C ASP E 207 -38.19 -5.61 16.86
N TYR E 208 -37.21 -6.53 16.86
CA TYR E 208 -36.13 -6.46 17.83
C TYR E 208 -35.35 -5.16 17.70
N LEU E 209 -35.14 -4.70 16.47
CA LEU E 209 -34.46 -3.43 16.25
C LEU E 209 -35.27 -2.27 16.80
N ASP E 210 -36.60 -2.32 16.67
CA ASP E 210 -37.45 -1.30 17.24
C ASP E 210 -37.31 -1.24 18.76
N ARG E 211 -37.39 -2.40 19.42
CA ARG E 211 -37.22 -2.45 20.87
C ARG E 211 -35.88 -1.83 21.26
N PHE E 212 -34.82 -2.20 20.54
CA PHE E 212 -33.48 -1.71 20.87
C PHE E 212 -33.42 -0.20 20.75
N LEU E 213 -33.69 0.33 19.55
CA LEU E 213 -33.65 1.78 19.36
C LEU E 213 -34.48 2.50 20.40
N ARG E 214 -35.62 1.93 20.78
CA ARG E 214 -36.49 2.56 21.76
C ARG E 214 -35.84 2.56 23.13
N LEU E 215 -35.32 1.42 23.56
CA LEU E 215 -34.66 1.35 24.85
C LEU E 215 -33.34 2.11 24.86
N GLN E 216 -32.73 2.32 23.69
CA GLN E 216 -31.49 3.08 23.63
C GLN E 216 -31.74 4.56 23.86
N MET E 217 -32.79 5.11 23.24
CA MET E 217 -33.14 6.50 23.48
C MET E 217 -33.52 6.73 24.94
N HIS E 218 -34.22 5.75 25.54
CA HIS E 218 -34.60 5.87 26.94
C HIS E 218 -33.39 5.94 27.85
N GLN E 219 -32.42 5.05 27.64
CA GLN E 219 -31.23 5.05 28.49
C GLN E 219 -30.34 6.23 28.16
N LEU E 220 -30.18 6.56 26.88
CA LEU E 220 -29.42 7.73 26.49
C LEU E 220 -29.84 8.95 27.29
N MET E 221 -31.14 9.08 27.56
CA MET E 221 -31.65 10.33 28.11
C MET E 221 -31.31 10.46 29.58
N TYR E 222 -31.49 9.40 30.37
CA TYR E 222 -31.10 9.48 31.77
C TYR E 222 -29.61 9.23 31.99
N SER E 223 -28.80 9.27 30.93
CA SER E 223 -27.39 8.91 31.05
C SER E 223 -26.63 9.94 31.86
N ARG E 224 -26.75 11.23 31.51
CA ARG E 224 -26.02 12.26 32.23
C ARG E 224 -26.42 12.35 33.70
N ASP E 225 -27.49 11.68 34.12
CA ASP E 225 -27.85 11.60 35.52
C ASP E 225 -27.20 10.42 36.23
N VAL E 226 -26.72 9.42 35.50
CA VAL E 226 -26.06 8.29 36.13
C VAL E 226 -24.84 8.78 36.90
N VAL E 227 -24.75 8.39 38.16
CA VAL E 227 -23.65 8.80 39.04
C VAL E 227 -23.17 7.58 39.81
N LEU E 228 -21.92 7.21 39.60
CA LEU E 228 -21.37 6.04 40.29
C LEU E 228 -21.28 6.31 41.79
N PRO E 229 -21.43 5.29 42.62
CA PRO E 229 -21.24 5.48 44.06
C PRO E 229 -19.81 5.90 44.35
N GLN E 230 -19.67 6.93 45.18
CA GLN E 230 -18.35 7.47 45.50
C GLN E 230 -17.42 6.43 46.12
N ARG E 231 -17.93 5.27 46.51
CA ARG E 231 -17.08 4.22 47.09
C ARG E 231 -15.97 3.84 46.12
N LYS E 232 -14.77 3.62 46.66
CA LYS E 232 -13.63 3.18 45.87
C LYS E 232 -13.64 1.66 45.78
N LEU E 233 -13.62 1.15 44.54
CA LEU E 233 -13.76 -0.28 44.30
C LEU E 233 -12.45 -0.99 44.63
N ASP E 234 -12.55 -2.10 45.38
CA ASP E 234 -11.39 -2.79 45.93
C ASP E 234 -10.89 -3.91 45.02
N ILE E 235 -11.11 -3.81 43.71
CA ILE E 235 -10.57 -4.77 42.75
C ILE E 235 -9.96 -4.01 41.59
N PRO E 236 -9.12 -4.67 40.78
CA PRO E 236 -8.48 -3.97 39.66
C PRO E 236 -9.48 -3.54 38.61
N ILE E 237 -9.29 -2.33 38.10
CA ILE E 237 -10.11 -1.77 37.02
C ILE E 237 -9.27 -1.70 35.75
N HIS E 238 -9.82 -2.20 34.66
CA HIS E 238 -9.16 -2.17 33.36
C HIS E 238 -9.97 -1.28 32.42
N VAL E 239 -9.37 -0.18 31.98
CA VAL E 239 -10.03 0.80 31.12
C VAL E 239 -9.35 0.77 29.76
N PHE E 240 -10.02 0.18 28.77
CA PHE E 240 -9.56 0.20 27.39
C PHE E 240 -10.21 1.39 26.69
N ARG E 241 -9.44 2.43 26.42
CA ARG E 241 -9.98 3.62 25.77
C ARG E 241 -9.38 3.81 24.38
N THR E 242 -10.16 4.44 23.51
CA THR E 242 -9.73 4.71 22.15
C THR E 242 -8.83 5.95 22.11
N LYS E 243 -7.99 6.01 21.08
CA LYS E 243 -6.93 7.00 20.99
C LYS E 243 -7.36 8.27 20.27
N ASN E 244 -8.55 8.29 19.67
CA ASN E 244 -9.01 9.48 18.96
C ASN E 244 -10.13 10.13 19.77
N HIS E 245 -9.80 10.56 20.98
CA HIS E 245 -10.74 11.18 21.90
C HIS E 245 -10.41 12.66 22.05
N PRO E 247 -8.51 15.82 24.03
CA PRO E 247 -8.06 15.72 25.42
C PRO E 247 -9.15 16.06 26.43
N GLU E 248 -10.11 16.90 26.02
CA GLU E 248 -11.23 17.22 26.89
C GLU E 248 -11.92 15.95 27.36
N VAL E 249 -12.47 15.18 26.42
CA VAL E 249 -13.10 13.91 26.77
C VAL E 249 -12.03 12.86 27.11
N ALA E 250 -10.84 12.98 26.53
CA ALA E 250 -9.80 11.99 26.81
C ALA E 250 -9.26 12.14 28.22
N ARG E 251 -9.25 13.37 28.76
CA ARG E 251 -8.78 13.57 30.13
C ARG E 251 -9.82 13.14 31.16
N LEU E 252 -11.09 13.06 30.79
CA LEU E 252 -12.11 12.58 31.72
C LEU E 252 -11.90 11.12 32.10
N PHE E 253 -11.17 10.35 31.29
CA PHE E 253 -10.90 8.96 31.65
C PHE E 253 -10.00 8.85 32.87
N SER E 254 -9.11 9.82 33.07
CA SER E 254 -8.23 9.80 34.23
C SER E 254 -9.00 9.71 35.53
N ALA E 255 -10.23 10.24 35.55
CA ALA E 255 -11.03 10.23 36.77
C ALA E 255 -11.39 8.82 37.22
N TRP E 256 -11.07 7.79 36.45
CA TRP E 256 -11.35 6.42 36.88
C TRP E 256 -10.54 6.05 38.12
N GLU E 257 -9.34 6.62 38.28
CA GLU E 257 -8.56 6.33 39.48
C GLU E 257 -9.25 6.84 40.75
N ASN E 258 -10.17 7.80 40.62
CA ASN E 258 -10.94 8.25 41.77
C ASN E 258 -11.90 7.17 42.26
N TYR E 259 -12.23 6.20 41.42
CA TYR E 259 -13.15 5.12 41.79
C TYR E 259 -12.44 3.80 42.02
N ALA E 260 -11.11 3.75 41.90
CA ALA E 260 -10.34 2.55 42.13
C ALA E 260 -9.55 2.70 43.42
N ALA E 261 -9.70 1.72 44.31
CA ALA E 261 -8.94 1.73 45.56
C ALA E 261 -7.46 1.47 45.30
N GLY E 262 -7.15 0.58 44.35
CA GLY E 262 -5.78 0.25 44.02
C GLY E 262 -5.52 0.28 42.53
N GLU E 263 -5.27 -0.90 41.95
CA GLU E 263 -4.84 -0.97 40.57
C GLU E 263 -5.90 -0.44 39.62
N VAL E 264 -5.47 0.38 38.67
CA VAL E 264 -6.30 0.83 37.56
C VAL E 264 -5.41 0.93 36.33
N THR E 265 -5.77 0.19 35.28
CA THR E 265 -4.93 0.05 34.09
C THR E 265 -5.62 0.67 32.88
N PHE E 266 -4.89 1.50 32.15
CA PHE E 266 -5.36 2.10 30.91
C PHE E 266 -4.62 1.48 29.73
N VAL E 267 -5.36 1.04 28.73
CA VAL E 267 -4.80 0.36 27.57
C VAL E 267 -5.39 0.98 26.31
N ASP E 268 -4.54 1.48 25.43
CA ASP E 268 -5.00 2.05 24.16
C ASP E 268 -5.54 0.95 23.26
N ILE E 269 -6.67 1.23 22.62
CA ILE E 269 -7.27 0.29 21.67
C ILE E 269 -7.59 1.04 20.38
N PRO E 270 -7.63 0.36 19.24
CA PRO E 270 -7.96 1.03 17.98
C PRO E 270 -9.46 1.26 17.86
N GLY E 271 -9.81 2.11 16.91
CA GLY E 271 -11.20 2.42 16.65
C GLY E 271 -11.71 3.58 17.47
N ASP E 272 -13.02 3.74 17.47
CA ASP E 272 -13.68 4.76 18.26
C ASP E 272 -14.78 4.10 19.10
N HIS E 273 -15.60 4.90 19.78
CA HIS E 273 -16.53 4.36 20.76
C HIS E 273 -17.46 3.32 20.15
N ALA E 274 -17.77 3.43 18.86
CA ALA E 274 -18.69 2.49 18.22
C ALA E 274 -17.94 1.35 17.54
N THR E 275 -17.10 1.67 16.56
CA THR E 275 -16.47 0.65 15.72
C THR E 275 -15.52 -0.25 16.50
N MET E 276 -15.14 0.12 17.73
CA MET E 276 -14.16 -0.67 18.45
C MET E 276 -14.61 -2.11 18.60
N LEU E 277 -15.90 -2.33 18.84
CA LEU E 277 -16.46 -3.66 18.99
C LEU E 277 -16.85 -4.29 17.65
N ARG E 278 -16.58 -3.62 16.54
CA ARG E 278 -16.88 -4.13 15.21
C ARG E 278 -15.59 -4.21 14.40
N ALA E 279 -15.66 -4.93 13.29
CA ALA E 279 -14.52 -5.03 12.39
C ALA E 279 -14.13 -3.64 11.89
N PRO E 280 -12.84 -3.38 11.66
CA PRO E 280 -11.70 -4.28 11.82
C PRO E 280 -11.11 -4.29 13.23
N HIS E 281 -11.55 -3.34 14.06
CA HIS E 281 -10.87 -3.08 15.32
C HIS E 281 -11.10 -4.21 16.32
N VAL E 282 -12.30 -4.79 16.34
CA VAL E 282 -12.67 -5.74 17.39
C VAL E 282 -11.63 -6.84 17.54
N SER E 283 -10.99 -7.24 16.44
CA SER E 283 -9.96 -8.28 16.51
C SER E 283 -8.81 -7.83 17.42
N GLU E 284 -8.34 -6.60 17.23
CA GLU E 284 -7.25 -6.09 18.05
C GLU E 284 -7.72 -5.84 19.49
N VAL E 285 -8.93 -5.33 19.66
CA VAL E 285 -9.50 -5.16 20.99
C VAL E 285 -9.49 -6.49 21.73
N ALA E 286 -9.93 -7.56 21.06
CA ALA E 286 -10.00 -8.86 21.71
C ALA E 286 -8.62 -9.36 22.10
N GLN E 287 -7.61 -9.09 21.26
CA GLN E 287 -6.26 -9.54 21.58
C GLN E 287 -5.68 -8.77 22.77
N LEU E 288 -6.05 -7.49 22.91
CA LEU E 288 -5.57 -6.71 24.04
C LEU E 288 -6.28 -7.10 25.33
N LEU E 289 -7.55 -7.50 25.25
CA LEU E 289 -8.20 -8.05 26.44
C LEU E 289 -7.53 -9.33 26.89
N ASP E 290 -7.16 -10.20 25.95
CA ASP E 290 -6.50 -11.45 26.30
C ASP E 290 -5.18 -11.19 27.03
N ARG E 291 -4.35 -10.30 26.48
CA ARG E 291 -3.01 -10.11 27.01
C ARG E 291 -3.03 -9.41 28.37
N HIS E 292 -3.99 -8.54 28.63
CA HIS E 292 -4.01 -7.77 29.86
C HIS E 292 -4.92 -8.36 30.94
N CYS E 293 -5.82 -9.27 30.58
CA CYS E 293 -6.78 -9.80 31.55
C CYS E 293 -6.98 -11.31 31.45
N GLY E 294 -6.58 -11.97 30.38
CA GLY E 294 -6.78 -13.39 30.19
C GLY E 294 -5.53 -14.19 30.49
N LEU E 295 -5.43 -15.36 29.85
CA LEU E 295 -4.34 -16.29 30.05
C LEU E 295 -3.56 -16.49 28.77
N PRO E 296 -2.35 -17.04 28.85
CA PRO E 296 -1.58 -17.33 27.63
C PRO E 296 -2.25 -18.40 26.79
N SER E 297 -1.81 -18.48 25.54
CA SER E 297 -2.32 -19.48 24.60
C SER E 297 -1.29 -19.76 23.51
N PRO F 24 -24.07 7.21 -1.79
CA PRO F 24 -23.05 6.22 -2.15
C PRO F 24 -22.13 5.84 -0.98
N THR F 25 -21.52 6.84 -0.34
CA THR F 25 -20.63 6.56 0.78
C THR F 25 -21.33 5.77 1.88
N ALA F 26 -22.65 5.93 2.00
CA ALA F 26 -23.40 5.23 3.04
C ALA F 26 -23.54 3.73 2.77
N LYS F 27 -23.09 3.25 1.61
CA LYS F 27 -23.19 1.83 1.27
C LYS F 27 -21.83 1.14 1.22
N LEU F 28 -20.76 1.81 1.61
CA LEU F 28 -19.45 1.17 1.73
C LEU F 28 -19.41 0.39 3.05
N VAL F 29 -19.06 -0.89 2.98
CA VAL F 29 -19.18 -1.81 4.10
C VAL F 29 -17.82 -2.41 4.40
N ARG F 30 -17.38 -2.30 5.66
CA ARG F 30 -16.20 -3.01 6.11
C ARG F 30 -16.44 -4.51 6.07
N LEU F 31 -15.36 -5.27 5.87
CA LEU F 31 -15.48 -6.72 5.78
C LEU F 31 -14.35 -7.43 6.52
N ASN F 32 -13.14 -6.90 6.45
CA ASN F 32 -11.99 -7.56 7.07
C ASN F 32 -12.05 -7.43 8.59
N PRO F 33 -12.17 -8.54 9.34
CA PRO F 33 -12.15 -8.41 10.81
C PRO F 33 -10.77 -8.14 11.36
N ARG F 34 -9.74 -8.75 10.76
CA ARG F 34 -8.37 -8.59 11.21
C ARG F 34 -7.71 -7.47 10.40
N GLY F 35 -7.46 -6.33 11.05
CA GLY F 35 -6.81 -5.22 10.39
C GLY F 35 -5.37 -5.54 10.01
N GLY F 36 -5.19 -6.25 8.90
CA GLY F 36 -3.85 -6.63 8.46
C GLY F 36 -3.08 -5.50 7.81
N PRO F 39 -2.09 -4.90 0.89
CA PRO F 39 -2.94 -4.27 -0.13
C PRO F 39 -4.42 -4.37 0.23
N GLY F 40 -5.16 -3.30 -0.01
CA GLY F 40 -6.58 -3.32 0.24
C GLY F 40 -7.35 -3.96 -0.89
N ILE F 41 -8.64 -4.18 -0.66
CA ILE F 41 -9.54 -4.68 -1.68
C ILE F 41 -10.86 -3.94 -1.56
N VAL F 42 -11.46 -3.62 -2.71
CA VAL F 42 -12.84 -3.16 -2.80
C VAL F 42 -13.56 -4.10 -3.77
N PHE F 43 -14.60 -4.76 -3.28
CA PHE F 43 -15.37 -5.69 -4.09
C PHE F 43 -16.65 -5.00 -4.58
N ALA F 44 -16.90 -5.09 -5.89
CA ALA F 44 -18.19 -4.67 -6.42
C ALA F 44 -19.19 -5.80 -6.31
N PRO F 45 -20.47 -5.49 -6.12
CA PRO F 45 -21.45 -6.54 -5.86
C PRO F 45 -21.81 -7.29 -7.12
N PRO F 46 -22.18 -8.57 -7.00
CA PRO F 46 -22.70 -9.30 -8.16
C PRO F 46 -24.12 -8.88 -8.50
N ALA F 47 -24.68 -9.48 -9.54
CA ALA F 47 -26.10 -9.29 -9.84
C ALA F 47 -26.93 -9.48 -8.58
N GLY F 48 -27.68 -8.44 -8.21
CA GLY F 48 -28.47 -8.42 -6.98
C GLY F 48 -28.02 -7.39 -5.99
N GLY F 49 -26.75 -6.99 -6.04
CA GLY F 49 -26.26 -5.84 -5.30
C GLY F 49 -25.81 -6.11 -3.88
N THR F 50 -25.78 -7.35 -3.43
CA THR F 50 -25.44 -7.65 -2.05
C THR F 50 -23.93 -7.83 -1.89
N VAL F 51 -23.42 -7.45 -0.72
CA VAL F 51 -22.04 -7.72 -0.33
C VAL F 51 -21.93 -8.94 0.57
N LEU F 52 -23.05 -9.57 0.91
CA LEU F 52 -23.04 -10.66 1.88
C LEU F 52 -22.27 -11.88 1.37
N GLY F 53 -22.11 -12.03 0.06
CA GLY F 53 -21.36 -13.15 -0.48
C GLY F 53 -19.86 -13.06 -0.26
N TYR F 54 -19.35 -11.90 0.11
CA TYR F 54 -17.93 -11.70 0.34
C TYR F 54 -17.54 -11.81 1.81
N ILE F 55 -18.51 -12.03 2.70
CA ILE F 55 -18.21 -12.03 4.13
C ILE F 55 -17.23 -13.15 4.48
N GLU F 56 -17.59 -14.39 4.15
CA GLU F 56 -16.72 -15.52 4.48
C GLU F 56 -15.34 -15.34 3.88
N LEU F 57 -15.26 -14.89 2.63
CA LEU F 57 -13.95 -14.72 1.97
C LEU F 57 -13.11 -13.68 2.72
N ALA F 58 -13.73 -12.59 3.15
CA ALA F 58 -12.98 -11.54 3.84
C ALA F 58 -12.42 -12.02 5.17
N ARG F 59 -13.07 -13.00 5.79
CA ARG F 59 -12.59 -13.53 7.07
C ARG F 59 -11.39 -14.45 6.89
N HIS F 60 -11.32 -15.16 5.77
CA HIS F 60 -10.22 -16.10 5.53
C HIS F 60 -9.00 -15.45 4.89
N LEU F 61 -9.11 -14.22 4.40
CA LEU F 61 -7.98 -13.58 3.73
C LEU F 61 -6.96 -13.13 4.75
N LYS F 62 -5.72 -13.59 4.59
CA LYS F 62 -4.63 -13.27 5.51
C LYS F 62 -3.71 -12.17 4.98
N GLY F 63 -3.34 -12.22 3.71
CA GLY F 63 -2.34 -11.29 3.18
C GLY F 63 -2.93 -10.03 2.57
N PHE F 64 -3.93 -9.44 3.25
CA PHE F 64 -4.54 -8.20 2.80
C PHE F 64 -4.83 -7.33 4.00
N GLY F 65 -4.90 -6.02 3.76
CA GLY F 65 -5.24 -5.07 4.79
C GLY F 65 -6.73 -4.78 4.84
N GLU F 66 -7.13 -3.57 4.49
CA GLU F 66 -8.53 -3.21 4.49
C GLU F 66 -9.26 -3.93 3.36
N ILE F 67 -10.48 -4.37 3.65
CA ILE F 67 -11.34 -4.99 2.65
C ILE F 67 -12.73 -4.36 2.77
N HIS F 68 -13.20 -3.77 1.68
CA HIS F 68 -14.53 -3.16 1.65
C HIS F 68 -15.37 -3.78 0.55
N GLY F 69 -16.68 -3.70 0.74
CA GLY F 69 -17.62 -4.05 -0.30
C GLY F 69 -18.69 -2.98 -0.40
N VAL F 70 -19.18 -2.80 -1.63
CA VAL F 70 -20.19 -1.80 -1.92
C VAL F 70 -21.51 -2.53 -2.15
N GLU F 71 -22.51 -2.20 -1.34
CA GLU F 71 -23.85 -2.74 -1.51
C GLU F 71 -24.67 -1.81 -2.38
N ALA F 72 -25.45 -2.41 -3.29
CA ALA F 72 -26.26 -1.62 -4.19
C ALA F 72 -27.29 -0.82 -3.40
N PRO F 73 -27.71 0.34 -3.91
CA PRO F 73 -28.77 1.09 -3.23
C PRO F 73 -30.12 0.42 -3.42
N GLY F 74 -31.01 0.67 -2.46
CA GLY F 74 -32.37 0.18 -2.52
C GLY F 74 -32.61 -1.16 -1.87
N LEU F 75 -31.62 -1.72 -1.17
CA LEU F 75 -31.77 -3.01 -0.51
C LEU F 75 -32.10 -2.88 0.96
N GLY F 76 -31.37 -2.03 1.69
CA GLY F 76 -31.62 -1.90 3.11
C GLY F 76 -33.05 -1.51 3.41
N ALA F 77 -33.47 -1.80 4.64
CA ALA F 77 -34.79 -1.40 5.11
C ALA F 77 -34.83 0.12 5.29
N GLY F 78 -35.97 0.71 4.98
CA GLY F 78 -36.11 2.15 5.03
C GLY F 78 -35.69 2.87 3.76
N GLU F 79 -35.11 2.17 2.80
CA GLU F 79 -34.74 2.74 1.52
C GLU F 79 -35.72 2.28 0.44
N THR F 80 -35.89 3.11 -0.57
CA THR F 80 -36.78 2.77 -1.66
C THR F 80 -36.03 1.91 -2.68
N PRO F 81 -36.55 0.75 -3.07
CA PRO F 81 -35.91 -0.03 -4.14
C PRO F 81 -35.73 0.81 -5.39
N VAL F 82 -34.50 0.80 -5.91
CA VAL F 82 -34.17 1.49 -7.16
C VAL F 82 -33.51 0.49 -8.09
N TYR F 83 -33.51 0.83 -9.38
CA TYR F 83 -33.03 -0.06 -10.43
C TYR F 83 -32.33 0.78 -11.49
N PRO F 84 -31.12 1.24 -11.19
CA PRO F 84 -30.39 2.10 -12.12
C PRO F 84 -29.78 1.30 -13.26
N SER F 85 -29.21 2.04 -14.21
CA SER F 85 -28.52 1.43 -15.34
C SER F 85 -27.12 1.00 -14.95
N PHE F 86 -26.51 0.17 -15.81
CA PHE F 86 -25.16 -0.31 -15.53
C PHE F 86 -24.20 0.86 -15.36
N GLU F 87 -24.30 1.88 -16.21
CA GLU F 87 -23.43 3.04 -16.08
C GLU F 87 -23.71 3.77 -14.78
N GLU F 88 -24.98 3.84 -14.36
CA GLU F 88 -25.31 4.44 -13.08
C GLU F 88 -24.84 3.57 -11.93
N MET F 89 -25.03 2.25 -12.02
CA MET F 89 -24.54 1.36 -10.98
C MET F 89 -23.02 1.47 -10.82
N VAL F 90 -22.30 1.60 -11.95
CA VAL F 90 -20.86 1.81 -11.88
C VAL F 90 -20.55 3.10 -11.14
N GLN F 91 -21.27 4.18 -11.49
CA GLN F 91 -21.02 5.47 -10.86
C GLN F 91 -21.23 5.41 -9.35
N PHE F 92 -22.30 4.72 -8.91
N PHE F 92 -22.29 4.72 -8.91
CA PHE F 92 -22.56 4.60 -7.48
CA PHE F 92 -22.55 4.61 -7.48
C PHE F 92 -21.38 3.94 -6.77
C PHE F 92 -21.37 3.94 -6.77
N CYS F 93 -20.88 2.83 -7.31
CA CYS F 93 -19.77 2.13 -6.67
C CYS F 93 -18.51 2.98 -6.66
N SER F 94 -18.28 3.77 -7.71
CA SER F 94 -17.13 4.66 -7.73
C SER F 94 -17.22 5.69 -6.61
N ASP F 95 -18.35 6.39 -6.52
CA ASP F 95 -18.53 7.38 -5.47
C ASP F 95 -18.48 6.75 -4.09
N SER F 96 -19.12 5.58 -3.94
CA SER F 96 -19.12 4.90 -2.64
C SER F 96 -17.71 4.49 -2.23
N ALA F 97 -16.89 4.05 -3.18
CA ALA F 97 -15.56 3.58 -2.90
C ALA F 97 -14.49 4.66 -3.07
N ALA F 98 -14.89 5.90 -3.35
CA ALA F 98 -13.91 6.95 -3.60
C ALA F 98 -13.04 7.25 -2.38
N GLY F 99 -13.48 6.84 -1.19
CA GLY F 99 -12.75 7.17 0.02
C GLY F 99 -11.68 6.16 0.37
N VAL F 100 -11.79 4.94 -0.15
CA VAL F 100 -10.85 3.87 0.16
C VAL F 100 -10.11 3.36 -1.06
N ALA F 101 -10.56 3.67 -2.27
CA ALA F 101 -9.94 3.15 -3.49
C ALA F 101 -8.81 4.08 -3.90
N GLY F 102 -7.63 3.85 -3.31
CA GLY F 102 -6.45 4.63 -3.61
C GLY F 102 -5.37 3.81 -4.27
N ASP F 103 -4.18 4.41 -4.40
CA ASP F 103 -3.04 3.68 -4.94
C ASP F 103 -2.77 2.42 -4.12
N GLY F 104 -2.40 1.35 -4.80
CA GLY F 104 -2.08 0.09 -4.14
C GLY F 104 -3.27 -0.72 -3.69
N VAL F 105 -4.48 -0.25 -3.91
CA VAL F 105 -5.69 -0.96 -3.51
C VAL F 105 -6.16 -1.84 -4.67
N TYR F 106 -6.51 -3.08 -4.35
CA TYR F 106 -7.07 -3.97 -5.36
C TYR F 106 -8.54 -3.66 -5.58
N ILE F 107 -9.01 -3.92 -6.80
CA ILE F 107 -10.42 -3.83 -7.14
C ILE F 107 -10.83 -5.18 -7.71
N GLY F 108 -11.91 -5.75 -7.18
CA GLY F 108 -12.32 -7.08 -7.61
C GLY F 108 -13.82 -7.22 -7.58
N GLY F 109 -14.27 -8.36 -8.09
CA GLY F 109 -15.69 -8.64 -8.10
C GLY F 109 -16.03 -10.05 -8.53
N HIS F 110 -17.08 -10.59 -7.94
CA HIS F 110 -17.61 -11.90 -8.32
C HIS F 110 -18.77 -11.67 -9.26
N LEU F 112 -21.19 -10.37 -12.04
CA LEU F 112 -21.38 -9.03 -12.60
C LEU F 112 -20.48 -8.01 -11.90
N GLY F 113 -20.19 -8.25 -10.63
CA GLY F 113 -19.28 -7.36 -9.93
C GLY F 113 -17.90 -7.29 -10.55
N GLY F 114 -17.50 -8.33 -11.28
CA GLY F 114 -16.25 -8.26 -12.02
C GLY F 114 -16.29 -7.24 -13.14
N HIS F 115 -17.43 -7.12 -13.82
CA HIS F 115 -17.57 -6.11 -14.86
C HIS F 115 -17.59 -4.72 -14.26
N ILE F 116 -18.30 -4.53 -13.15
CA ILE F 116 -18.26 -3.25 -12.44
C ILE F 116 -16.83 -2.94 -12.03
N ALA F 117 -16.11 -3.95 -11.55
CA ALA F 117 -14.74 -3.76 -11.09
C ALA F 117 -13.84 -3.28 -12.22
N PHE F 118 -14.01 -3.84 -13.41
CA PHE F 118 -13.21 -3.41 -14.57
C PHE F 118 -13.49 -1.95 -14.89
N TYR F 119 -14.77 -1.58 -15.02
CA TYR F 119 -15.12 -0.17 -15.24
C TYR F 119 -14.55 0.71 -14.14
N LEU F 120 -14.81 0.35 -12.88
CA LEU F 120 -14.36 1.19 -11.77
C LEU F 120 -12.85 1.35 -11.77
N ALA F 121 -12.13 0.30 -12.17
CA ALA F 121 -10.68 0.43 -12.29
C ALA F 121 -10.31 1.45 -13.36
N THR F 122 -10.98 1.39 -14.51
CA THR F 122 -10.70 2.35 -15.58
C THR F 122 -10.97 3.77 -15.11
N MET F 123 -12.04 3.97 -14.33
CA MET F 123 -12.38 5.30 -13.86
C MET F 123 -11.36 5.84 -12.88
N LEU F 124 -10.75 4.95 -12.06
CA LEU F 124 -9.73 5.38 -11.14
C LEU F 124 -8.47 5.83 -11.87
N LEU F 125 -8.13 5.14 -12.97
CA LEU F 125 -6.98 5.54 -13.77
C LEU F 125 -7.22 6.90 -14.42
N ASP F 126 -8.44 7.15 -14.90
CA ASP F 126 -8.79 8.45 -15.46
C ASP F 126 -8.76 9.57 -14.44
N ARG F 127 -8.67 9.24 -13.15
CA ARG F 127 -8.57 10.24 -12.09
C ARG F 127 -7.20 10.24 -11.43
N GLY F 128 -6.20 9.63 -12.06
CA GLY F 128 -4.85 9.64 -11.55
C GLY F 128 -4.54 8.62 -10.47
N ILE F 129 -5.45 7.68 -10.23
CA ILE F 129 -5.28 6.66 -9.22
C ILE F 129 -4.86 5.36 -9.91
N ARG F 130 -3.85 4.70 -9.36
CA ARG F 130 -3.28 3.48 -9.94
C ARG F 130 -3.60 2.30 -9.03
N PRO F 131 -4.72 1.59 -9.24
CA PRO F 131 -4.97 0.39 -8.44
C PRO F 131 -3.88 -0.65 -8.67
N LYS F 132 -3.67 -1.50 -7.67
CA LYS F 132 -2.63 -2.52 -7.78
C LYS F 132 -3.01 -3.60 -8.78
N GLY F 133 -4.30 -3.84 -8.98
CA GLY F 133 -4.73 -4.84 -9.92
C GLY F 133 -6.22 -5.01 -9.90
N LEU F 134 -6.69 -5.87 -10.80
CA LEU F 134 -8.10 -6.23 -10.90
C LEU F 134 -8.24 -7.71 -10.58
N ILE F 135 -9.20 -8.04 -9.72
CA ILE F 135 -9.43 -9.42 -9.29
C ILE F 135 -10.81 -9.84 -9.78
N ILE F 136 -10.84 -10.68 -10.81
CA ILE F 136 -12.08 -11.23 -11.35
C ILE F 136 -12.30 -12.60 -10.75
N LEU F 137 -13.50 -12.83 -10.22
CA LEU F 137 -13.83 -14.08 -9.55
C LEU F 137 -14.82 -14.87 -10.42
N ASP F 138 -14.27 -15.81 -11.21
CA ASP F 138 -15.05 -16.79 -11.97
C ASP F 138 -16.09 -16.13 -12.87
N THR F 139 -15.64 -15.19 -13.69
CA THR F 139 -16.54 -14.53 -14.64
C THR F 139 -15.81 -14.25 -15.95
N PRO F 140 -16.38 -14.63 -17.09
CA PRO F 140 -15.80 -14.22 -18.37
C PRO F 140 -16.16 -12.77 -18.68
N PRO F 141 -15.50 -12.15 -19.64
CA PRO F 141 -15.74 -10.72 -19.91
C PRO F 141 -17.06 -10.45 -20.62
N ARG F 142 -17.77 -11.48 -21.09
CA ARG F 142 -19.06 -11.32 -21.75
C ARG F 142 -20.04 -12.31 -21.16
N LEU F 143 -20.98 -11.81 -20.35
CA LEU F 143 -21.95 -12.65 -19.66
C LEU F 143 -22.87 -13.36 -20.65
N GLU F 156 -34.70 -26.71 -15.20
CA GLU F 156 -35.85 -25.81 -15.20
C GLU F 156 -35.42 -24.39 -14.81
N GLU F 157 -34.94 -24.24 -13.58
CA GLU F 157 -34.43 -22.95 -13.15
C GLU F 157 -33.29 -22.47 -14.03
N THR F 158 -32.50 -23.42 -14.56
CA THR F 158 -31.43 -23.04 -15.49
C THR F 158 -31.98 -22.35 -16.72
N LYS F 159 -33.15 -22.79 -17.20
CA LYS F 159 -33.78 -22.13 -18.34
C LYS F 159 -34.13 -20.67 -18.04
N VAL F 160 -34.25 -20.30 -16.76
CA VAL F 160 -34.57 -18.91 -16.42
C VAL F 160 -33.37 -18.02 -16.65
N PHE F 161 -32.19 -18.44 -16.19
CA PHE F 161 -30.98 -17.65 -16.37
C PHE F 161 -30.69 -17.42 -17.86
N ILE F 162 -30.63 -18.50 -18.64
CA ILE F 162 -30.22 -18.40 -20.04
C ILE F 162 -31.17 -17.50 -20.82
N LEU F 163 -32.46 -17.52 -20.48
CA LEU F 163 -33.45 -16.80 -21.28
C LEU F 163 -33.59 -15.34 -20.89
N ALA F 164 -33.10 -14.94 -19.72
CA ALA F 164 -33.28 -13.57 -19.23
C ALA F 164 -32.05 -12.71 -19.35
N MET F 165 -30.88 -13.29 -19.63
CA MET F 165 -29.63 -12.53 -19.59
C MET F 165 -29.50 -11.49 -20.71
N GLY F 166 -30.48 -11.21 -21.58
CA GLY F 166 -30.26 -10.23 -22.62
C GLY F 166 -31.52 -9.54 -23.12
N ILE F 167 -32.63 -9.71 -22.39
CA ILE F 167 -33.88 -9.09 -22.80
C ILE F 167 -33.76 -7.57 -22.79
N GLY F 168 -32.97 -7.02 -21.88
CA GLY F 168 -32.83 -5.58 -21.76
C GLY F 168 -33.53 -5.06 -20.53
N GLY F 169 -34.80 -5.39 -20.37
CA GLY F 169 -35.56 -5.06 -19.18
C GLY F 169 -36.47 -3.87 -19.31
N MET F 170 -36.40 -3.12 -20.40
CA MET F 170 -37.24 -1.94 -20.56
C MET F 170 -38.70 -2.35 -20.72
N LEU F 171 -39.60 -1.59 -20.09
CA LEU F 171 -41.01 -1.95 -20.08
C LEU F 171 -41.62 -1.88 -21.47
N ASP F 172 -41.15 -0.98 -22.33
CA ASP F 172 -41.69 -0.83 -23.68
C ASP F 172 -40.81 -1.49 -24.73
N GLN F 173 -39.50 -1.20 -24.72
CA GLN F 173 -38.60 -1.76 -25.73
C GLN F 173 -38.60 -3.28 -25.68
N ASP F 174 -38.21 -3.85 -24.55
CA ASP F 174 -38.08 -5.30 -24.43
C ASP F 174 -39.40 -5.94 -24.02
N ARG F 175 -40.53 -5.36 -24.45
CA ARG F 175 -41.83 -5.82 -23.99
C ARG F 175 -42.10 -7.25 -24.45
N ASP F 176 -41.94 -7.53 -25.75
CA ASP F 176 -42.31 -8.84 -26.28
C ASP F 176 -41.53 -9.97 -25.62
N ALA F 177 -40.30 -9.70 -25.15
CA ALA F 177 -39.52 -10.73 -24.49
C ALA F 177 -39.90 -10.89 -23.03
N LEU F 178 -40.26 -9.79 -22.36
CA LEU F 178 -40.71 -9.88 -20.98
C LEU F 178 -41.97 -10.73 -20.86
N LYS F 179 -42.76 -10.82 -21.94
CA LYS F 179 -43.99 -11.59 -21.93
C LYS F 179 -43.78 -13.04 -22.36
N ASP F 180 -42.82 -13.30 -23.25
CA ASP F 180 -42.58 -14.65 -23.70
C ASP F 180 -41.94 -15.54 -22.64
N LEU F 181 -41.48 -14.95 -21.51
CA LEU F 181 -40.79 -15.75 -20.51
C LEU F 181 -41.74 -16.67 -19.76
N PRO F 182 -42.76 -16.17 -19.02
CA PRO F 182 -43.06 -14.76 -18.71
C PRO F 182 -42.26 -14.27 -17.50
N TYR F 183 -42.02 -12.97 -17.44
CA TYR F 183 -41.09 -12.40 -16.46
C TYR F 183 -41.40 -12.91 -15.06
N GLU F 184 -42.60 -12.62 -14.55
CA GLU F 184 -42.90 -12.91 -13.16
C GLU F 184 -42.84 -14.40 -12.84
N GLU F 185 -42.99 -15.27 -13.84
CA GLU F 185 -42.85 -16.70 -13.60
C GLU F 185 -41.40 -17.10 -13.40
N ALA F 186 -40.47 -16.41 -14.06
CA ALA F 186 -39.05 -16.69 -13.87
C ALA F 186 -38.55 -16.17 -12.54
N LYS F 187 -39.01 -14.99 -12.12
CA LYS F 187 -38.64 -14.47 -10.81
C LYS F 187 -39.10 -15.41 -9.71
N GLN F 188 -40.29 -16.01 -9.88
CA GLN F 188 -40.79 -16.93 -8.87
C GLN F 188 -39.93 -18.19 -8.80
N LEU F 189 -39.43 -18.65 -9.95
CA LEU F 189 -38.53 -19.81 -9.94
C LEU F 189 -37.31 -19.52 -9.06
N LEU F 190 -36.68 -18.36 -9.26
CA LEU F 190 -35.57 -17.98 -8.41
C LEU F 190 -36.03 -17.77 -6.97
N LEU F 191 -37.21 -17.17 -6.78
CA LEU F 191 -37.73 -16.96 -5.43
C LEU F 191 -38.03 -18.29 -4.74
N ASP F 192 -38.61 -19.24 -5.47
CA ASP F 192 -38.83 -20.57 -4.90
C ASP F 192 -37.51 -21.27 -4.60
N ARG F 193 -36.55 -21.20 -5.53
CA ARG F 193 -35.27 -21.87 -5.33
C ARG F 193 -34.56 -21.36 -4.08
N ALA F 194 -34.70 -20.07 -3.77
CA ALA F 194 -34.02 -19.52 -2.61
C ALA F 194 -34.71 -19.94 -1.31
N LYS F 195 -36.04 -19.91 -1.28
CA LYS F 195 -36.75 -20.21 -0.05
C LYS F 195 -36.56 -21.66 0.38
N ASN F 196 -36.37 -22.58 -0.57
CA ASN F 196 -36.20 -23.98 -0.21
C ASN F 196 -35.03 -24.20 0.73
N ASP F 197 -34.05 -23.29 0.74
CA ASP F 197 -32.91 -23.41 1.62
C ASP F 197 -33.30 -23.03 3.04
N PRO F 198 -33.08 -23.90 4.04
CA PRO F 198 -33.49 -23.55 5.41
C PRO F 198 -32.83 -22.29 5.95
N ARG F 199 -31.57 -22.04 5.60
CA ARG F 199 -30.88 -20.86 6.12
C ARG F 199 -31.57 -19.58 5.66
N VAL F 200 -32.07 -19.57 4.42
CA VAL F 200 -32.81 -18.42 3.92
C VAL F 200 -34.12 -18.25 4.68
N SER F 201 -34.94 -19.31 4.70
CA SER F 201 -36.24 -19.23 5.36
C SER F 201 -36.09 -18.83 6.83
N ALA F 202 -35.09 -19.38 7.51
CA ALA F 202 -34.98 -19.20 8.95
C ALA F 202 -34.38 -17.86 9.34
N PHE F 203 -33.44 -17.33 8.55
CA PHE F 203 -32.64 -16.18 8.98
C PHE F 203 -32.73 -14.97 8.06
N LEU F 204 -33.07 -15.14 6.78
CA LEU F 204 -33.00 -14.05 5.82
C LEU F 204 -34.34 -13.33 5.72
N SER F 205 -34.31 -12.01 5.84
CA SER F 205 -35.52 -11.20 5.71
C SER F 205 -36.13 -11.41 4.32
N GLU F 206 -37.43 -11.74 4.29
CA GLU F 206 -38.11 -11.87 3.01
C GLU F 206 -38.11 -10.55 2.25
N ASP F 207 -38.08 -9.43 2.96
CA ASP F 207 -38.01 -8.13 2.28
C ASP F 207 -36.67 -7.95 1.59
N TYR F 208 -35.58 -8.28 2.27
CA TYR F 208 -34.27 -8.23 1.63
C TYR F 208 -34.20 -9.17 0.45
N LEU F 209 -34.83 -10.34 0.56
CA LEU F 209 -34.80 -11.31 -0.52
C LEU F 209 -35.51 -10.79 -1.76
N ASP F 210 -36.67 -10.16 -1.59
CA ASP F 210 -37.43 -9.66 -2.72
C ASP F 210 -36.66 -8.55 -3.44
N ARG F 211 -36.19 -7.56 -2.68
CA ARG F 211 -35.39 -6.50 -3.28
C ARG F 211 -34.19 -7.08 -4.02
N PHE F 212 -33.55 -8.10 -3.43
CA PHE F 212 -32.38 -8.71 -4.04
C PHE F 212 -32.75 -9.42 -5.34
N LEU F 213 -33.79 -10.26 -5.32
CA LEU F 213 -34.16 -11.02 -6.51
C LEU F 213 -34.67 -10.09 -7.61
N ARG F 214 -35.40 -9.03 -7.25
CA ARG F 214 -35.85 -8.08 -8.26
C ARG F 214 -34.66 -7.37 -8.88
N LEU F 215 -33.80 -6.79 -8.05
CA LEU F 215 -32.61 -6.11 -8.57
C LEU F 215 -31.74 -7.07 -9.36
N GLN F 216 -31.74 -8.36 -9.00
CA GLN F 216 -30.93 -9.32 -9.74
C GLN F 216 -31.50 -9.56 -11.13
N MET F 217 -32.81 -9.79 -11.22
CA MET F 217 -33.46 -9.86 -12.53
C MET F 217 -33.14 -8.62 -13.35
N HIS F 218 -33.24 -7.44 -12.73
CA HIS F 218 -32.96 -6.21 -13.45
C HIS F 218 -31.57 -6.21 -14.06
N GLN F 219 -30.56 -6.60 -13.28
CA GLN F 219 -29.20 -6.61 -13.79
C GLN F 219 -28.95 -7.78 -14.73
N LEU F 220 -29.67 -8.88 -14.58
CA LEU F 220 -29.58 -9.96 -15.56
C LEU F 220 -30.02 -9.49 -16.94
N MET F 221 -31.08 -8.68 -17.01
CA MET F 221 -31.69 -8.36 -18.29
C MET F 221 -30.86 -7.38 -19.12
N TYR F 222 -29.99 -6.59 -18.50
CA TYR F 222 -29.07 -5.74 -19.26
C TYR F 222 -27.65 -6.30 -19.29
N SER F 223 -27.45 -7.53 -18.81
CA SER F 223 -26.12 -8.09 -18.77
C SER F 223 -25.56 -8.33 -20.17
N ARG F 224 -26.41 -8.69 -21.13
CA ARG F 224 -25.94 -8.89 -22.49
C ARG F 224 -25.45 -7.58 -23.12
N ASP F 225 -26.05 -6.46 -22.74
CA ASP F 225 -25.71 -5.17 -23.32
C ASP F 225 -24.44 -4.56 -22.74
N VAL F 226 -23.79 -5.22 -21.78
CA VAL F 226 -22.59 -4.67 -21.17
C VAL F 226 -21.42 -4.86 -22.12
N VAL F 227 -20.62 -3.80 -22.28
CA VAL F 227 -19.46 -3.81 -23.16
C VAL F 227 -18.33 -3.10 -22.41
N LEU F 228 -17.34 -3.86 -21.96
CA LEU F 228 -16.21 -3.29 -21.23
C LEU F 228 -15.62 -2.14 -22.03
N PRO F 229 -15.05 -1.13 -21.37
CA PRO F 229 -14.52 0.02 -22.11
C PRO F 229 -13.49 -0.41 -23.15
N GLN F 230 -13.29 0.46 -24.14
CA GLN F 230 -12.44 0.12 -25.27
C GLN F 230 -10.98 -0.08 -24.85
N ARG F 231 -10.47 0.81 -24.00
CA ARG F 231 -9.07 0.74 -23.62
C ARG F 231 -8.75 -0.56 -22.91
N LYS F 232 -7.64 -1.18 -23.30
CA LYS F 232 -7.13 -2.33 -22.56
C LYS F 232 -6.54 -1.85 -21.24
N LEU F 233 -6.87 -2.54 -20.16
CA LEU F 233 -6.49 -2.10 -18.82
C LEU F 233 -4.98 -2.21 -18.62
N ASP F 234 -4.40 -1.15 -18.04
CA ASP F 234 -2.95 -1.07 -17.84
C ASP F 234 -2.55 -1.42 -16.41
N ILE F 235 -3.28 -2.34 -15.77
CA ILE F 235 -2.85 -2.89 -14.49
C ILE F 235 -3.00 -4.40 -14.57
N PRO F 236 -2.28 -5.13 -13.72
CA PRO F 236 -2.38 -6.59 -13.76
C PRO F 236 -3.82 -7.05 -13.47
N ILE F 237 -4.23 -8.09 -14.18
CA ILE F 237 -5.53 -8.72 -13.98
C ILE F 237 -5.31 -10.13 -13.43
N HIS F 238 -6.16 -10.53 -12.49
CA HIS F 238 -6.10 -11.87 -11.90
C HIS F 238 -7.48 -12.50 -12.01
N VAL F 239 -7.61 -13.46 -12.92
CA VAL F 239 -8.87 -14.16 -13.16
C VAL F 239 -8.81 -15.50 -12.43
N PHE F 240 -9.63 -15.64 -11.39
CA PHE F 240 -9.78 -16.89 -10.67
C PHE F 240 -11.02 -17.60 -11.21
N ARG F 241 -10.82 -18.73 -11.88
CA ARG F 241 -11.89 -19.45 -12.56
C ARG F 241 -12.02 -20.86 -12.02
N THR F 242 -13.26 -21.35 -11.99
CA THR F 242 -13.55 -22.69 -11.50
C THR F 242 -13.38 -23.71 -12.62
N LYS F 243 -13.25 -24.98 -12.22
CA LYS F 243 -12.90 -26.06 -13.13
C LYS F 243 -14.11 -26.88 -13.59
N ASN F 244 -15.32 -26.50 -13.19
CA ASN F 244 -16.52 -27.27 -13.49
C ASN F 244 -17.40 -26.54 -14.50
N HIS F 245 -16.79 -25.88 -15.48
CA HIS F 245 -17.49 -25.29 -16.60
C HIS F 245 -17.33 -26.16 -17.84
N ALA F 246 -18.26 -25.99 -18.78
CA ALA F 246 -18.18 -26.74 -20.02
C ALA F 246 -17.07 -26.18 -20.90
N PRO F 247 -16.43 -27.01 -21.72
CA PRO F 247 -15.32 -26.52 -22.55
C PRO F 247 -15.67 -25.28 -23.36
N GLU F 248 -16.91 -25.15 -23.81
CA GLU F 248 -17.32 -23.95 -24.53
C GLU F 248 -17.52 -22.76 -23.61
N VAL F 249 -17.80 -23.00 -22.33
CA VAL F 249 -17.91 -21.91 -21.36
C VAL F 249 -16.56 -21.57 -20.76
N ALA F 250 -15.77 -22.59 -20.41
CA ALA F 250 -14.42 -22.33 -19.92
C ALA F 250 -13.58 -21.59 -20.96
N ARG F 251 -13.90 -21.77 -22.23
CA ARG F 251 -13.17 -21.05 -23.28
C ARG F 251 -13.45 -19.56 -23.23
N LEU F 252 -14.66 -19.17 -22.80
CA LEU F 252 -14.98 -17.75 -22.70
C LEU F 252 -14.01 -17.00 -21.80
N PHE F 253 -13.46 -17.67 -20.79
CA PHE F 253 -12.62 -16.97 -19.82
C PHE F 253 -11.33 -16.48 -20.43
N SER F 254 -10.86 -17.11 -21.51
CA SER F 254 -9.60 -16.71 -22.13
C SER F 254 -9.70 -15.36 -22.82
N ALA F 255 -10.91 -14.84 -23.03
CA ALA F 255 -11.08 -13.55 -23.67
C ALA F 255 -10.59 -12.38 -22.83
N TRP F 256 -10.27 -12.61 -21.55
CA TRP F 256 -9.83 -11.53 -20.69
C TRP F 256 -8.50 -10.93 -21.17
N GLU F 257 -7.65 -11.74 -21.83
CA GLU F 257 -6.39 -11.21 -22.32
C GLU F 257 -6.59 -10.16 -23.41
N ASN F 258 -7.73 -10.19 -24.11
CA ASN F 258 -8.03 -9.16 -25.09
C ASN F 258 -8.34 -7.82 -24.41
N TYR F 259 -8.61 -7.82 -23.12
CA TYR F 259 -8.85 -6.61 -22.36
C TYR F 259 -7.69 -6.26 -21.44
N ALA F 260 -6.60 -7.02 -21.46
CA ALA F 260 -5.44 -6.79 -20.62
C ALA F 260 -4.32 -6.23 -21.48
N ALA F 261 -3.79 -5.06 -21.08
CA ALA F 261 -2.72 -4.43 -21.83
C ALA F 261 -1.36 -5.03 -21.50
N GLY F 262 -1.22 -5.62 -20.31
CA GLY F 262 0.03 -6.26 -19.92
C GLY F 262 -0.19 -7.61 -19.30
N GLU F 263 0.01 -7.68 -17.98
CA GLU F 263 -0.10 -8.94 -17.27
C GLU F 263 -1.55 -9.35 -17.07
N VAL F 264 -1.82 -10.63 -17.29
CA VAL F 264 -3.09 -11.25 -16.91
C VAL F 264 -2.79 -12.70 -16.51
N THR F 265 -3.23 -13.09 -15.32
CA THR F 265 -2.95 -14.40 -14.78
C THR F 265 -4.25 -15.16 -14.53
N PHE F 266 -4.30 -16.42 -14.96
CA PHE F 266 -5.45 -17.28 -14.78
C PHE F 266 -5.11 -18.35 -13.75
N VAL F 267 -5.94 -18.44 -12.71
CA VAL F 267 -5.71 -19.35 -11.59
C VAL F 267 -6.95 -20.21 -11.39
N ASP F 268 -6.76 -21.53 -11.36
CA ASP F 268 -7.86 -22.45 -11.07
C ASP F 268 -8.21 -22.41 -9.59
N ILE F 269 -9.50 -22.54 -9.29
CA ILE F 269 -9.98 -22.59 -7.92
C ILE F 269 -11.06 -23.66 -7.79
N PRO F 270 -11.24 -24.19 -6.59
CA PRO F 270 -12.25 -25.23 -6.38
C PRO F 270 -13.65 -24.64 -6.34
N GLY F 271 -14.63 -25.55 -6.28
CA GLY F 271 -16.02 -25.16 -6.24
C GLY F 271 -16.57 -24.83 -7.62
N ASP F 272 -17.82 -24.38 -7.63
CA ASP F 272 -18.46 -23.87 -8.83
C ASP F 272 -18.72 -22.38 -8.64
N HIS F 273 -19.47 -21.79 -9.58
CA HIS F 273 -19.68 -20.35 -9.54
C HIS F 273 -20.19 -19.89 -8.18
N ALA F 274 -21.01 -20.70 -7.51
CA ALA F 274 -21.62 -20.33 -6.24
C ALA F 274 -20.84 -20.84 -5.04
N THR F 275 -20.66 -22.16 -4.93
CA THR F 275 -19.99 -22.72 -3.75
C THR F 275 -18.56 -22.24 -3.61
N MET F 276 -17.98 -21.60 -4.62
CA MET F 276 -16.61 -21.13 -4.51
C MET F 276 -16.46 -20.13 -3.36
N LEU F 277 -17.52 -19.40 -3.03
CA LEU F 277 -17.48 -18.40 -1.97
C LEU F 277 -17.94 -18.96 -0.62
N ARG F 278 -18.06 -20.27 -0.50
CA ARG F 278 -18.47 -20.91 0.74
C ARG F 278 -17.42 -21.93 1.15
N ALA F 279 -17.39 -22.23 2.45
CA ALA F 279 -16.53 -23.28 2.94
C ALA F 279 -17.02 -24.64 2.45
N PRO F 280 -16.12 -25.62 2.27
CA PRO F 280 -14.68 -25.56 2.53
C PRO F 280 -13.87 -24.90 1.41
N HIS F 281 -14.55 -24.54 0.31
CA HIS F 281 -13.85 -24.01 -0.84
C HIS F 281 -13.32 -22.61 -0.60
N VAL F 282 -14.08 -21.78 0.12
CA VAL F 282 -13.70 -20.38 0.31
C VAL F 282 -12.31 -20.28 0.91
N SER F 283 -11.95 -21.22 1.78
CA SER F 283 -10.61 -21.20 2.38
C SER F 283 -9.54 -21.38 1.31
N GLU F 284 -9.79 -22.26 0.33
CA GLU F 284 -8.83 -22.45 -0.75
C GLU F 284 -8.79 -21.22 -1.66
N VAL F 285 -9.95 -20.61 -1.93
CA VAL F 285 -9.97 -19.40 -2.75
C VAL F 285 -9.17 -18.30 -2.07
N ALA F 286 -9.41 -18.09 -0.78
CA ALA F 286 -8.72 -17.01 -0.06
C ALA F 286 -7.21 -17.21 -0.11
N GLN F 287 -6.74 -18.45 0.11
CA GLN F 287 -5.30 -18.69 0.15
C GLN F 287 -4.66 -18.39 -1.20
N LEU F 288 -5.32 -18.78 -2.30
CA LEU F 288 -4.80 -18.46 -3.62
C LEU F 288 -4.78 -16.94 -3.84
N LEU F 289 -5.80 -16.23 -3.35
CA LEU F 289 -5.78 -14.78 -3.41
C LEU F 289 -4.61 -14.23 -2.60
N ASP F 290 -4.30 -14.83 -1.46
CA ASP F 290 -3.19 -14.37 -0.64
C ASP F 290 -1.85 -14.59 -1.34
N ARG F 291 -1.70 -15.73 -2.03
CA ARG F 291 -0.42 -16.10 -2.62
C ARG F 291 -0.19 -15.48 -3.99
N HIS F 292 -1.25 -15.21 -4.74
CA HIS F 292 -1.09 -14.61 -6.07
C HIS F 292 -1.21 -13.10 -6.06
N CYS F 293 -1.85 -12.53 -5.04
CA CYS F 293 -2.12 -11.10 -5.02
C CYS F 293 -1.76 -10.43 -3.71
N GLY F 294 -1.97 -11.10 -2.57
CA GLY F 294 -1.63 -10.55 -1.28
C GLY F 294 -0.14 -10.68 -0.98
N LEU F 295 0.17 -10.54 0.30
CA LEU F 295 1.55 -10.65 0.77
C LEU F 295 1.98 -12.11 0.90
N VAL G 4 19.11 -2.68 23.87
CA VAL G 4 18.53 -3.42 24.97
C VAL G 4 18.16 -2.39 26.05
N VAL H 4 13.39 -34.86 -9.14
CA VAL H 4 13.34 -33.40 -9.19
C VAL H 4 13.18 -32.92 -10.63
N VAL I 4 30.55 17.83 -7.06
CA VAL I 4 29.83 17.37 -8.24
C VAL I 4 28.75 16.36 -7.86
N VAL J 4 -12.29 27.92 -18.39
CA VAL J 4 -12.21 26.48 -18.52
C VAL J 4 -11.41 26.15 -19.77
N VAL K 4 -23.97 4.21 23.20
CA VAL K 4 -23.60 4.89 24.43
C VAL K 4 -23.31 3.83 25.51
N VAL L 4 -24.49 -15.31 -11.45
CA VAL L 4 -24.13 -14.28 -12.41
C VAL L 4 -23.34 -13.18 -11.70
#